data_3F27
# 
_entry.id   3F27 
# 
_audit_conform.dict_name       mmcif_pdbx.dic 
_audit_conform.dict_version    5.381 
_audit_conform.dict_location   http://mmcif.pdb.org/dictionaries/ascii/mmcif_pdbx.dic 
# 
loop_
_database_2.database_id 
_database_2.database_code 
_database_2.pdbx_database_accession 
_database_2.pdbx_DOI 
PDB   3F27         pdb_00003f27 10.2210/pdb3f27/pdb 
NDB   PD1194       ?            ?                   
RCSB  RCSB050053   ?            ?                   
WWPDB D_1000050053 ?            ?                   
# 
_pdbx_database_status.entry_id                        3F27 
_pdbx_database_status.deposit_site                    RCSB 
_pdbx_database_status.process_site                    PDBJ 
_pdbx_database_status.recvd_initial_deposition_date   2008-10-29 
_pdbx_database_status.status_code                     REL 
_pdbx_database_status.status_code_sf                  REL 
_pdbx_database_status.status_code_mr                  ? 
_pdbx_database_status.SG_entry                        ? 
_pdbx_database_status.pdb_format_compatible           Y 
_pdbx_database_status.status_code_cs                  ? 
_pdbx_database_status.status_code_nmr_data            ? 
_pdbx_database_status.methods_development_category    ? 
# 
loop_
_audit_author.name 
_audit_author.pdbx_ordinal 
'Palasingam, P.' 1 
'Jauch, R.'      2 
'Ng, C.K.L.'     3 
'Kolatkar, P.R.' 4 
# 
_citation.id                        primary 
_citation.title                     
'The Structure of Sox17 Bound to DNA Reveals a Conserved Bending Topology but Selective Protein Interaction Platforms' 
_citation.journal_abbrev            J.Mol.Biol. 
_citation.journal_volume            388 
_citation.page_first                619 
_citation.page_last                 630 
_citation.year                      2009 
_citation.journal_id_ASTM           JMOBAK 
_citation.country                   UK 
_citation.journal_id_ISSN           0022-2836 
_citation.journal_id_CSD            0070 
_citation.book_publisher            ? 
_citation.pdbx_database_id_PubMed   19328208 
_citation.pdbx_database_id_DOI      10.1016/j.jmb.2009.03.055 
# 
loop_
_citation_author.citation_id 
_citation_author.name 
_citation_author.ordinal 
_citation_author.identifier_ORCID 
primary 'Palasingam, P.' 1 ? 
primary 'Jauch, R.'      2 ? 
primary 'Ng, C.K.L.'     3 ? 
primary 'Kolatkar, P.R.' 4 ? 
# 
_cell.length_a           68.753 
_cell.length_b           68.753 
_cell.length_c           66.329 
_cell.angle_alpha        90.000 
_cell.angle_beta         90.000 
_cell.angle_gamma        120.000 
_cell.entry_id           3F27 
_cell.pdbx_unique_axis   ? 
_cell.Z_PDB              6 
_cell.length_a_esd       ? 
_cell.length_b_esd       ? 
_cell.length_c_esd       ? 
_cell.angle_alpha_esd    ? 
_cell.angle_beta_esd     ? 
_cell.angle_gamma_esd    ? 
# 
_symmetry.space_group_name_H-M             'P 32 2 1' 
_symmetry.entry_id                         3F27 
_symmetry.pdbx_full_space_group_name_H-M   ? 
_symmetry.Int_Tables_number                154 
_symmetry.cell_setting                     ? 
_symmetry.space_group_name_Hall            ? 
# 
loop_
_entity.id 
_entity.type 
_entity.src_method 
_entity.pdbx_description 
_entity.formula_weight 
_entity.pdbx_number_of_molecules 
_entity.pdbx_ec 
_entity.pdbx_mutation 
_entity.pdbx_fragment 
_entity.details 
1 polymer syn 
;DNA (5'-D(*DGP*DTP*DCP*DTP*DCP*DTP*DAP*DTP*DTP*DGP*DTP*DCP*DCP*DTP*DGP*DG)-3')
;
4871.149  1 ? ? ?                          Lama1 
2 polymer syn 
;DNA (5'-D(*DCP*DCP*DAP*DGP*DGP*DAP*DCP*DAP*DAP*DTP*DAP*DGP*DAP*DGP*DAP*DC)-3')
;
4925.233  1 ? ? ?                          Lama1 
3 polymer man 'Transcription factor SOX-17'                                                    10084.687 1 ? ? 
'HMG box, residues 66-144' ?     
# 
loop_
_entity_poly.entity_id 
_entity_poly.type 
_entity_poly.nstd_linkage 
_entity_poly.nstd_monomer 
_entity_poly.pdbx_seq_one_letter_code 
_entity_poly.pdbx_seq_one_letter_code_can 
_entity_poly.pdbx_strand_id 
_entity_poly.pdbx_target_identifier 
1 polydeoxyribonucleotide no no '(DG)(DT)(DC)(DT)(DC)(DT)(DA)(DT)(DT)(DG)(DT)(DC)(DC)(DT)(DG)(DG)'                     
GTCTCTATTGTCCTGG                                                                       A ? 
2 polydeoxyribonucleotide no no '(DC)(DC)(DA)(DG)(DG)(DA)(DC)(DA)(DA)(DT)(DA)(DG)(DA)(DG)(DA)(DC)'                     
CCAGGACAATAGAGAC                                                                       B ? 
3 'polypeptide(L)'        no no 
;GSFTSRIRRPMNAFMVWAKDERKRLAQQNPDLHNAELSKMLGKSWKALTLAEKRPFVEEAERLRVQHMQDHPNYKYRPRR
RKQ
;
;GSFTSRIRRPMNAFMVWAKDERKRLAQQNPDLHNAELSKMLGKSWKALTLAEKRPFVEEAERLRVQHMQDHPNYKYRPRR
RKQ
;
D ? 
# 
loop_
_entity_poly_seq.entity_id 
_entity_poly_seq.num 
_entity_poly_seq.mon_id 
_entity_poly_seq.hetero 
1 1  DG  n 
1 2  DT  n 
1 3  DC  n 
1 4  DT  n 
1 5  DC  n 
1 6  DT  n 
1 7  DA  n 
1 8  DT  n 
1 9  DT  n 
1 10 DG  n 
1 11 DT  n 
1 12 DC  n 
1 13 DC  n 
1 14 DT  n 
1 15 DG  n 
1 16 DG  n 
2 1  DC  n 
2 2  DC  n 
2 3  DA  n 
2 4  DG  n 
2 5  DG  n 
2 6  DA  n 
2 7  DC  n 
2 8  DA  n 
2 9  DA  n 
2 10 DT  n 
2 11 DA  n 
2 12 DG  n 
2 13 DA  n 
2 14 DG  n 
2 15 DA  n 
2 16 DC  n 
3 1  GLY n 
3 2  SER n 
3 3  PHE n 
3 4  THR n 
3 5  SER n 
3 6  ARG n 
3 7  ILE n 
3 8  ARG n 
3 9  ARG n 
3 10 PRO n 
3 11 MET n 
3 12 ASN n 
3 13 ALA n 
3 14 PHE n 
3 15 MET n 
3 16 VAL n 
3 17 TRP n 
3 18 ALA n 
3 19 LYS n 
3 20 ASP n 
3 21 GLU n 
3 22 ARG n 
3 23 LYS n 
3 24 ARG n 
3 25 LEU n 
3 26 ALA n 
3 27 GLN n 
3 28 GLN n 
3 29 ASN n 
3 30 PRO n 
3 31 ASP n 
3 32 LEU n 
3 33 HIS n 
3 34 ASN n 
3 35 ALA n 
3 36 GLU n 
3 37 LEU n 
3 38 SER n 
3 39 LYS n 
3 40 MET n 
3 41 LEU n 
3 42 GLY n 
3 43 LYS n 
3 44 SER n 
3 45 TRP n 
3 46 LYS n 
3 47 ALA n 
3 48 LEU n 
3 49 THR n 
3 50 LEU n 
3 51 ALA n 
3 52 GLU n 
3 53 LYS n 
3 54 ARG n 
3 55 PRO n 
3 56 PHE n 
3 57 VAL n 
3 58 GLU n 
3 59 GLU n 
3 60 ALA n 
3 61 GLU n 
3 62 ARG n 
3 63 LEU n 
3 64 ARG n 
3 65 VAL n 
3 66 GLN n 
3 67 HIS n 
3 68 MET n 
3 69 GLN n 
3 70 ASP n 
3 71 HIS n 
3 72 PRO n 
3 73 ASN n 
3 74 TYR n 
3 75 LYS n 
3 76 TYR n 
3 77 ARG n 
3 78 PRO n 
3 79 ARG n 
3 80 ARG n 
3 81 ARG n 
3 82 LYS n 
3 83 GLN n 
# 
_entity_src_gen.entity_id                          3 
_entity_src_gen.pdbx_src_id                        1 
_entity_src_gen.pdbx_alt_source_flag               sample 
_entity_src_gen.pdbx_seq_type                      ? 
_entity_src_gen.pdbx_beg_seq_num                   ? 
_entity_src_gen.pdbx_end_seq_num                   ? 
_entity_src_gen.gene_src_common_name               mouse 
_entity_src_gen.gene_src_genus                     ? 
_entity_src_gen.pdbx_gene_src_gene                 'Sox-17, Sox17' 
_entity_src_gen.gene_src_species                   ? 
_entity_src_gen.gene_src_strain                    ? 
_entity_src_gen.gene_src_tissue                    ? 
_entity_src_gen.gene_src_tissue_fraction           ? 
_entity_src_gen.gene_src_details                   ? 
_entity_src_gen.pdbx_gene_src_fragment             ? 
_entity_src_gen.pdbx_gene_src_scientific_name      'Mus musculus' 
_entity_src_gen.pdbx_gene_src_ncbi_taxonomy_id     10090 
_entity_src_gen.pdbx_gene_src_variant              ? 
_entity_src_gen.pdbx_gene_src_cell_line            ? 
_entity_src_gen.pdbx_gene_src_atcc                 ? 
_entity_src_gen.pdbx_gene_src_organ                ? 
_entity_src_gen.pdbx_gene_src_organelle            ? 
_entity_src_gen.pdbx_gene_src_cell                 ? 
_entity_src_gen.pdbx_gene_src_cellular_location    ? 
_entity_src_gen.host_org_common_name               ? 
_entity_src_gen.pdbx_host_org_scientific_name      'Escherichia coli' 
_entity_src_gen.pdbx_host_org_ncbi_taxonomy_id     469008 
_entity_src_gen.host_org_genus                     ? 
_entity_src_gen.pdbx_host_org_gene                 ? 
_entity_src_gen.pdbx_host_org_organ                ? 
_entity_src_gen.host_org_species                   ? 
_entity_src_gen.pdbx_host_org_tissue               ? 
_entity_src_gen.pdbx_host_org_tissue_fraction      ? 
_entity_src_gen.pdbx_host_org_strain               'BL21(DE3)' 
_entity_src_gen.pdbx_host_org_variant              ? 
_entity_src_gen.pdbx_host_org_cell_line            ? 
_entity_src_gen.pdbx_host_org_atcc                 ? 
_entity_src_gen.pdbx_host_org_culture_collection   ? 
_entity_src_gen.pdbx_host_org_cell                 ? 
_entity_src_gen.pdbx_host_org_organelle            ? 
_entity_src_gen.pdbx_host_org_cellular_location    ? 
_entity_src_gen.pdbx_host_org_vector_type          plasmid 
_entity_src_gen.pdbx_host_org_vector               ? 
_entity_src_gen.host_org_details                   ? 
_entity_src_gen.expression_system_id               ? 
_entity_src_gen.plasmid_name                       pETG20A 
_entity_src_gen.plasmid_details                    ? 
_entity_src_gen.pdbx_description                   ? 
# 
loop_
_pdbx_entity_src_syn.entity_id 
_pdbx_entity_src_syn.pdbx_src_id 
_pdbx_entity_src_syn.pdbx_alt_source_flag 
_pdbx_entity_src_syn.pdbx_beg_seq_num 
_pdbx_entity_src_syn.pdbx_end_seq_num 
_pdbx_entity_src_syn.organism_scientific 
_pdbx_entity_src_syn.organism_common_name 
_pdbx_entity_src_syn.ncbi_taxonomy_id 
_pdbx_entity_src_syn.details 
1 1 sample ? ? 'synthetic construct' ? 32630 ? 
2 1 sample ? ? 'synthetic construct' ? 32630 ? 
# 
loop_
_struct_ref.id 
_struct_ref.db_name 
_struct_ref.db_code 
_struct_ref.pdbx_db_accession 
_struct_ref.entity_id 
_struct_ref.pdbx_seq_one_letter_code 
_struct_ref.pdbx_align_begin 
_struct_ref.pdbx_db_isoform 
1 PDB 3F27        3F27   1 GTCTCTATTGTCCTGG                                                                1  ? 
2 PDB 3F27        3F27   2 CCAGGACAATAGAGAC                                                                1  ? 
3 UNP SOX17_MOUSE Q61473 3 SRIRRPMNAFMVWAKDERKRLAQQNPDLHNAELSKMLGKSWKALTLAEKRPFVEEAERLRVQHMQDHPNYKYRPRRRKQ 66 ? 
# 
loop_
_struct_ref_seq.align_id 
_struct_ref_seq.ref_id 
_struct_ref_seq.pdbx_PDB_id_code 
_struct_ref_seq.pdbx_strand_id 
_struct_ref_seq.seq_align_beg 
_struct_ref_seq.pdbx_seq_align_beg_ins_code 
_struct_ref_seq.seq_align_end 
_struct_ref_seq.pdbx_seq_align_end_ins_code 
_struct_ref_seq.pdbx_db_accession 
_struct_ref_seq.db_align_beg 
_struct_ref_seq.pdbx_db_align_beg_ins_code 
_struct_ref_seq.db_align_end 
_struct_ref_seq.pdbx_db_align_end_ins_code 
_struct_ref_seq.pdbx_auth_seq_align_beg 
_struct_ref_seq.pdbx_auth_seq_align_end 
1 1 3F27 A 1 ? 16 ? 3F27   1  ? 16  ? 1  16  
2 2 3F27 B 1 ? 16 ? 3F27   1  ? 16  ? 1  16  
3 3 3F27 D 5 ? 83 ? Q61473 66 ? 144 ? 66 144 
# 
loop_
_struct_ref_seq_dif.align_id 
_struct_ref_seq_dif.pdbx_pdb_id_code 
_struct_ref_seq_dif.mon_id 
_struct_ref_seq_dif.pdbx_pdb_strand_id 
_struct_ref_seq_dif.seq_num 
_struct_ref_seq_dif.pdbx_pdb_ins_code 
_struct_ref_seq_dif.pdbx_seq_db_name 
_struct_ref_seq_dif.pdbx_seq_db_accession_code 
_struct_ref_seq_dif.db_mon_id 
_struct_ref_seq_dif.pdbx_seq_db_seq_num 
_struct_ref_seq_dif.details 
_struct_ref_seq_dif.pdbx_auth_seq_num 
_struct_ref_seq_dif.pdbx_ordinal 
3 3F27 GLY D 1 ? UNP Q61473 ? ? 'expression tag' 62 1 
3 3F27 SER D 2 ? UNP Q61473 ? ? 'expression tag' 63 2 
3 3F27 PHE D 3 ? UNP Q61473 ? ? 'expression tag' 64 3 
3 3F27 THR D 4 ? UNP Q61473 ? ? 'expression tag' 65 4 
# 
loop_
_chem_comp.id 
_chem_comp.type 
_chem_comp.mon_nstd_flag 
_chem_comp.name 
_chem_comp.pdbx_synonyms 
_chem_comp.formula 
_chem_comp.formula_weight 
ALA 'L-peptide linking' y ALANINE                              ? 'C3 H7 N O2'      89.093  
ARG 'L-peptide linking' y ARGININE                             ? 'C6 H15 N4 O2 1'  175.209 
ASN 'L-peptide linking' y ASPARAGINE                           ? 'C4 H8 N2 O3'     132.118 
ASP 'L-peptide linking' y 'ASPARTIC ACID'                      ? 'C4 H7 N O4'      133.103 
DA  'DNA linking'       y "2'-DEOXYADENOSINE-5'-MONOPHOSPHATE" ? 'C10 H14 N5 O6 P' 331.222 
DC  'DNA linking'       y "2'-DEOXYCYTIDINE-5'-MONOPHOSPHATE"  ? 'C9 H14 N3 O7 P'  307.197 
DG  'DNA linking'       y "2'-DEOXYGUANOSINE-5'-MONOPHOSPHATE" ? 'C10 H14 N5 O7 P' 347.221 
DT  'DNA linking'       y "THYMIDINE-5'-MONOPHOSPHATE"         ? 'C10 H15 N2 O8 P' 322.208 
GLN 'L-peptide linking' y GLUTAMINE                            ? 'C5 H10 N2 O3'    146.144 
GLU 'L-peptide linking' y 'GLUTAMIC ACID'                      ? 'C5 H9 N O4'      147.129 
GLY 'peptide linking'   y GLYCINE                              ? 'C2 H5 N O2'      75.067  
HIS 'L-peptide linking' y HISTIDINE                            ? 'C6 H10 N3 O2 1'  156.162 
ILE 'L-peptide linking' y ISOLEUCINE                           ? 'C6 H13 N O2'     131.173 
LEU 'L-peptide linking' y LEUCINE                              ? 'C6 H13 N O2'     131.173 
LYS 'L-peptide linking' y LYSINE                               ? 'C6 H15 N2 O2 1'  147.195 
MET 'L-peptide linking' y METHIONINE                           ? 'C5 H11 N O2 S'   149.211 
PHE 'L-peptide linking' y PHENYLALANINE                        ? 'C9 H11 N O2'     165.189 
PRO 'L-peptide linking' y PROLINE                              ? 'C5 H9 N O2'      115.130 
SER 'L-peptide linking' y SERINE                               ? 'C3 H7 N O3'      105.093 
THR 'L-peptide linking' y THREONINE                            ? 'C4 H9 N O3'      119.119 
TRP 'L-peptide linking' y TRYPTOPHAN                           ? 'C11 H12 N2 O2'   204.225 
TYR 'L-peptide linking' y TYROSINE                             ? 'C9 H11 N O3'     181.189 
VAL 'L-peptide linking' y VALINE                               ? 'C5 H11 N O2'     117.146 
# 
_exptl.crystals_number   1 
_exptl.entry_id          3F27 
_exptl.method            'X-RAY DIFFRACTION' 
# 
_exptl_crystal.id                    1 
_exptl_crystal.pdbx_mosaicity        ? 
_exptl_crystal.pdbx_mosaicity_esd    ? 
_exptl_crystal.density_Matthews      2.28 
_exptl_crystal.density_diffrn        ? 
_exptl_crystal.density_meas          ? 
_exptl_crystal.density_meas_temp     ? 
_exptl_crystal.density_percent_sol   45.96 
_exptl_crystal.size_max              ? 
_exptl_crystal.size_mid              ? 
_exptl_crystal.size_min              ? 
_exptl_crystal.size_rad              ? 
_exptl_crystal.description           ? 
_exptl_crystal.F_000                 ? 
_exptl_crystal.preparation           ? 
# 
_exptl_crystal_grow.crystal_id      1 
_exptl_crystal_grow.method          'VAPOR DIFFUSION, HANGING DROP' 
_exptl_crystal_grow.pH              7.4 
_exptl_crystal_grow.temp            298 
_exptl_crystal_grow.pdbx_details    '30% PEG 3350, 0.2M MGCL2, pH 7.4, vapor diffusion, hanging drop, temperature 298K' 
_exptl_crystal_grow.temp_details    ? 
_exptl_crystal_grow.pdbx_pH_range   ? 
# 
loop_
_exptl_crystal_grow_comp.crystal_id 
_exptl_crystal_grow_comp.id 
_exptl_crystal_grow_comp.sol_id 
_exptl_crystal_grow_comp.name 
_exptl_crystal_grow_comp.volume 
_exptl_crystal_grow_comp.conc 
_exptl_crystal_grow_comp.details 
1 1 1 'PEG 3350' ? ? ? 
1 2 1 MgCl2      ? ? ? 
1 3 2 'PEG 3350' ? ? ? 
1 4 2 MgCl2      ? ? ? 
# 
_diffrn.id                     1 
_diffrn.ambient_temp           100 
_diffrn.ambient_temp_details   ? 
_diffrn.crystal_id             1 
# 
_diffrn_detector.diffrn_id              1 
_diffrn_detector.detector               'IMAGE PLATE' 
_diffrn_detector.type                   'RIGAKU RAXIS' 
_diffrn_detector.pdbx_collection_date   ? 
_diffrn_detector.details                Platinum 
# 
_diffrn_radiation.diffrn_id                        1 
_diffrn_radiation.pdbx_diffrn_protocol             'SINGLE WAVELENGTH' 
_diffrn_radiation.monochromator                    ? 
_diffrn_radiation.wavelength_id                    1 
_diffrn_radiation.pdbx_monochromatic_or_laue_m_l   ? 
_diffrn_radiation.pdbx_scattering_type             x-ray 
# 
_diffrn_radiation_wavelength.id           1 
_diffrn_radiation_wavelength.wavelength   1.5418 
_diffrn_radiation_wavelength.wt           1.0 
# 
_diffrn_source.diffrn_id                   1 
_diffrn_source.source                      'ROTATING ANODE' 
_diffrn_source.type                        RIGAKU 
_diffrn_source.pdbx_wavelength_list        1.5418 
_diffrn_source.pdbx_wavelength             ? 
_diffrn_source.pdbx_synchrotron_site       ? 
_diffrn_source.pdbx_synchrotron_beamline   ? 
# 
_reflns.entry_id                     3F27 
_reflns.observed_criterion_sigma_F   ? 
_reflns.observed_criterion_sigma_I   ? 
_reflns.d_resolution_high            2.75 
_reflns.d_resolution_low             66.33 
_reflns.number_all                   ? 
_reflns.number_obs                   4970 
_reflns.percent_possible_obs         99.9 
_reflns.pdbx_Rmerge_I_obs            0.069 
_reflns.pdbx_Rsym_value              ? 
_reflns.pdbx_netI_over_sigmaI        22.75 
_reflns.B_iso_Wilson_estimate        ? 
_reflns.pdbx_redundancy              9.86 
_reflns.R_free_details               ? 
_reflns.limit_h_max                  ? 
_reflns.limit_h_min                  ? 
_reflns.limit_k_max                  ? 
_reflns.limit_k_min                  ? 
_reflns.limit_l_max                  ? 
_reflns.limit_l_min                  ? 
_reflns.observed_criterion_F_max     ? 
_reflns.observed_criterion_F_min     ? 
_reflns.pdbx_chi_squared             ? 
_reflns.pdbx_scaling_rejects         ? 
_reflns.pdbx_ordinal                 1 
_reflns.pdbx_diffrn_id               1 
# 
_reflns_shell.d_res_high             2.75 
_reflns_shell.d_res_low              2.85 
_reflns_shell.percent_possible_obs   ? 
_reflns_shell.percent_possible_all   ? 
_reflns_shell.Rmerge_I_obs           0.387 
_reflns_shell.meanI_over_sigI_obs    3.75 
_reflns_shell.pdbx_Rsym_value        ? 
_reflns_shell.pdbx_redundancy        7.60 
_reflns_shell.number_unique_all      ? 
_reflns_shell.number_measured_all    ? 
_reflns_shell.number_measured_obs    ? 
_reflns_shell.number_unique_obs      ? 
_reflns_shell.pdbx_chi_squared       ? 
_reflns_shell.pdbx_ordinal           1 
_reflns_shell.pdbx_diffrn_id         1 
# 
_refine.entry_id                                 3F27 
_refine.ls_d_res_high                            2.750 
_refine.ls_d_res_low                             20.73 
_refine.pdbx_ls_sigma_F                          0.00 
_refine.ls_percent_reflns_obs                    99.460 
_refine.ls_number_reflns_obs                     4703 
_refine.pdbx_ls_cross_valid_method               THROUGHOUT 
_refine.pdbx_R_Free_selection_details            RANDOM 
_refine.details                                  'HYDROGENS HAVE BEEN ADDED IN THE RIDING POSITIONS' 
_refine.ls_R_factor_obs                          0.243 
_refine.ls_R_factor_R_work                       0.242 
_refine.ls_R_factor_R_free                       0.265 
_refine.ls_percent_reflns_R_free                 4.600 
_refine.ls_number_reflns_R_free                  228 
_refine.B_iso_mean                               25.696 
_refine.aniso_B[1][1]                            2.250 
_refine.aniso_B[2][2]                            2.250 
_refine.aniso_B[3][3]                            -3.380 
_refine.aniso_B[1][2]                            1.130 
_refine.aniso_B[1][3]                            0.000 
_refine.aniso_B[2][3]                            0.000 
_refine.correlation_coeff_Fo_to_Fc               0.917 
_refine.correlation_coeff_Fo_to_Fc_free          0.922 
_refine.pdbx_overall_ESU_R_Free                  0.388 
_refine.overall_SU_ML                            0.305 
_refine.overall_SU_B                             32.153 
_refine.solvent_model_details                    MASK 
_refine.pdbx_solvent_vdw_probe_radii             1.400 
_refine.pdbx_solvent_ion_probe_radii             0.800 
_refine.pdbx_solvent_shrinkage_radii             0.800 
_refine.pdbx_method_to_determine_struct          'MOLECULAR REPLACEMENT' 
_refine.pdbx_stereochemistry_target_values       'MAXIMUM LIKELIHOOD' 
_refine.B_iso_max                                45.14 
_refine.B_iso_min                                9.75 
_refine.occupancy_max                            1.00 
_refine.occupancy_min                            1.00 
_refine.pdbx_ls_sigma_I                          ? 
_refine.ls_number_reflns_all                     ? 
_refine.ls_R_factor_all                          ? 
_refine.ls_redundancy_reflns_obs                 ? 
_refine.pdbx_data_cutoff_high_absF               ? 
_refine.pdbx_data_cutoff_low_absF                ? 
_refine.ls_number_parameters                     ? 
_refine.ls_number_restraints                     ? 
_refine.ls_R_factor_R_free_error                 ? 
_refine.ls_R_factor_R_free_error_details         ? 
_refine.pdbx_starting_model                      'PDB ENTRY 1GT0' 
_refine.pdbx_stereochem_target_val_spec_case     ? 
_refine.solvent_model_param_bsol                 ? 
_refine.solvent_model_param_ksol                 ? 
_refine.pdbx_isotropic_thermal_model             ? 
_refine.overall_SU_R_Cruickshank_DPI             ? 
_refine.overall_SU_R_free                        ? 
_refine.pdbx_data_cutoff_high_rms_absF           ? 
_refine.pdbx_overall_ESU_R                       ? 
_refine.ls_wR_factor_R_free                      ? 
_refine.ls_wR_factor_R_work                      ? 
_refine.overall_FOM_free_R_set                   ? 
_refine.overall_FOM_work_R_set                   ? 
_refine.pdbx_overall_phase_error                 ? 
_refine.pdbx_refine_id                           'X-RAY DIFFRACTION' 
_refine.pdbx_TLS_residual_ADP_flag               'LIKELY RESIDUAL' 
_refine.pdbx_diffrn_id                           1 
_refine.pdbx_overall_SU_R_free_Cruickshank_DPI   ? 
_refine.pdbx_overall_SU_R_Blow_DPI               ? 
_refine.pdbx_overall_SU_R_free_Blow_DPI          ? 
# 
_refine_hist.pdbx_refine_id                   'X-RAY DIFFRACTION' 
_refine_hist.cycle_id                         LAST 
_refine_hist.pdbx_number_atoms_protein        633 
_refine_hist.pdbx_number_atoms_nucleic_acid   650 
_refine_hist.pdbx_number_atoms_ligand         0 
_refine_hist.number_atoms_solvent             0 
_refine_hist.number_atoms_total               1283 
_refine_hist.d_res_high                       2.750 
_refine_hist.d_res_low                        20.73 
# 
loop_
_refine_ls_restr.type 
_refine_ls_restr.number 
_refine_ls_restr.dev_ideal 
_refine_ls_restr.dev_ideal_target 
_refine_ls_restr.weight 
_refine_ls_restr.pdbx_refine_id 
_refine_ls_restr.pdbx_restraint_function 
r_bond_refined_d         1376 0.012  0.021  ? 'X-RAY DIFFRACTION' ? 
r_angle_refined_deg      1988 1.861  2.542  ? 'X-RAY DIFFRACTION' ? 
r_dihedral_angle_1_deg   73   4.808  5.000  ? 'X-RAY DIFFRACTION' ? 
r_dihedral_angle_2_deg   36   37.735 21.944 ? 'X-RAY DIFFRACTION' ? 
r_dihedral_angle_3_deg   128  21.173 15.000 ? 'X-RAY DIFFRACTION' ? 
r_dihedral_angle_4_deg   10   27.490 15.000 ? 'X-RAY DIFFRACTION' ? 
r_chiral_restr           211  0.091  0.200  ? 'X-RAY DIFFRACTION' ? 
r_gen_planes_refined     826  0.006  0.020  ? 'X-RAY DIFFRACTION' ? 
r_nbd_refined            492  0.246  0.200  ? 'X-RAY DIFFRACTION' ? 
r_nbtor_refined          847  0.310  0.200  ? 'X-RAY DIFFRACTION' ? 
r_xyhbond_nbd_refined    38   0.159  0.200  ? 'X-RAY DIFFRACTION' ? 
r_symmetry_vdw_refined   23   0.225  0.200  ? 'X-RAY DIFFRACTION' ? 
r_symmetry_hbond_refined 1    0.214  0.200  ? 'X-RAY DIFFRACTION' ? 
r_mcbond_it              386  0.562  1.500  ? 'X-RAY DIFFRACTION' ? 
r_mcangle_it             599  1.004  2.000  ? 'X-RAY DIFFRACTION' ? 
r_scbond_it              1330 1.262  3.000  ? 'X-RAY DIFFRACTION' ? 
r_scangle_it             1389 1.977  4.500  ? 'X-RAY DIFFRACTION' ? 
# 
_refine_ls_shell.d_res_high                       2.751 
_refine_ls_shell.d_res_low                        2.822 
_refine_ls_shell.pdbx_total_number_of_bins_used   20 
_refine_ls_shell.percent_reflns_obs               100.000 
_refine_ls_shell.number_reflns_R_work             328 
_refine_ls_shell.R_factor_all                     ? 
_refine_ls_shell.R_factor_R_work                  0.253 
_refine_ls_shell.R_factor_R_free                  0.430 
_refine_ls_shell.percent_reflns_R_free            ? 
_refine_ls_shell.number_reflns_R_free             24 
_refine_ls_shell.R_factor_R_free_error            ? 
_refine_ls_shell.number_reflns_all                352 
_refine_ls_shell.number_reflns_obs                ? 
_refine_ls_shell.redundancy_reflns_obs            ? 
_refine_ls_shell.pdbx_refine_id                   'X-RAY DIFFRACTION' 
# 
_struct.entry_id                  3F27 
_struct.title                     'Structure of Sox17 Bound to DNA' 
_struct.pdbx_model_details        ? 
_struct.pdbx_CASP_flag            ? 
_struct.pdbx_model_type_details   ? 
# 
_struct_keywords.entry_id        3F27 
_struct_keywords.text            
;protein-DNA complex, HMG domain, endodermal, Activator, DNA-binding, Nucleus, Transcription, Transcription regulation, Transcription-dna COMPLEX
;
_struct_keywords.pdbx_keywords   Transcription/dna 
# 
loop_
_struct_asym.id 
_struct_asym.pdbx_blank_PDB_chainid_flag 
_struct_asym.pdbx_modified 
_struct_asym.entity_id 
_struct_asym.details 
A N N 1 ? 
B N N 2 ? 
C N N 3 ? 
# 
loop_
_struct_conf.conf_type_id 
_struct_conf.id 
_struct_conf.pdbx_PDB_helix_id 
_struct_conf.beg_label_comp_id 
_struct_conf.beg_label_asym_id 
_struct_conf.beg_label_seq_id 
_struct_conf.pdbx_beg_PDB_ins_code 
_struct_conf.end_label_comp_id 
_struct_conf.end_label_asym_id 
_struct_conf.end_label_seq_id 
_struct_conf.pdbx_end_PDB_ins_code 
_struct_conf.beg_auth_comp_id 
_struct_conf.beg_auth_asym_id 
_struct_conf.beg_auth_seq_id 
_struct_conf.end_auth_comp_id 
_struct_conf.end_auth_asym_id 
_struct_conf.end_auth_seq_id 
_struct_conf.pdbx_PDB_helix_class 
_struct_conf.details 
_struct_conf.pdbx_PDB_helix_length 
HELX_P HELX_P1 1 ASN C 12 ? ASN C 29 ? ASN D 73  ASN D 90  1 ? 18 
HELX_P HELX_P2 2 HIS C 33 ? LEU C 48 ? HIS D 94  LEU D 109 1 ? 16 
HELX_P HELX_P3 3 THR C 49 ? HIS C 71 ? THR D 110 HIS D 132 1 ? 23 
# 
_struct_conf_type.id          HELX_P 
_struct_conf_type.criteria    ? 
_struct_conf_type.reference   ? 
# 
loop_
_struct_conn.id 
_struct_conn.conn_type_id 
_struct_conn.pdbx_leaving_atom_flag 
_struct_conn.pdbx_PDB_id 
_struct_conn.ptnr1_label_asym_id 
_struct_conn.ptnr1_label_comp_id 
_struct_conn.ptnr1_label_seq_id 
_struct_conn.ptnr1_label_atom_id 
_struct_conn.pdbx_ptnr1_label_alt_id 
_struct_conn.pdbx_ptnr1_PDB_ins_code 
_struct_conn.pdbx_ptnr1_standard_comp_id 
_struct_conn.ptnr1_symmetry 
_struct_conn.ptnr2_label_asym_id 
_struct_conn.ptnr2_label_comp_id 
_struct_conn.ptnr2_label_seq_id 
_struct_conn.ptnr2_label_atom_id 
_struct_conn.pdbx_ptnr2_label_alt_id 
_struct_conn.pdbx_ptnr2_PDB_ins_code 
_struct_conn.ptnr1_auth_asym_id 
_struct_conn.ptnr1_auth_comp_id 
_struct_conn.ptnr1_auth_seq_id 
_struct_conn.ptnr2_auth_asym_id 
_struct_conn.ptnr2_auth_comp_id 
_struct_conn.ptnr2_auth_seq_id 
_struct_conn.ptnr2_symmetry 
_struct_conn.pdbx_ptnr3_label_atom_id 
_struct_conn.pdbx_ptnr3_label_seq_id 
_struct_conn.pdbx_ptnr3_label_comp_id 
_struct_conn.pdbx_ptnr3_label_asym_id 
_struct_conn.pdbx_ptnr3_label_alt_id 
_struct_conn.pdbx_ptnr3_PDB_ins_code 
_struct_conn.details 
_struct_conn.pdbx_dist_value 
_struct_conn.pdbx_value_order 
_struct_conn.pdbx_role 
hydrog1  hydrog ? ? A DG 1  N1 ? ? ? 1_555 B DC 16 N3 ? ? A DG 1  B DC 16 1_555 ? ? ? ? ? ? 'DG-DC PAIR' ? ? ? 
hydrog2  hydrog ? ? A DT 2  N3 ? ? ? 1_555 B DA 15 N1 ? ? A DT 2  B DA 15 1_555 ? ? ? ? ? ? WATSON-CRICK ? ? ? 
hydrog3  hydrog ? ? A DT 2  O4 ? ? ? 1_555 B DA 15 N6 ? ? A DT 2  B DA 15 1_555 ? ? ? ? ? ? WATSON-CRICK ? ? ? 
hydrog4  hydrog ? ? A DC 3  N4 ? ? ? 1_555 B DG 14 O6 ? ? A DC 3  B DG 14 1_555 ? ? ? ? ? ? 'DC-DG PAIR' ? ? ? 
hydrog5  hydrog ? ? A DT 4  N3 ? ? ? 1_555 B DA 13 N1 ? ? A DT 4  B DA 13 1_555 ? ? ? ? ? ? WATSON-CRICK ? ? ? 
hydrog6  hydrog ? ? A DT 4  O4 ? ? ? 1_555 B DA 13 N6 ? ? A DT 4  B DA 13 1_555 ? ? ? ? ? ? WATSON-CRICK ? ? ? 
hydrog7  hydrog ? ? A DC 5  O2 ? ? ? 1_555 B DG 12 N2 ? ? A DC 5  B DG 12 1_555 ? ? ? ? ? ? 'DC-DG PAIR' ? ? ? 
hydrog8  hydrog ? ? A DT 6  N3 ? ? ? 1_555 B DA 11 N1 ? ? A DT 6  B DA 11 1_555 ? ? ? ? ? ? WATSON-CRICK ? ? ? 
hydrog9  hydrog ? ? A DT 6  O4 ? ? ? 1_555 B DA 11 N6 ? ? A DT 6  B DA 11 1_555 ? ? ? ? ? ? WATSON-CRICK ? ? ? 
hydrog10 hydrog ? ? A DA 7  N1 ? ? ? 1_555 B DT 10 N3 ? ? A DA 7  B DT 10 1_555 ? ? ? ? ? ? WATSON-CRICK ? ? ? 
hydrog11 hydrog ? ? A DA 7  N6 ? ? ? 1_555 B DT 10 O4 ? ? A DA 7  B DT 10 1_555 ? ? ? ? ? ? WATSON-CRICK ? ? ? 
hydrog12 hydrog ? ? A DT 8  N3 ? ? ? 1_555 B DA 9  N1 ? ? A DT 8  B DA 9  1_555 ? ? ? ? ? ? WATSON-CRICK ? ? ? 
hydrog13 hydrog ? ? A DT 8  O4 ? ? ? 1_555 B DA 9  N6 ? ? A DT 8  B DA 9  1_555 ? ? ? ? ? ? WATSON-CRICK ? ? ? 
hydrog14 hydrog ? ? A DT 9  N3 ? ? ? 1_555 B DA 8  N1 ? ? A DT 9  B DA 8  1_555 ? ? ? ? ? ? WATSON-CRICK ? ? ? 
hydrog15 hydrog ? ? A DT 9  O4 ? ? ? 1_555 B DA 8  N6 ? ? A DT 9  B DA 8  1_555 ? ? ? ? ? ? WATSON-CRICK ? ? ? 
hydrog16 hydrog ? ? A DG 10 N1 ? ? ? 1_555 B DC 7  N3 ? ? A DG 10 B DC 7  1_555 ? ? ? ? ? ? WATSON-CRICK ? ? ? 
hydrog17 hydrog ? ? A DG 10 N2 ? ? ? 1_555 B DC 7  O2 ? ? A DG 10 B DC 7  1_555 ? ? ? ? ? ? WATSON-CRICK ? ? ? 
hydrog18 hydrog ? ? A DG 10 O6 ? ? ? 1_555 B DC 7  N4 ? ? A DG 10 B DC 7  1_555 ? ? ? ? ? ? WATSON-CRICK ? ? ? 
hydrog19 hydrog ? ? A DT 11 N3 ? ? ? 1_555 B DA 6  N1 ? ? A DT 11 B DA 6  1_555 ? ? ? ? ? ? WATSON-CRICK ? ? ? 
hydrog20 hydrog ? ? A DT 11 O4 ? ? ? 1_555 B DA 6  N6 ? ? A DT 11 B DA 6  1_555 ? ? ? ? ? ? WATSON-CRICK ? ? ? 
hydrog21 hydrog ? ? A DC 12 N3 ? ? ? 1_555 B DG 5  N1 ? ? A DC 12 B DG 5  1_555 ? ? ? ? ? ? WATSON-CRICK ? ? ? 
hydrog22 hydrog ? ? A DC 12 N4 ? ? ? 1_555 B DG 5  O6 ? ? A DC 12 B DG 5  1_555 ? ? ? ? ? ? WATSON-CRICK ? ? ? 
hydrog23 hydrog ? ? A DC 12 O2 ? ? ? 1_555 B DG 5  N2 ? ? A DC 12 B DG 5  1_555 ? ? ? ? ? ? WATSON-CRICK ? ? ? 
hydrog24 hydrog ? ? A DC 13 N3 ? ? ? 1_555 B DG 4  N1 ? ? A DC 13 B DG 4  1_555 ? ? ? ? ? ? WATSON-CRICK ? ? ? 
hydrog25 hydrog ? ? A DC 13 N4 ? ? ? 1_555 B DG 4  O6 ? ? A DC 13 B DG 4  1_555 ? ? ? ? ? ? WATSON-CRICK ? ? ? 
hydrog26 hydrog ? ? A DC 13 O2 ? ? ? 1_555 B DG 4  N2 ? ? A DC 13 B DG 4  1_555 ? ? ? ? ? ? WATSON-CRICK ? ? ? 
hydrog27 hydrog ? ? A DT 14 N3 ? ? ? 1_555 B DA 3  N1 ? ? A DT 14 B DA 3  1_555 ? ? ? ? ? ? WATSON-CRICK ? ? ? 
hydrog28 hydrog ? ? A DT 14 O4 ? ? ? 1_555 B DA 3  N6 ? ? A DT 14 B DA 3  1_555 ? ? ? ? ? ? WATSON-CRICK ? ? ? 
hydrog29 hydrog ? ? A DG 15 N1 ? ? ? 1_555 B DC 2  N3 ? ? A DG 15 B DC 2  1_555 ? ? ? ? ? ? WATSON-CRICK ? ? ? 
hydrog30 hydrog ? ? A DG 15 N2 ? ? ? 1_555 B DC 2  O2 ? ? A DG 15 B DC 2  1_555 ? ? ? ? ? ? WATSON-CRICK ? ? ? 
hydrog31 hydrog ? ? A DG 15 O6 ? ? ? 1_555 B DC 2  N4 ? ? A DG 15 B DC 2  1_555 ? ? ? ? ? ? WATSON-CRICK ? ? ? 
hydrog32 hydrog ? ? A DG 16 N1 ? ? ? 1_555 B DC 1  N3 ? ? A DG 16 B DC 1  1_555 ? ? ? ? ? ? WATSON-CRICK ? ? ? 
hydrog33 hydrog ? ? A DG 16 N2 ? ? ? 1_555 B DC 1  O2 ? ? A DG 16 B DC 1  1_555 ? ? ? ? ? ? WATSON-CRICK ? ? ? 
hydrog34 hydrog ? ? A DG 16 O6 ? ? ? 1_555 B DC 1  N4 ? ? A DG 16 B DC 1  1_555 ? ? ? ? ? ? WATSON-CRICK ? ? ? 
# 
_struct_conn_type.id          hydrog 
_struct_conn_type.criteria    ? 
_struct_conn_type.reference   ? 
# 
_atom_sites.entry_id                    3F27 
_atom_sites.fract_transf_matrix[1][1]   -0.00483204 
_atom_sites.fract_transf_matrix[1][2]   -0.01451057 
_atom_sites.fract_transf_matrix[1][3]   -0.00693983 
_atom_sites.fract_transf_matrix[2][1]   -0.00231681 
_atom_sites.fract_transf_matrix[2][2]   -0.01355727 
_atom_sites.fract_transf_matrix[2][3]   0.00963872 
_atom_sites.fract_transf_matrix[3][1]   -0.01443818 
_atom_sites.fract_transf_matrix[3][2]   0.00386664 
_atom_sites.fract_transf_matrix[3][3]   0.00196817 
_atom_sites.fract_transf_vector[1]      0.156715 
_atom_sites.fract_transf_vector[2]      -0.070118 
_atom_sites.fract_transf_vector[3]      -0.016139 
# 
loop_
_atom_type.symbol 
C 
N 
O 
P 
S 
# 
loop_
_atom_site.group_PDB 
_atom_site.id 
_atom_site.type_symbol 
_atom_site.label_atom_id 
_atom_site.label_alt_id 
_atom_site.label_comp_id 
_atom_site.label_asym_id 
_atom_site.label_entity_id 
_atom_site.label_seq_id 
_atom_site.pdbx_PDB_ins_code 
_atom_site.Cartn_x 
_atom_site.Cartn_y 
_atom_site.Cartn_z 
_atom_site.occupancy 
_atom_site.B_iso_or_equiv 
_atom_site.pdbx_formal_charge 
_atom_site.auth_seq_id 
_atom_site.auth_comp_id 
_atom_site.auth_asym_id 
_atom_site.auth_atom_id 
_atom_site.pdbx_PDB_model_num 
ATOM 1    O "O5'" . DG  A 1 1  ? 25.296  -10.093 -20.997 1.00 33.53 ? 1   DG  A "O5'" 1 
ATOM 2    C "C5'" . DG  A 1 1  ? 24.611  -9.111  -20.213 1.00 33.00 ? 1   DG  A "C5'" 1 
ATOM 3    C "C4'" . DG  A 1 1  ? 23.456  -8.506  -20.988 1.00 33.36 ? 1   DG  A "C4'" 1 
ATOM 4    O "O4'" . DG  A 1 1  ? 22.487  -9.539  -21.304 1.00 32.94 ? 1   DG  A "O4'" 1 
ATOM 5    C "C3'" . DG  A 1 1  ? 22.670  -7.387  -20.299 1.00 34.13 ? 1   DG  A "C3'" 1 
ATOM 6    O "O3'" . DG  A 1 1  ? 22.447  -6.338  -21.250 1.00 35.87 ? 1   DG  A "O3'" 1 
ATOM 7    C "C2'" . DG  A 1 1  ? 21.363  -8.079  -19.916 1.00 33.62 ? 1   DG  A "C2'" 1 
ATOM 8    C "C1'" . DG  A 1 1  ? 21.213  -8.934  -21.163 1.00 33.64 ? 1   DG  A "C1'" 1 
ATOM 9    N N9    . DG  A 1 1  ? 20.177  -9.967  -21.172 1.00 33.80 ? 1   DG  A N9    1 
ATOM 10   C C8    . DG  A 1 1  ? 20.085  -11.088 -20.374 1.00 33.90 ? 1   DG  A C8    1 
ATOM 11   N N7    . DG  A 1 1  ? 19.051  -11.843 -20.643 1.00 33.81 ? 1   DG  A N7    1 
ATOM 12   C C5    . DG  A 1 1  ? 18.416  -11.188 -21.693 1.00 33.89 ? 1   DG  A C5    1 
ATOM 13   C C6    . DG  A 1 1  ? 17.241  -11.528 -22.417 1.00 33.67 ? 1   DG  A C6    1 
ATOM 14   O O6    . DG  A 1 1  ? 16.505  -12.511 -22.260 1.00 33.56 ? 1   DG  A O6    1 
ATOM 15   N N1    . DG  A 1 1  ? 16.940  -10.591 -23.411 1.00 33.60 ? 1   DG  A N1    1 
ATOM 16   C C2    . DG  A 1 1  ? 17.696  -9.468  -23.671 1.00 33.67 ? 1   DG  A C2    1 
ATOM 17   N N2    . DG  A 1 1  ? 17.263  -8.670  -24.656 1.00 33.89 ? 1   DG  A N2    1 
ATOM 18   N N3    . DG  A 1 1  ? 18.798  -9.140  -23.005 1.00 33.63 ? 1   DG  A N3    1 
ATOM 19   C C4    . DG  A 1 1  ? 19.103  -10.038 -22.035 1.00 33.82 ? 1   DG  A C4    1 
ATOM 20   P P     . DT  A 1 2  ? 21.872  -4.891  -20.862 1.00 37.09 ? 2   DT  A P     1 
ATOM 21   O OP1   . DT  A 1 2  ? 23.032  -4.034  -20.526 1.00 36.91 ? 2   DT  A OP1   1 
ATOM 22   O OP2   . DT  A 1 2  ? 20.738  -5.075  -19.936 1.00 36.46 ? 2   DT  A OP2   1 
ATOM 23   O "O5'" . DT  A 1 2  ? 21.248  -4.311  -22.212 1.00 38.69 ? 2   DT  A "O5'" 1 
ATOM 24   C "C5'" . DT  A 1 2  ? 20.505  -3.096  -22.155 1.00 39.68 ? 2   DT  A "C5'" 1 
ATOM 25   C "C4'" . DT  A 1 2  ? 19.018  -3.370  -22.023 1.00 40.41 ? 2   DT  A "C4'" 1 
ATOM 26   O "O4'" . DT  A 1 2  ? 18.730  -4.792  -22.042 1.00 39.96 ? 2   DT  A "O4'" 1 
ATOM 27   C "C3'" . DT  A 1 2  ? 18.356  -2.835  -20.741 1.00 42.10 ? 2   DT  A "C3'" 1 
ATOM 28   O "O3'" . DT  A 1 2  ? 17.564  -1.668  -20.961 1.00 43.62 ? 2   DT  A "O3'" 1 
ATOM 29   C "C2'" . DT  A 1 2  ? 17.436  -3.965  -20.294 1.00 42.11 ? 2   DT  A "C2'" 1 
ATOM 30   C "C1'" . DT  A 1 2  ? 17.413  -4.848  -21.544 1.00 41.28 ? 2   DT  A "C1'" 1 
ATOM 31   N N1    . DT  A 1 2  ? 16.894  -6.222  -21.267 1.00 41.37 ? 2   DT  A N1    1 
ATOM 32   C C2    . DT  A 1 2  ? 15.704  -6.604  -21.863 1.00 41.43 ? 2   DT  A C2    1 
ATOM 33   O O2    . DT  A 1 2  ? 15.063  -5.889  -22.622 1.00 41.16 ? 2   DT  A O2    1 
ATOM 34   N N3    . DT  A 1 2  ? 15.286  -7.873  -21.530 1.00 41.50 ? 2   DT  A N3    1 
ATOM 35   C C4    . DT  A 1 2  ? 15.918  -8.772  -20.677 1.00 41.21 ? 2   DT  A C4    1 
ATOM 36   O O4    . DT  A 1 2  ? 15.452  -9.886  -20.449 1.00 40.93 ? 2   DT  A O4    1 
ATOM 37   C C5    . DT  A 1 2  ? 17.150  -8.301  -20.073 1.00 41.18 ? 2   DT  A C5    1 
ATOM 38   C C7    . DT  A 1 2  ? 17.707  -8.999  -18.864 1.00 40.19 ? 2   DT  A C7    1 
ATOM 39   C C6    . DT  A 1 2  ? 17.572  -7.065  -20.399 1.00 41.31 ? 2   DT  A C6    1 
ATOM 40   P P     . DC  A 1 3  ? 16.861  -1.372  -22.374 1.00 44.80 ? 3   DC  A P     1 
ATOM 41   O OP1   . DC  A 1 3  ? 16.226  -2.617  -22.859 1.00 45.14 ? 3   DC  A OP1   1 
ATOM 42   O OP2   . DC  A 1 3  ? 17.845  -0.666  -23.235 1.00 44.44 ? 3   DC  A OP2   1 
ATOM 43   O "O5'" . DC  A 1 3  ? 15.673  -0.380  -21.985 1.00 44.04 ? 3   DC  A "O5'" 1 
ATOM 44   C "C5'" . DC  A 1 3  ? 14.607  -0.895  -21.233 1.00 43.59 ? 3   DC  A "C5'" 1 
ATOM 45   C "C4'" . DC  A 1 3  ? 13.559  -1.525  -22.131 1.00 42.88 ? 3   DC  A "C4'" 1 
ATOM 46   O "O4'" . DC  A 1 3  ? 13.751  -2.968  -22.176 1.00 41.61 ? 3   DC  A "O4'" 1 
ATOM 47   C "C3'" . DC  A 1 3  ? 12.172  -1.268  -21.559 1.00 43.50 ? 3   DC  A "C3'" 1 
ATOM 48   O "O3'" . DC  A 1 3  ? 11.170  -1.085  -22.560 1.00 43.51 ? 3   DC  A "O3'" 1 
ATOM 49   C "C2'" . DC  A 1 3  ? 11.934  -2.551  -20.783 1.00 43.50 ? 3   DC  A "C2'" 1 
ATOM 50   C "C1'" . DC  A 1 3  ? 12.573  -3.587  -21.698 1.00 43.06 ? 3   DC  A "C1'" 1 
ATOM 51   N N1    . DC  A 1 3  ? 12.777  -4.828  -20.880 1.00 43.37 ? 3   DC  A N1    1 
ATOM 52   C C2    . DC  A 1 3  ? 11.916  -5.933  -21.062 1.00 43.62 ? 3   DC  A C2    1 
ATOM 53   O O2    . DC  A 1 3  ? 11.027  -5.895  -21.926 1.00 43.56 ? 3   DC  A O2    1 
ATOM 54   N N3    . DC  A 1 3  ? 12.089  -7.042  -20.289 1.00 43.48 ? 3   DC  A N3    1 
ATOM 55   C C4    . DC  A 1 3  ? 13.055  -7.066  -19.362 1.00 43.25 ? 3   DC  A C4    1 
ATOM 56   N N4    . DC  A 1 3  ? 13.190  -8.175  -18.632 1.00 42.97 ? 3   DC  A N4    1 
ATOM 57   C C5    . DC  A 1 3  ? 13.927  -5.951  -19.147 1.00 43.42 ? 3   DC  A C5    1 
ATOM 58   C C6    . DC  A 1 3  ? 13.746  -4.861  -19.909 1.00 43.39 ? 3   DC  A C6    1 
ATOM 59   P P     . DT  A 1 4  ? 9.606   -1.217  -22.188 1.00 42.40 ? 4   DT  A P     1 
ATOM 60   O OP1   . DT  A 1 4  ? 8.871   -0.483  -23.243 1.00 42.94 ? 4   DT  A OP1   1 
ATOM 61   O OP2   . DT  A 1 4  ? 9.403   -0.889  -20.749 1.00 42.16 ? 4   DT  A OP2   1 
ATOM 62   O "O5'" . DT  A 1 4  ? 9.290   -2.776  -22.392 1.00 40.93 ? 4   DT  A "O5'" 1 
ATOM 63   C "C5'" . DT  A 1 4  ? 8.444   -3.226  -23.459 1.00 37.91 ? 4   DT  A "C5'" 1 
ATOM 64   C "C4'" . DT  A 1 4  ? 7.284   -4.057  -22.929 1.00 35.75 ? 4   DT  A "C4'" 1 
ATOM 65   O "O4'" . DT  A 1 4  ? 7.762   -5.075  -22.005 1.00 33.47 ? 4   DT  A "O4'" 1 
ATOM 66   C "C3'" . DT  A 1 4  ? 6.193   -3.299  -22.173 1.00 35.42 ? 4   DT  A "C3'" 1 
ATOM 67   O "O3'" . DT  A 1 4  ? 4.977   -3.979  -22.499 1.00 37.31 ? 4   DT  A "O3'" 1 
ATOM 68   C "C2'" . DT  A 1 4  ? 6.661   -3.430  -20.724 1.00 32.13 ? 4   DT  A "C2'" 1 
ATOM 69   C "C1'" . DT  A 1 4  ? 7.175   -4.871  -20.730 1.00 29.88 ? 4   DT  A "C1'" 1 
ATOM 70   N N1    . DT  A 1 4  ? 8.142   -5.277  -19.617 1.00 28.26 ? 4   DT  A N1    1 
ATOM 71   C C2    . DT  A 1 4  ? 8.056   -6.562  -19.105 1.00 27.30 ? 4   DT  A C2    1 
ATOM 72   O O2    . DT  A 1 4  ? 7.255   -7.406  -19.500 1.00 26.64 ? 4   DT  A O2    1 
ATOM 73   N N3    . DT  A 1 4  ? 8.965   -6.833  -18.105 1.00 26.57 ? 4   DT  A N3    1 
ATOM 74   C C4    . DT  A 1 4  ? 9.929   -5.991  -17.568 1.00 26.73 ? 4   DT  A C4    1 
ATOM 75   O O4    . DT  A 1 4  ? 10.694  -6.351  -16.670 1.00 26.34 ? 4   DT  A O4    1 
ATOM 76   C C5    . DT  A 1 4  ? 9.971   -4.667  -18.144 1.00 26.25 ? 4   DT  A C5    1 
ATOM 77   C C7    . DT  A 1 4  ? 11.002  -3.665  -17.678 1.00 24.95 ? 4   DT  A C7    1 
ATOM 78   C C6    . DT  A 1 4  ? 9.090   -4.383  -19.124 1.00 27.39 ? 4   DT  A C6    1 
ATOM 79   P P     . DC  A 1 5  ? 3.608   -3.951  -21.663 1.00 39.66 ? 5   DC  A P     1 
ATOM 80   O OP1   . DC  A 1 5  ? 2.679   -3.029  -22.358 1.00 38.42 ? 5   DC  A OP1   1 
ATOM 81   O OP2   . DC  A 1 5  ? 3.834   -3.776  -20.195 1.00 39.97 ? 5   DC  A OP2   1 
ATOM 82   O "O5'" . DC  A 1 5  ? 3.162   -5.486  -21.904 1.00 39.67 ? 5   DC  A "O5'" 1 
ATOM 83   C "C5'" . DC  A 1 5  ? 3.975   -6.606  -21.423 1.00 37.92 ? 5   DC  A "C5'" 1 
ATOM 84   C "C4'" . DC  A 1 5  ? 3.298   -7.474  -20.363 1.00 35.71 ? 5   DC  A "C4'" 1 
ATOM 85   O "O4'" . DC  A 1 5  ? 4.194   -7.767  -19.254 1.00 34.66 ? 5   DC  A "O4'" 1 
ATOM 86   C "C3'" . DC  A 1 5  ? 2.025   -6.919  -19.722 1.00 36.24 ? 5   DC  A "C3'" 1 
ATOM 87   O "O3'" . DC  A 1 5  ? 1.051   -7.974  -19.856 1.00 37.65 ? 5   DC  A "O3'" 1 
ATOM 88   C "C2'" . DC  A 1 5  ? 2.408   -6.495  -18.290 1.00 33.64 ? 5   DC  A "C2'" 1 
ATOM 89   C "C1'" . DC  A 1 5  ? 3.681   -7.300  -18.003 1.00 30.88 ? 5   DC  A "C1'" 1 
ATOM 90   N N1    . DC  A 1 5  ? 4.807   -6.620  -17.185 1.00 29.35 ? 5   DC  A N1    1 
ATOM 91   C C2    . DC  A 1 5  ? 5.527   -7.407  -16.252 1.00 27.95 ? 5   DC  A C2    1 
ATOM 92   O O2    . DC  A 1 5  ? 5.220   -8.594  -16.112 1.00 27.07 ? 5   DC  A O2    1 
ATOM 93   N N3    . DC  A 1 5  ? 6.538   -6.863  -15.513 1.00 26.35 ? 5   DC  A N3    1 
ATOM 94   C C4    . DC  A 1 5  ? 6.840   -5.572  -15.680 1.00 27.59 ? 5   DC  A C4    1 
ATOM 95   N N4    . DC  A 1 5  ? 7.837   -5.101  -14.931 1.00 27.00 ? 5   DC  A N4    1 
ATOM 96   C C5    . DC  A 1 5  ? 6.138   -4.730  -16.618 1.00 27.31 ? 5   DC  A C5    1 
ATOM 97   C C6    . DC  A 1 5  ? 5.144   -5.286  -17.342 1.00 28.50 ? 5   DC  A C6    1 
ATOM 98   P P     . DT  A 1 6  ? 0.015   -8.433  -18.725 1.00 38.40 ? 6   DT  A P     1 
ATOM 99   O OP1   . DT  A 1 6  ? -0.840  -9.461  -19.386 1.00 37.08 ? 6   DT  A OP1   1 
ATOM 100  O OP2   . DT  A 1 6  ? -0.577  -7.222  -18.079 1.00 37.69 ? 6   DT  A OP2   1 
ATOM 101  O "O5'" . DT  A 1 6  ? 0.983   -9.134  -17.638 1.00 36.97 ? 6   DT  A "O5'" 1 
ATOM 102  C "C5'" . DT  A 1 6  ? 0.757   -10.442 -17.079 1.00 34.25 ? 6   DT  A "C5'" 1 
ATOM 103  C "C4'" . DT  A 1 6  ? 0.914   -10.380 -15.575 1.00 32.93 ? 6   DT  A "C4'" 1 
ATOM 104  O "O4'" . DT  A 1 6  ? 2.055   -9.543  -15.257 1.00 32.31 ? 6   DT  A "O4'" 1 
ATOM 105  C "C3'" . DT  A 1 6  ? -0.275  -9.723  -14.873 1.00 32.80 ? 6   DT  A "C3'" 1 
ATOM 106  O "O3'" . DT  A 1 6  ? -0.892  -10.607 -13.971 1.00 32.38 ? 6   DT  A "O3'" 1 
ATOM 107  C "C2'" . DT  A 1 6  ? 0.321   -8.587  -14.059 1.00 32.71 ? 6   DT  A "C2'" 1 
ATOM 108  C "C1'" . DT  A 1 6  ? 1.803   -8.910  -14.023 1.00 31.72 ? 6   DT  A "C1'" 1 
ATOM 109  N N1    . DT  A 1 6  ? 2.618   -7.665  -13.835 1.00 31.48 ? 6   DT  A N1    1 
ATOM 110  C C2    . DT  A 1 6  ? 3.577   -7.630  -12.852 1.00 30.58 ? 6   DT  A C2    1 
ATOM 111  O O2    . DT  A 1 6  ? 3.812   -8.572  -12.145 1.00 31.06 ? 6   DT  A O2    1 
ATOM 112  N N3    . DT  A 1 6  ? 4.265   -6.457  -12.722 1.00 30.73 ? 6   DT  A N3    1 
ATOM 113  C C4    . DT  A 1 6  ? 4.078   -5.311  -13.471 1.00 31.69 ? 6   DT  A C4    1 
ATOM 114  O O4    . DT  A 1 6  ? 4.763   -4.317  -13.267 1.00 31.93 ? 6   DT  A O4    1 
ATOM 115  C C5    . DT  A 1 6  ? 3.046   -5.383  -14.491 1.00 32.16 ? 6   DT  A C5    1 
ATOM 116  C C7    . DT  A 1 6  ? 2.678   -4.195  -15.349 1.00 32.88 ? 6   DT  A C7    1 
ATOM 117  C C6    . DT  A 1 6  ? 2.373   -6.541  -14.606 1.00 32.57 ? 6   DT  A C6    1 
ATOM 118  P P     . DA  A 1 7  ? -2.234  -11.370 -14.374 1.00 33.34 ? 7   DA  A P     1 
ATOM 119  O OP1   . DA  A 1 7  ? -1.909  -12.816 -14.447 1.00 31.06 ? 7   DA  A OP1   1 
ATOM 120  O OP2   . DA  A 1 7  ? -2.854  -10.601 -15.489 1.00 33.13 ? 7   DA  A OP2   1 
ATOM 121  O "O5'" . DA  A 1 7  ? -3.240  -11.145 -13.140 1.00 32.92 ? 7   DA  A "O5'" 1 
ATOM 122  C "C5'" . DA  A 1 7  ? -2.953  -11.579 -11.827 1.00 28.71 ? 7   DA  A "C5'" 1 
ATOM 123  C "C4'" . DA  A 1 7  ? -2.759  -10.379 -10.928 1.00 25.96 ? 7   DA  A "C4'" 1 
ATOM 124  O "O4'" . DA  A 1 7  ? -1.737  -9.496  -11.432 1.00 25.64 ? 7   DA  A "O4'" 1 
ATOM 125  C "C3'" . DA  A 1 7  ? -3.934  -9.431  -10.829 1.00 24.45 ? 7   DA  A "C3'" 1 
ATOM 126  O "O3'" . DA  A 1 7  ? -4.782  -9.924  -9.839  1.00 22.60 ? 7   DA  A "O3'" 1 
ATOM 127  C "C2'" . DA  A 1 7  ? -3.273  -8.147  -10.347 1.00 24.86 ? 7   DA  A "C2'" 1 
ATOM 128  C "C1'" . DA  A 1 7  ? -1.783  -8.438  -10.523 1.00 26.52 ? 7   DA  A "C1'" 1 
ATOM 129  N N9    . DA  A 1 7  ? -1.045  -7.267  -10.973 1.00 27.10 ? 7   DA  A N9    1 
ATOM 130  C C8    . DA  A 1 7  ? -1.395  -6.405  -11.972 1.00 27.65 ? 7   DA  A C8    1 
ATOM 131  N N7    . DA  A 1 7  ? -0.559  -5.413  -12.120 1.00 28.19 ? 7   DA  A N7    1 
ATOM 132  C C5    . DA  A 1 7  ? 0.402   -5.628  -11.144 1.00 27.89 ? 7   DA  A C5    1 
ATOM 133  C C6    . DA  A 1 7  ? 1.580   -4.927  -10.780 1.00 28.10 ? 7   DA  A C6    1 
ATOM 134  N N6    . DA  A 1 7  ? 2.011   -3.812  -11.398 1.00 27.69 ? 7   DA  A N6    1 
ATOM 135  N N1    . DA  A 1 7  ? 2.318   -5.420  -9.756  1.00 27.37 ? 7   DA  A N1    1 
ATOM 136  C C2    . DA  A 1 7  ? 1.903   -6.537  -9.154  1.00 27.25 ? 7   DA  A C2    1 
ATOM 137  N N3    . DA  A 1 7  ? 0.825   -7.280  -9.402  1.00 27.62 ? 7   DA  A N3    1 
ATOM 138  C C4    . DA  A 1 7  ? 0.109   -6.765  -10.420 1.00 27.88 ? 7   DA  A C4    1 
ATOM 139  P P     . DT  A 1 8  ? -6.210  -9.267  -9.553  1.00 21.33 ? 8   DT  A P     1 
ATOM 140  O OP1   . DT  A 1 8  ? -7.122  -10.388 -9.277  1.00 22.51 ? 8   DT  A OP1   1 
ATOM 141  O OP2   . DT  A 1 8  ? -6.552  -8.223  -10.535 1.00 22.11 ? 8   DT  A OP2   1 
ATOM 142  O "O5'" . DT  A 1 8  ? -5.954  -8.432  -8.213  1.00 21.88 ? 8   DT  A "O5'" 1 
ATOM 143  C "C5'" . DT  A 1 8  ? -5.679  -9.068  -6.988  1.00 20.64 ? 8   DT  A "C5'" 1 
ATOM 144  C "C4'" . DT  A 1 8  ? -5.084  -8.036  -6.080  1.00 21.02 ? 8   DT  A "C4'" 1 
ATOM 145  O "O4'" . DT  A 1 8  ? -3.919  -7.446  -6.704  1.00 21.03 ? 8   DT  A "O4'" 1 
ATOM 146  C "C3'" . DT  A 1 8  ? -6.020  -6.870  -5.896  1.00 21.92 ? 8   DT  A "C3'" 1 
ATOM 147  O "O3'" . DT  A 1 8  ? -6.968  -7.200  -4.889  1.00 20.84 ? 8   DT  A "O3'" 1 
ATOM 148  C "C2'" . DT  A 1 8  ? -5.062  -5.710  -5.575  1.00 21.96 ? 8   DT  A "C2'" 1 
ATOM 149  C "C1'" . DT  A 1 8  ? -3.712  -6.168  -6.130  1.00 21.74 ? 8   DT  A "C1'" 1 
ATOM 150  N N1    . DT  A 1 8  ? -3.000  -5.325  -7.153  1.00 21.80 ? 8   DT  A N1    1 
ATOM 151  C C2    . DT  A 1 8  ? -1.790  -4.709  -6.856  1.00 21.70 ? 8   DT  A C2    1 
ATOM 152  O O2    . DT  A 1 8  ? -1.264  -4.763  -5.774  1.00 23.32 ? 8   DT  A O2    1 
ATOM 153  N N3    . DT  A 1 8  ? -1.204  -3.977  -7.843  1.00 21.05 ? 8   DT  A N3    1 
ATOM 154  C C4    . DT  A 1 8  ? -1.704  -3.846  -9.130  1.00 23.85 ? 8   DT  A C4    1 
ATOM 155  O O4    . DT  A 1 8  ? -1.130  -3.185  -9.999  1.00 23.72 ? 8   DT  A O4    1 
ATOM 156  C C5    . DT  A 1 8  ? -2.958  -4.526  -9.400  1.00 24.00 ? 8   DT  A C5    1 
ATOM 157  C C7    . DT  A 1 8  ? -3.721  -4.253  -10.673 1.00 23.61 ? 8   DT  A C7    1 
ATOM 158  C C6    . DT  A 1 8  ? -3.526  -5.222  -8.406  1.00 23.30 ? 8   DT  A C6    1 
ATOM 159  P P     . DT  A 1 9  ? -8.273  -6.314  -4.827  1.00 22.06 ? 9   DT  A P     1 
ATOM 160  O OP1   . DT  A 1 9  ? -9.348  -6.977  -4.060  1.00 25.91 ? 9   DT  A OP1   1 
ATOM 161  O OP2   . DT  A 1 9  ? -8.577  -5.775  -6.147  1.00 24.64 ? 9   DT  A OP2   1 
ATOM 162  O "O5'" . DT  A 1 9  ? -7.714  -5.089  -3.940  1.00 23.34 ? 9   DT  A "O5'" 1 
ATOM 163  C "C5'" . DT  A 1 9  ? -7.665  -5.166  -2.533  1.00 18.06 ? 9   DT  A "C5'" 1 
ATOM 164  C "C4'" . DT  A 1 9  ? -7.350  -3.769  -2.108  1.00 19.15 ? 9   DT  A "C4'" 1 
ATOM 165  O "O4'" . DT  A 1 9  ? -6.400  -3.174  -3.015  1.00 20.16 ? 9   DT  A "O4'" 1 
ATOM 166  C "C3'" . DT  A 1 9  ? -8.562  -2.846  -2.126  1.00 19.19 ? 9   DT  A "C3'" 1 
ATOM 167  O "O3'" . DT  A 1 9  ? -8.608  -2.337  -0.815  1.00 20.14 ? 9   DT  A "O3'" 1 
ATOM 168  C "C2'" . DT  A 1 9  ? -8.308  -1.771  -3.187  1.00 17.89 ? 9   DT  A "C2'" 1 
ATOM 169  C "C1'" . DT  A 1 9  ? -6.810  -1.849  -3.392  1.00 19.25 ? 9   DT  A "C1'" 1 
ATOM 170  N N1    . DT  A 1 9  ? -6.269  -1.655  -4.758  1.00 18.53 ? 9   DT  A N1    1 
ATOM 171  C C2    . DT  A 1 9  ? -5.275  -0.730  -4.935  1.00 19.88 ? 9   DT  A C2    1 
ATOM 172  O O2    . DT  A 1 9  ? -4.844  -0.012  -4.059  1.00 21.02 ? 9   DT  A O2    1 
ATOM 173  N N3    . DT  A 1 9  ? -4.783  -0.647  -6.210  1.00 20.59 ? 9   DT  A N3    1 
ATOM 174  C C4    . DT  A 1 9  ? -5.167  -1.377  -7.321  1.00 19.76 ? 9   DT  A C4    1 
ATOM 175  O O4    . DT  A 1 9  ? -4.634  -1.201  -8.419  1.00 20.22 ? 9   DT  A O4    1 
ATOM 176  C C5    . DT  A 1 9  ? -6.215  -2.343  -7.092  1.00 19.20 ? 9   DT  A C5    1 
ATOM 177  C C7    . DT  A 1 9  ? -6.962  -2.907  -8.277  1.00 15.55 ? 9   DT  A C7    1 
ATOM 178  C C6    . DT  A 1 9  ? -6.686  -2.447  -5.824  1.00 18.76 ? 9   DT  A C6    1 
ATOM 179  P P     . DG  A 1 10 ? -9.650  -1.211  -0.425  1.00 24.49 ? 10  DG  A P     1 
ATOM 180  O OP1   . DG  A 1 10 ? -9.862  -1.228  1.054   1.00 24.89 ? 10  DG  A OP1   1 
ATOM 181  O OP2   . DG  A 1 10 ? -10.826 -1.401  -1.360  1.00 25.13 ? 10  DG  A OP2   1 
ATOM 182  O "O5'" . DG  A 1 10 ? -8.861  0.134   -0.787  1.00 19.93 ? 10  DG  A "O5'" 1 
ATOM 183  C "C5'" . DG  A 1 10 ? -7.861  0.691   0.049   1.00 20.71 ? 10  DG  A "C5'" 1 
ATOM 184  C "C4'" . DG  A 1 10 ? -7.410  2.003   -0.596  1.00 22.76 ? 10  DG  A "C4'" 1 
ATOM 185  O "O4'" . DG  A 1 10 ? -6.961  1.827   -1.987  1.00 21.86 ? 10  DG  A "O4'" 1 
ATOM 186  C "C3'" . DG  A 1 10 ? -8.506  3.068   -0.615  1.00 19.05 ? 10  DG  A "C3'" 1 
ATOM 187  O "O3'" . DG  A 1 10 ? -7.895  4.225   -0.292  1.00 17.83 ? 10  DG  A "O3'" 1 
ATOM 188  C "C2'" . DG  A 1 10 ? -8.924  3.070   -2.075  1.00 19.77 ? 10  DG  A "C2'" 1 
ATOM 189  C "C1'" . DG  A 1 10 ? -7.627  2.768   -2.800  1.00 20.99 ? 10  DG  A "C1'" 1 
ATOM 190  N N9    . DG  A 1 10 ? -7.766  2.210   -4.155  1.00 21.91 ? 10  DG  A N9    1 
ATOM 191  C C8    . DG  A 1 10 ? -8.685  1.295   -4.615  1.00 21.19 ? 10  DG  A C8    1 
ATOM 192  N N7    . DG  A 1 10 ? -8.547  0.991   -5.882  1.00 20.70 ? 10  DG  A N7    1 
ATOM 193  C C5    . DG  A 1 10 ? -7.450  1.761   -6.281  1.00 20.77 ? 10  DG  A C5    1 
ATOM 194  C C6    . DG  A 1 10 ? -6.813  1.865   -7.545  1.00 21.17 ? 10  DG  A C6    1 
ATOM 195  O O6    . DG  A 1 10 ? -7.116  1.283   -8.609  1.00 21.91 ? 10  DG  A O6    1 
ATOM 196  N N1    . DG  A 1 10 ? -5.739  2.749   -7.527  1.00 20.02 ? 10  DG  A N1    1 
ATOM 197  C C2    . DG  A 1 10 ? -5.351  3.489   -6.449  1.00 20.14 ? 10  DG  A C2    1 
ATOM 198  N N2    . DG  A 1 10 ? -4.298  4.295   -6.636  1.00 19.07 ? 10  DG  A N2    1 
ATOM 199  N N3    . DG  A 1 10 ? -5.938  3.402   -5.256  1.00 21.70 ? 10  DG  A N3    1 
ATOM 200  C C4    . DG  A 1 10 ? -6.971  2.519   -5.244  1.00 21.01 ? 10  DG  A C4    1 
ATOM 201  P P     . DT  A 1 11 ? -8.638  5.523   0.284   1.00 20.51 ? 11  DT  A P     1 
ATOM 202  O OP1   . DT  A 1 11 ? -7.867  6.024   1.459   1.00 22.59 ? 11  DT  A OP1   1 
ATOM 203  O OP2   . DT  A 1 11 ? -10.087 5.329   0.351   1.00 20.76 ? 11  DT  A OP2   1 
ATOM 204  O "O5'" . DT  A 1 11 ? -8.335  6.562   -0.884  1.00 20.02 ? 11  DT  A "O5'" 1 
ATOM 205  C "C5'" . DT  A 1 11 ? -7.006  7.008   -1.130  1.00 15.29 ? 11  DT  A "C5'" 1 
ATOM 206  C "C4'" . DT  A 1 11 ? -7.023  7.855   -2.389  1.00 16.73 ? 11  DT  A "C4'" 1 
ATOM 207  O "O4'" . DT  A 1 11 ? -7.083  6.988   -3.562  1.00 17.84 ? 11  DT  A "O4'" 1 
ATOM 208  C "C3'" . DT  A 1 11 ? -8.181  8.836   -2.562  1.00 15.29 ? 11  DT  A "C3'" 1 
ATOM 209  O "O3'" . DT  A 1 11 ? -7.641  9.998   -3.128  1.00 15.93 ? 11  DT  A "O3'" 1 
ATOM 210  C "C2'" . DT  A 1 11 ? -9.054  8.113   -3.572  1.00 16.57 ? 11  DT  A "C2'" 1 
ATOM 211  C "C1'" . DT  A 1 11 ? -7.986  7.513   -4.493  1.00 18.05 ? 11  DT  A "C1'" 1 
ATOM 212  N N1    . DT  A 1 11 ? -8.452  6.425   -5.433  1.00 18.69 ? 11  DT  A N1    1 
ATOM 213  C C2    . DT  A 1 11 ? -7.871  6.254   -6.667  1.00 19.02 ? 11  DT  A C2    1 
ATOM 214  O O2    . DT  A 1 11 ? -6.964  6.952   -7.045  1.00 19.77 ? 11  DT  A O2    1 
ATOM 215  N N3    . DT  A 1 11 ? -8.377  5.235   -7.453  1.00 19.87 ? 11  DT  A N3    1 
ATOM 216  C C4    . DT  A 1 11 ? -9.426  4.364   -7.137  1.00 19.10 ? 11  DT  A C4    1 
ATOM 217  O O4    . DT  A 1 11 ? -9.784  3.469   -7.920  1.00 16.28 ? 11  DT  A O4    1 
ATOM 218  C C5    . DT  A 1 11 ? -9.994  4.594   -5.799  1.00 19.25 ? 11  DT  A C5    1 
ATOM 219  C C7    . DT  A 1 11 ? -11.105 3.782   -5.196  1.00 15.70 ? 11  DT  A C7    1 
ATOM 220  C C6    . DT  A 1 11 ? -9.481  5.589   -5.047  1.00 20.32 ? 11  DT  A C6    1 
ATOM 221  P P     . DC  A 1 12 ? -8.288  11.450  -2.983  1.00 17.82 ? 12  DC  A P     1 
ATOM 222  O OP1   . DC  A 1 12 ? -7.458  12.291  -2.081  1.00 18.38 ? 12  DC  A OP1   1 
ATOM 223  O OP2   . DC  A 1 12 ? -9.755  11.307  -2.748  1.00 15.37 ? 12  DC  A OP2   1 
ATOM 224  O "O5'" . DC  A 1 12 ? -8.008  11.993  -4.453  1.00 18.54 ? 12  DC  A "O5'" 1 
ATOM 225  C "C5'" . DC  A 1 12 ? -6.708  12.274  -4.902  1.00 18.54 ? 12  DC  A "C5'" 1 
ATOM 226  C "C4'" . DC  A 1 12 ? -6.769  12.076  -6.403  1.00 20.60 ? 12  DC  A "C4'" 1 
ATOM 227  O "O4'" . DC  A 1 12 ? -7.285  10.754  -6.730  1.00 20.97 ? 12  DC  A "O4'" 1 
ATOM 228  C "C3'" . DC  A 1 12 ? -7.730  13.036  -7.051  1.00 18.72 ? 12  DC  A "C3'" 1 
ATOM 229  O "O3'" . DC  A 1 12 ? -6.921  13.939  -7.708  1.00 17.67 ? 12  DC  A "O3'" 1 
ATOM 230  C "C2'" . DC  A 1 12 ? -8.567  12.175  -8.000  1.00 18.77 ? 12  DC  A "C2'" 1 
ATOM 231  C "C1'" . DC  A 1 12 ? -7.899  10.802  -7.984  1.00 19.55 ? 12  DC  A "C1'" 1 
ATOM 232  N N1    . DC  A 1 12 ? -8.893  9.669   -8.073  1.00 20.13 ? 12  DC  A N1    1 
ATOM 233  C C2    . DC  A 1 12 ? -8.948  8.852   -9.198  1.00 19.94 ? 12  DC  A C2    1 
ATOM 234  O O2    . DC  A 1 12 ? -8.161  9.049   -10.121 1.00 21.85 ? 12  DC  A O2    1 
ATOM 235  N N3    . DC  A 1 12 ? -9.863  7.860   -9.277  1.00 20.35 ? 12  DC  A N3    1 
ATOM 236  C C4    . DC  A 1 12 ? -10.706 7.668   -8.275  1.00 21.24 ? 12  DC  A C4    1 
ATOM 237  N N4    . DC  A 1 12 ? -11.585 6.676   -8.399  1.00 20.42 ? 12  DC  A N4    1 
ATOM 238  C C5    . DC  A 1 12 ? -10.685 8.484   -7.105  1.00 21.90 ? 12  DC  A C5    1 
ATOM 239  C C6    . DC  A 1 12 ? -9.776  9.457   -7.054  1.00 21.46 ? 12  DC  A C6    1 
ATOM 240  P P     . DC  A 1 13 ? -7.655  15.013  -8.619  1.00 19.55 ? 13  DC  A P     1 
ATOM 241  O OP1   . DC  A 1 13 ? -6.712  16.131  -8.822  1.00 20.76 ? 13  DC  A OP1   1 
ATOM 242  O OP2   . DC  A 1 13 ? -9.009  15.270  -8.059  1.00 19.49 ? 13  DC  A OP2   1 
ATOM 243  O "O5'" . DC  A 1 13 ? -7.838  14.264  -10.007 1.00 17.71 ? 13  DC  A "O5'" 1 
ATOM 244  C "C5'" . DC  A 1 13 ? -6.706  13.828  -10.718 1.00 17.80 ? 13  DC  A "C5'" 1 
ATOM 245  C "C4'" . DC  A 1 13 ? -7.146  13.409  -12.106 1.00 19.12 ? 13  DC  A "C4'" 1 
ATOM 246  O "O4'" . DC  A 1 13 ? -8.037  12.263  -12.068 1.00 19.73 ? 13  DC  A "O4'" 1 
ATOM 247  C "C3'" . DC  A 1 13 ? -7.936  14.463  -12.840 1.00 19.44 ? 13  DC  A "C3'" 1 
ATOM 248  O "O3'" . DC  A 1 13 ? -7.589  14.287  -14.186 1.00 20.38 ? 13  DC  A "O3'" 1 
ATOM 249  C "C2'" . DC  A 1 13 ? -9.377  14.065  -12.533 1.00 19.67 ? 13  DC  A "C2'" 1 
ATOM 250  C "C1'" . DC  A 1 13 ? -9.256  12.566  -12.697 1.00 20.36 ? 13  DC  A "C1'" 1 
ATOM 251  N N1    . DC  A 1 13 ? -10.268 11.757  -11.996 1.00 21.71 ? 13  DC  A N1    1 
ATOM 252  C C2    . DC  A 1 13 ? -10.807 10.613  -12.609 1.00 22.52 ? 13  DC  A C2    1 
ATOM 253  O O2    . DC  A 1 13 ? -10.453 10.292  -13.755 1.00 21.73 ? 13  DC  A O2    1 
ATOM 254  N N3    . DC  A 1 13 ? -11.723 9.881   -11.913 1.00 22.33 ? 13  DC  A N3    1 
ATOM 255  C C4    . DC  A 1 13 ? -12.102 10.244  -10.677 1.00 22.20 ? 13  DC  A C4    1 
ATOM 256  N N4    . DC  A 1 13 ? -13.023 9.496   -10.039 1.00 22.91 ? 13  DC  A N4    1 
ATOM 257  C C5    . DC  A 1 13 ? -11.557 11.388  -10.036 1.00 22.03 ? 13  DC  A C5    1 
ATOM 258  C C6    . DC  A 1 13 ? -10.655 12.096  -10.730 1.00 23.30 ? 13  DC  A C6    1 
ATOM 259  P P     . DT  A 1 14 ? -7.946  15.371  -15.309 1.00 21.54 ? 14  DT  A P     1 
ATOM 260  O OP1   . DT  A 1 14 ? -6.774  15.373  -16.221 1.00 21.08 ? 14  DT  A OP1   1 
ATOM 261  O OP2   . DT  A 1 14 ? -8.497  16.619  -14.710 1.00 18.85 ? 14  DT  A OP2   1 
ATOM 262  O "O5'" . DT  A 1 14 ? -9.074  14.591  -16.085 1.00 20.52 ? 14  DT  A "O5'" 1 
ATOM 263  C "C5'" . DT  A 1 14 ? -8.625  13.343  -16.610 1.00 21.08 ? 14  DT  A "C5'" 1 
ATOM 264  C "C4'" . DT  A 1 14 ? -9.628  12.864  -17.623 1.00 20.91 ? 14  DT  A "C4'" 1 
ATOM 265  O "O4'" . DT  A 1 14 ? -10.648 12.080  -16.963 1.00 19.65 ? 14  DT  A "O4'" 1 
ATOM 266  C "C3'" . DT  A 1 14 ? -10.372 13.992  -18.312 1.00 21.49 ? 14  DT  A "C3'" 1 
ATOM 267  O "O3'" . DT  A 1 14 ? -10.824 13.440  -19.513 1.00 23.26 ? 14  DT  A "O3'" 1 
ATOM 268  C "C2'" . DT  A 1 14 ? -11.539 14.257  -17.363 1.00 21.19 ? 14  DT  A "C2'" 1 
ATOM 269  C "C1'" . DT  A 1 14 ? -11.862 12.809  -16.967 1.00 21.53 ? 14  DT  A "C1'" 1 
ATOM 270  N N1    . DT  A 1 14 ? -12.583 12.569  -15.670 1.00 21.51 ? 14  DT  A N1    1 
ATOM 271  C C2    . DT  A 1 14 ? -13.320 11.412  -15.618 1.00 21.73 ? 14  DT  A C2    1 
ATOM 272  O O2    . DT  A 1 14 ? -13.395 10.621  -16.539 1.00 22.22 ? 14  DT  A O2    1 
ATOM 273  N N3    . DT  A 1 14 ? -13.974 11.203  -14.441 1.00 21.64 ? 14  DT  A N3    1 
ATOM 274  C C4    . DT  A 1 14 ? -13.974 12.019  -13.331 1.00 21.16 ? 14  DT  A C4    1 
ATOM 275  O O4    . DT  A 1 14 ? -14.625 11.690  -12.344 1.00 21.50 ? 14  DT  A O4    1 
ATOM 276  C C5    . DT  A 1 14 ? -13.181 13.230  -13.432 1.00 21.02 ? 14  DT  A C5    1 
ATOM 277  C C7    . DT  A 1 14 ? -13.068 14.178  -12.270 1.00 20.37 ? 14  DT  A C7    1 
ATOM 278  C C6    . DT  A 1 14 ? -12.529 13.446  -14.589 1.00 21.36 ? 14  DT  A C6    1 
ATOM 279  P P     . DG  A 1 15 ? -11.067 14.379  -20.766 1.00 24.24 ? 15  DG  A P     1 
ATOM 280  O OP1   . DG  A 1 15 ? -9.723  14.592  -21.343 1.00 24.37 ? 15  DG  A OP1   1 
ATOM 281  O OP2   . DG  A 1 15 ? -11.878 15.565  -20.365 1.00 22.71 ? 15  DG  A OP2   1 
ATOM 282  O "O5'" . DG  A 1 15 ? -11.947 13.390  -21.686 1.00 24.99 ? 15  DG  A "O5'" 1 
ATOM 283  C "C5'" . DG  A 1 15 ? -11.403 12.182  -22.240 1.00 25.39 ? 15  DG  A "C5'" 1 
ATOM 284  C "C4'" . DG  A 1 15 ? -12.462 11.121  -22.465 1.00 25.29 ? 15  DG  A "C4'" 1 
ATOM 285  O "O4'" . DG  A 1 15 ? -13.157 10.835  -21.231 1.00 26.67 ? 15  DG  A "O4'" 1 
ATOM 286  C "C3'" . DG  A 1 15 ? -13.547 11.523  -23.431 1.00 24.95 ? 15  DG  A "C3'" 1 
ATOM 287  O "O3'" . DG  A 1 15 ? -13.991 10.400  -24.156 1.00 22.95 ? 15  DG  A "O3'" 1 
ATOM 288  C "C2'" . DG  A 1 15 ? -14.645 12.077  -22.519 1.00 26.55 ? 15  DG  A "C2'" 1 
ATOM 289  C "C1'" . DG  A 1 15 ? -14.526 11.181  -21.312 1.00 28.74 ? 15  DG  A "C1'" 1 
ATOM 290  N N9    . DG  A 1 15 ? -14.852 11.859  -20.061 1.00 30.36 ? 15  DG  A N9    1 
ATOM 291  C C8    . DG  A 1 15 ? -14.325 13.057  -19.634 1.00 30.63 ? 15  DG  A C8    1 
ATOM 292  N N7    . DG  A 1 15 ? -14.767 13.448  -18.466 1.00 30.94 ? 15  DG  A N7    1 
ATOM 293  C C5    . DG  A 1 15 ? -15.641 12.442  -18.079 1.00 30.56 ? 15  DG  A C5    1 
ATOM 294  C C6    . DG  A 1 15 ? -16.417 12.327  -16.894 1.00 30.10 ? 15  DG  A C6    1 
ATOM 295  O O6    . DG  A 1 15 ? -16.463 13.122  -15.943 1.00 29.71 ? 15  DG  A O6    1 
ATOM 296  N N1    . DG  A 1 15 ? -17.190 11.158  -16.881 1.00 29.91 ? 15  DG  A N1    1 
ATOM 297  C C2    . DG  A 1 15 ? -17.198 10.218  -17.888 1.00 29.89 ? 15  DG  A C2    1 
ATOM 298  N N2    . DG  A 1 15 ? -17.999 9.161   -17.701 1.00 30.01 ? 15  DG  A N2    1 
ATOM 299  N N3    . DG  A 1 15 ? -16.466 10.310  -19.000 1.00 30.28 ? 15  DG  A N3    1 
ATOM 300  C C4    . DG  A 1 15 ? -15.708 11.447  -19.041 1.00 30.88 ? 15  DG  A C4    1 
ATOM 301  P P     . DG  A 1 16 ? -15.151 10.620  -25.239 1.00 21.60 ? 16  DG  A P     1 
ATOM 302  O OP1   . DG  A 1 16 ? -14.932 9.707   -26.381 1.00 21.47 ? 16  DG  A OP1   1 
ATOM 303  O OP2   . DG  A 1 16 ? -15.212 12.065  -25.513 1.00 21.60 ? 16  DG  A OP2   1 
ATOM 304  O "O5'" . DG  A 1 16 ? -16.493 10.205  -24.472 1.00 20.97 ? 16  DG  A "O5'" 1 
ATOM 305  C "C5'" . DG  A 1 16 ? -17.719 10.295  -25.196 1.00 21.94 ? 16  DG  A "C5'" 1 
ATOM 306  C "C4'" . DG  A 1 16 ? -18.872 9.600   -24.495 1.00 22.35 ? 16  DG  A "C4'" 1 
ATOM 307  O "O4'" . DG  A 1 16 ? -18.692 9.748   -23.074 1.00 23.41 ? 16  DG  A "O4'" 1 
ATOM 308  C "C3'" . DG  A 1 16 ? -20.265 10.129  -24.830 1.00 23.31 ? 16  DG  A "C3'" 1 
ATOM 309  O "O3'" . DG  A 1 16 ? -21.129 9.071   -25.238 1.00 22.98 ? 16  DG  A "O3'" 1 
ATOM 310  C "C2'" . DG  A 1 16 ? -20.772 10.797  -23.549 1.00 23.48 ? 16  DG  A "C2'" 1 
ATOM 311  C "C1'" . DG  A 1 16 ? -19.799 10.371  -22.459 1.00 23.98 ? 16  DG  A "C1'" 1 
ATOM 312  N N9    . DG  A 1 16 ? -19.276 11.467  -21.636 1.00 24.71 ? 16  DG  A N9    1 
ATOM 313  C C8    . DG  A 1 16 ? -18.353 12.422  -22.018 1.00 24.84 ? 16  DG  A C8    1 
ATOM 314  N N7    . DG  A 1 16 ? -18.062 13.278  -21.074 1.00 24.98 ? 16  DG  A N7    1 
ATOM 315  C C5    . DG  A 1 16 ? -18.836 12.868  -19.986 1.00 24.43 ? 16  DG  A C5    1 
ATOM 316  C C6    . DG  A 1 16 ? -18.952 13.416  -18.675 1.00 23.93 ? 16  DG  A C6    1 
ATOM 317  O O6    . DG  A 1 16 ? -18.368 14.398  -18.201 1.00 24.09 ? 16  DG  A O6    1 
ATOM 318  N N1    . DG  A 1 16 ? -19.848 12.708  -17.865 1.00 24.16 ? 16  DG  A N1    1 
ATOM 319  C C2    . DG  A 1 16 ? -20.562 11.600  -18.286 1.00 24.56 ? 16  DG  A C2    1 
ATOM 320  N N2    . DG  A 1 16 ? -21.381 11.038  -17.373 1.00 24.44 ? 16  DG  A N2    1 
ATOM 321  N N3    . DG  A 1 16 ? -20.470 11.080  -19.518 1.00 23.94 ? 16  DG  A N3    1 
ATOM 322  C C4    . DG  A 1 16 ? -19.589 11.754  -20.316 1.00 24.29 ? 16  DG  A C4    1 
ATOM 323  O "O5'" . DC  B 2 1  ? -25.766 15.561  -10.725 1.00 35.86 ? 1   DC  B "O5'" 1 
ATOM 324  C "C5'" . DC  B 2 1  ? -24.524 14.920  -10.324 1.00 34.16 ? 1   DC  B "C5'" 1 
ATOM 325  C "C4'" . DC  B 2 1  ? -24.499 13.462  -10.777 1.00 34.11 ? 1   DC  B "C4'" 1 
ATOM 326  O "O4'" . DC  B 2 1  ? -23.842 13.301  -12.063 1.00 33.41 ? 1   DC  B "O4'" 1 
ATOM 327  C "C3'" . DC  B 2 1  ? -23.811 12.450  -9.864  1.00 33.86 ? 1   DC  B "C3'" 1 
ATOM 328  O "O3'" . DC  B 2 1  ? -24.641 11.284  -9.983  1.00 34.44 ? 1   DC  B "O3'" 1 
ATOM 329  C "C2'" . DC  B 2 1  ? -22.401 12.370  -10.454 1.00 32.77 ? 1   DC  B "C2'" 1 
ATOM 330  C "C1'" . DC  B 2 1  ? -22.674 12.507  -11.949 1.00 32.96 ? 1   DC  B "C1'" 1 
ATOM 331  N N1    . DC  B 2 1  ? -21.672 13.224  -12.789 1.00 32.94 ? 1   DC  B N1    1 
ATOM 332  C C2    . DC  B 2 1  ? -21.457 12.794  -14.118 1.00 32.90 ? 1   DC  B C2    1 
ATOM 333  O O2    . DC  B 2 1  ? -22.076 11.818  -14.558 1.00 33.90 ? 1   DC  B O2    1 
ATOM 334  N N3    . DC  B 2 1  ? -20.574 13.460  -14.905 1.00 32.95 ? 1   DC  B N3    1 
ATOM 335  C C4    . DC  B 2 1  ? -19.909 14.518  -14.406 1.00 33.66 ? 1   DC  B C4    1 
ATOM 336  N N4    . DC  B 2 1  ? -19.040 15.139  -15.217 1.00 32.96 ? 1   DC  B N4    1 
ATOM 337  C C5    . DC  B 2 1  ? -20.109 14.977  -13.050 1.00 34.05 ? 1   DC  B C5    1 
ATOM 338  C C6    . DC  B 2 1  ? -20.996 14.312  -12.289 1.00 33.92 ? 1   DC  B C6    1 
ATOM 339  P P     . DC  B 2 2  ? -24.181 9.757   -10.004 1.00 34.68 ? 2   DC  B P     1 
ATOM 340  O OP1   . DC  B 2 2  ? -25.402 8.979   -9.691  1.00 34.67 ? 2   DC  B OP1   1 
ATOM 341  O OP2   . DC  B 2 2  ? -22.965 9.569   -9.168  1.00 33.87 ? 2   DC  B OP2   1 
ATOM 342  O "O5'" . DC  B 2 2  ? -23.809 9.567   -11.552 1.00 36.08 ? 2   DC  B "O5'" 1 
ATOM 343  C "C5'" . DC  B 2 2  ? -24.162 8.361   -12.254 1.00 37.56 ? 2   DC  B "C5'" 1 
ATOM 344  C "C4'" . DC  B 2 2  ? -22.948 7.665   -12.839 1.00 36.77 ? 2   DC  B "C4'" 1 
ATOM 345  O "O4'" . DC  B 2 2  ? -22.000 8.627   -13.384 1.00 36.50 ? 2   DC  B "O4'" 1 
ATOM 346  C "C3'" . DC  B 2 2  ? -22.135 6.850   -11.839 1.00 36.49 ? 2   DC  B "C3'" 1 
ATOM 347  O "O3'" . DC  B 2 2  ? -21.583 5.750   -12.552 1.00 37.97 ? 2   DC  B "O3'" 1 
ATOM 348  C "C2'" . DC  B 2 2  ? -21.038 7.815   -11.411 1.00 34.38 ? 2   DC  B "C2'" 1 
ATOM 349  C "C1'" . DC  B 2 2  ? -20.728 8.334   -12.807 1.00 33.96 ? 2   DC  B "C1'" 1 
ATOM 350  N N1    . DC  B 2 2  ? -19.824 9.523   -12.917 1.00 33.04 ? 2   DC  B N1    1 
ATOM 351  C C2    . DC  B 2 2  ? -19.246 9.817   -14.176 1.00 32.69 ? 2   DC  B C2    1 
ATOM 352  O O2    . DC  B 2 2  ? -19.490 9.100   -15.165 1.00 32.90 ? 2   DC  B O2    1 
ATOM 353  N N3    . DC  B 2 2  ? -18.420 10.888  -14.295 1.00 31.55 ? 2   DC  B N3    1 
ATOM 354  C C4    . DC  B 2 2  ? -18.169 11.653  -13.233 1.00 32.01 ? 2   DC  B C4    1 
ATOM 355  N N4    . DC  B 2 2  ? -17.352 12.691  -13.415 1.00 32.14 ? 2   DC  B N4    1 
ATOM 356  C C5    . DC  B 2 2  ? -18.743 11.374  -11.943 1.00 33.00 ? 2   DC  B C5    1 
ATOM 357  C C6    . DC  B 2 2  ? -19.558 10.308  -11.827 1.00 32.72 ? 2   DC  B C6    1 
ATOM 358  P P     . DA  B 2 3  ? -21.879 4.253   -12.081 1.00 38.23 ? 3   DA  B P     1 
ATOM 359  O OP1   . DA  B 2 3  ? -23.344 4.091   -11.883 1.00 39.24 ? 3   DA  B OP1   1 
ATOM 360  O OP2   . DA  B 2 3  ? -20.888 4.000   -11.005 1.00 37.65 ? 3   DA  B OP2   1 
ATOM 361  O "O5'" . DA  B 2 3  ? -21.545 3.348   -13.358 1.00 37.68 ? 3   DA  B "O5'" 1 
ATOM 362  C "C5'" . DA  B 2 3  ? -21.837 3.783   -14.696 1.00 36.56 ? 3   DA  B "C5'" 1 
ATOM 363  C "C4'" . DA  B 2 3  ? -20.586 3.581   -15.548 1.00 34.67 ? 3   DA  B "C4'" 1 
ATOM 364  O "O4'" . DA  B 2 3  ? -19.670 4.687   -15.360 1.00 33.66 ? 3   DA  B "O4'" 1 
ATOM 365  C "C3'" . DA  B 2 3  ? -19.721 2.371   -15.209 1.00 33.66 ? 3   DA  B "C3'" 1 
ATOM 366  O "O3'" . DA  B 2 3  ? -18.964 2.021   -16.372 1.00 33.52 ? 3   DA  B "O3'" 1 
ATOM 367  C "C2'" . DA  B 2 3  ? -18.811 2.902   -14.097 1.00 32.77 ? 3   DA  B "C2'" 1 
ATOM 368  C "C1'" . DA  B 2 3  ? -18.472 4.241   -14.729 1.00 30.86 ? 3   DA  B "C1'" 1 
ATOM 369  N N9    . DA  B 2 3  ? -18.003 5.294   -13.837 1.00 30.16 ? 3   DA  B N9    1 
ATOM 370  C C8    . DA  B 2 3  ? -18.226 5.459   -12.498 1.00 30.02 ? 3   DA  B C8    1 
ATOM 371  N N7    . DA  B 2 3  ? -17.659 6.543   -12.014 1.00 30.10 ? 3   DA  B N7    1 
ATOM 372  C C5    . DA  B 2 3  ? -17.022 7.126   -13.102 1.00 29.21 ? 3   DA  B C5    1 
ATOM 373  C C6    . DA  B 2 3  ? -16.236 8.288   -13.269 1.00 29.00 ? 3   DA  B C6    1 
ATOM 374  N N6    . DA  B 2 3  ? -15.932 9.143   -12.295 1.00 29.32 ? 3   DA  B N6    1 
ATOM 375  N N1    . DA  B 2 3  ? -15.754 8.562   -14.498 1.00 29.74 ? 3   DA  B N1    1 
ATOM 376  C C2    . DA  B 2 3  ? -16.042 7.733   -15.509 1.00 30.23 ? 3   DA  B C2    1 
ATOM 377  N N3    . DA  B 2 3  ? -16.768 6.613   -15.479 1.00 29.83 ? 3   DA  B N3    1 
ATOM 378  C C4    . DA  B 2 3  ? -17.228 6.362   -14.233 1.00 29.87 ? 3   DA  B C4    1 
ATOM 379  P P     . DG  B 2 4  ? -18.253 0.591   -16.528 1.00 33.65 ? 4   DG  B P     1 
ATOM 380  O OP1   . DG  B 2 4  ? -18.873 -0.024  -17.738 1.00 33.79 ? 4   DG  B OP1   1 
ATOM 381  O OP2   . DG  B 2 4  ? -18.191 -0.090  -15.209 1.00 31.25 ? 4   DG  B OP2   1 
ATOM 382  O "O5'" . DG  B 2 4  ? -16.750 0.913   -16.920 1.00 34.04 ? 4   DG  B "O5'" 1 
ATOM 383  C "C5'" . DG  B 2 4  ? -16.482 1.494   -18.181 1.00 33.78 ? 4   DG  B "C5'" 1 
ATOM 384  C "C4'" . DG  B 2 4  ? -15.237 2.313   -17.971 1.00 33.58 ? 4   DG  B "C4'" 1 
ATOM 385  O "O4'" . DG  B 2 4  ? -15.396 3.148   -16.798 1.00 33.95 ? 4   DG  B "O4'" 1 
ATOM 386  C "C3'" . DG  B 2 4  ? -14.055 1.416   -17.650 1.00 33.68 ? 4   DG  B "C3'" 1 
ATOM 387  O "O3'" . DG  B 2 4  ? -13.047 1.738   -18.578 1.00 33.46 ? 4   DG  B "O3'" 1 
ATOM 388  C "C2'" . DG  B 2 4  ? -13.684 1.737   -16.196 1.00 33.37 ? 4   DG  B "C2'" 1 
ATOM 389  C "C1'" . DG  B 2 4  ? -14.140 3.185   -16.163 1.00 34.03 ? 4   DG  B "C1'" 1 
ATOM 390  N N9    . DG  B 2 4  ? -14.282 3.785   -14.854 1.00 33.86 ? 4   DG  B N9    1 
ATOM 391  C C8    . DG  B 2 4  ? -15.003 3.306   -13.788 1.00 34.63 ? 4   DG  B C8    1 
ATOM 392  N N7    . DG  B 2 4  ? -14.939 4.061   -12.727 1.00 34.43 ? 4   DG  B N7    1 
ATOM 393  C C5    . DG  B 2 4  ? -14.123 5.123   -13.111 1.00 35.17 ? 4   DG  B C5    1 
ATOM 394  C C6    . DG  B 2 4  ? -13.686 6.279   -12.381 1.00 35.15 ? 4   DG  B C6    1 
ATOM 395  O O6    . DG  B 2 4  ? -13.943 6.620   -11.205 1.00 34.25 ? 4   DG  B O6    1 
ATOM 396  N N1    . DG  B 2 4  ? -12.867 7.103   -13.161 1.00 34.51 ? 4   DG  B N1    1 
ATOM 397  C C2    . DG  B 2 4  ? -12.511 6.853   -14.469 1.00 34.43 ? 4   DG  B C2    1 
ATOM 398  N N2    . DG  B 2 4  ? -11.714 7.772   -15.027 1.00 34.14 ? 4   DG  B N2    1 
ATOM 399  N N3    . DG  B 2 4  ? -12.910 5.784   -15.169 1.00 34.63 ? 4   DG  B N3    1 
ATOM 400  C C4    . DG  B 2 4  ? -13.716 4.965   -14.432 1.00 34.98 ? 4   DG  B C4    1 
ATOM 401  P P     . DG  B 2 5  ? -11.914 0.655   -18.887 1.00 34.56 ? 5   DG  B P     1 
ATOM 402  O OP1   . DG  B 2 5  ? -11.424 0.923   -20.266 1.00 32.14 ? 5   DG  B OP1   1 
ATOM 403  O OP2   . DG  B 2 5  ? -12.392 -0.701  -18.508 1.00 32.82 ? 5   DG  B OP2   1 
ATOM 404  O "O5'" . DG  B 2 5  ? -10.815 1.058   -17.797 1.00 32.33 ? 5   DG  B "O5'" 1 
ATOM 405  C "C5'" . DG  B 2 5  ? -9.561  1.362   -18.325 1.00 31.54 ? 5   DG  B "C5'" 1 
ATOM 406  C "C4'" . DG  B 2 5  ? -9.256  2.843   -18.253 1.00 30.72 ? 5   DG  B "C4'" 1 
ATOM 407  O "O4'" . DG  B 2 5  ? -10.145 3.564   -17.351 1.00 29.62 ? 5   DG  B "O4'" 1 
ATOM 408  C "C3'" . DG  B 2 5  ? -7.853  2.945   -17.676 1.00 30.71 ? 5   DG  B "C3'" 1 
ATOM 409  O "O3'" . DG  B 2 5  ? -7.007  3.784   -18.451 1.00 30.24 ? 5   DG  B "O3'" 1 
ATOM 410  C "C2'" . DG  B 2 5  ? -8.012  3.410   -16.230 1.00 29.56 ? 5   DG  B "C2'" 1 
ATOM 411  C "C1'" . DG  B 2 5  ? -9.395  4.062   -16.228 1.00 29.04 ? 5   DG  B "C1'" 1 
ATOM 412  N N9    . DG  B 2 5  ? -10.036 3.847   -14.918 1.00 27.82 ? 5   DG  B N9    1 
ATOM 413  C C8    . DG  B 2 5  ? -10.829 2.793   -14.545 1.00 27.56 ? 5   DG  B C8    1 
ATOM 414  N N7    . DG  B 2 5  ? -11.250 2.854   -13.317 1.00 27.57 ? 5   DG  B N7    1 
ATOM 415  C C5    . DG  B 2 5  ? -10.702 4.039   -12.830 1.00 28.61 ? 5   DG  B C5    1 
ATOM 416  C C6    . DG  B 2 5  ? -10.813 4.648   -11.541 1.00 28.81 ? 5   DG  B C6    1 
ATOM 417  O O6    . DG  B 2 5  ? -11.454 4.233   -10.551 1.00 28.23 ? 5   DG  B O6    1 
ATOM 418  N N1    . DG  B 2 5  ? -10.091 5.848   -11.454 1.00 28.01 ? 5   DG  B N1    1 
ATOM 419  C C2    . DG  B 2 5  ? -9.366  6.400   -12.490 1.00 27.87 ? 5   DG  B C2    1 
ATOM 420  N N2    . DG  B 2 5  ? -8.742  7.559   -12.239 1.00 27.15 ? 5   DG  B N2    1 
ATOM 421  N N3    . DG  B 2 5  ? -9.261  5.843   -13.698 1.00 28.00 ? 5   DG  B N3    1 
ATOM 422  C C4    . DG  B 2 5  ? -9.942  4.661   -13.803 1.00 28.26 ? 5   DG  B C4    1 
ATOM 423  P P     . DA  B 2 6  ? -5.458  3.394   -18.357 1.00 29.93 ? 6   DA  B P     1 
ATOM 424  O OP1   . DA  B 2 6  ? -4.896  3.682   -19.695 1.00 28.33 ? 6   DA  B OP1   1 
ATOM 425  O OP2   . DA  B 2 6  ? -5.342  2.058   -17.711 1.00 27.70 ? 6   DA  B OP2   1 
ATOM 426  O "O5'" . DA  B 2 6  ? -4.848  4.401   -17.270 1.00 28.12 ? 6   DA  B "O5'" 1 
ATOM 427  C "C5'" . DA  B 2 6  ? -4.879  5.822   -17.448 1.00 26.49 ? 6   DA  B "C5'" 1 
ATOM 428  C "C4'" . DA  B 2 6  ? -4.141  6.436   -16.262 1.00 25.93 ? 6   DA  B "C4'" 1 
ATOM 429  O "O4'" . DA  B 2 6  ? -4.943  6.469   -15.050 1.00 25.57 ? 6   DA  B "O4'" 1 
ATOM 430  C "C3'" . DA  B 2 6  ? -2.837  5.776   -15.856 1.00 24.85 ? 6   DA  B "C3'" 1 
ATOM 431  O "O3'" . DA  B 2 6  ? -1.979  6.825   -15.559 1.00 25.26 ? 6   DA  B "O3'" 1 
ATOM 432  C "C2'" . DA  B 2 6  ? -3.159  4.986   -14.596 1.00 23.56 ? 6   DA  B "C2'" 1 
ATOM 433  C "C1'" . DA  B 2 6  ? -4.322  5.759   -13.987 1.00 22.36 ? 6   DA  B "C1'" 1 
ATOM 434  N N9    . DA  B 2 6  ? -5.332  4.937   -13.307 1.00 21.45 ? 6   DA  B N9    1 
ATOM 435  C C8    . DA  B 2 6  ? -5.890  3.767   -13.760 1.00 21.47 ? 6   DA  B C8    1 
ATOM 436  N N7    . DA  B 2 6  ? -6.780  3.236   -12.934 1.00 20.96 ? 6   DA  B N7    1 
ATOM 437  C C5    . DA  B 2 6  ? -6.814  4.113   -11.861 1.00 20.29 ? 6   DA  B C5    1 
ATOM 438  C C6    . DA  B 2 6  ? -7.555  4.119   -10.661 1.00 21.33 ? 6   DA  B C6    1 
ATOM 439  N N6    . DA  B 2 6  ? -8.436  3.164   -10.333 1.00 22.33 ? 6   DA  B N6    1 
ATOM 440  N N1    . DA  B 2 6  ? -7.363  5.136   -9.796  1.00 20.49 ? 6   DA  B N1    1 
ATOM 441  C C2    . DA  B 2 6  ? -6.484  6.078   -10.143 1.00 20.99 ? 6   DA  B C2    1 
ATOM 442  N N3    . DA  B 2 6  ? -5.732  6.184   -11.245 1.00 20.41 ? 6   DA  B N3    1 
ATOM 443  C C4    . DA  B 2 6  ? -5.932  5.162   -12.075 1.00 20.31 ? 6   DA  B C4    1 
ATOM 444  P P     . DC  B 2 7  ? -0.410  6.645   -15.759 1.00 25.24 ? 7   DC  B P     1 
ATOM 445  O OP1   . DC  B 2 7  ? 0.207   7.938   -16.173 1.00 25.90 ? 7   DC  B OP1   1 
ATOM 446  O OP2   . DC  B 2 7  ? -0.216  5.415   -16.583 1.00 25.23 ? 7   DC  B OP2   1 
ATOM 447  O "O5'" . DC  B 2 7  ? 0.011   6.398   -14.256 1.00 20.93 ? 7   DC  B "O5'" 1 
ATOM 448  C "C5'" . DC  B 2 7  ? -0.251  7.385   -13.266 1.00 19.90 ? 7   DC  B "C5'" 1 
ATOM 449  C "C4'" . DC  B 2 7  ? -0.118  6.800   -11.860 1.00 17.65 ? 7   DC  B "C4'" 1 
ATOM 450  O "O4'" . DC  B 2 7  ? -1.322  6.086   -11.502 1.00 15.14 ? 7   DC  B "O4'" 1 
ATOM 451  C "C3'" . DC  B 2 7  ? 1.020   5.800   -11.677 1.00 16.54 ? 7   DC  B "C3'" 1 
ATOM 452  O "O3'" . DC  B 2 7  ? 1.591   6.009   -10.417 1.00 18.83 ? 7   DC  B "O3'" 1 
ATOM 453  C "C2'" . DC  B 2 7  ? 0.305   4.463   -11.698 1.00 15.86 ? 7   DC  B "C2'" 1 
ATOM 454  C "C1'" . DC  B 2 7  ? -0.951  4.849   -10.950 1.00 15.03 ? 7   DC  B "C1'" 1 
ATOM 455  N N1    . DC  B 2 7  ? -2.105  3.898   -10.999 1.00 15.06 ? 7   DC  B N1    1 
ATOM 456  C C2    . DC  B 2 7  ? -3.077  4.030   -9.989  1.00 16.93 ? 7   DC  B C2    1 
ATOM 457  O O2    . DC  B 2 7  ? -2.971  4.919   -9.125  1.00 15.66 ? 7   DC  B O2    1 
ATOM 458  N N3    . DC  B 2 7  ? -4.142  3.183   -9.997  1.00 17.77 ? 7   DC  B N3    1 
ATOM 459  C C4    . DC  B 2 7  ? -4.250  2.248   -10.940 1.00 16.10 ? 7   DC  B C4    1 
ATOM 460  N N4    . DC  B 2 7  ? -5.321  1.462   -10.851 1.00 16.13 ? 7   DC  B N4    1 
ATOM 461  C C5    . DC  B 2 7  ? -3.287  2.103   -11.986 1.00 14.19 ? 7   DC  B C5    1 
ATOM 462  C C6    . DC  B 2 7  ? -2.245  2.944   -11.965 1.00 13.54 ? 7   DC  B C6    1 
ATOM 463  P P     . DA  B 2 8  ? 2.629   7.205   -10.252 1.00 21.18 ? 8   DA  B P     1 
ATOM 464  O OP1   . DA  B 2 8  ? 1.976   8.456   -10.699 1.00 20.47 ? 8   DA  B OP1   1 
ATOM 465  O OP2   . DA  B 2 8  ? 3.923   6.842   -10.864 1.00 21.54 ? 8   DA  B OP2   1 
ATOM 466  O "O5'" . DA  B 2 8  ? 2.840   7.131   -8.667  1.00 22.56 ? 8   DA  B "O5'" 1 
ATOM 467  C "C5'" . DA  B 2 8  ? 3.476   5.979   -8.106  1.00 21.55 ? 8   DA  B "C5'" 1 
ATOM 468  C "C4'" . DA  B 2 8  ? 2.772   5.606   -6.829  1.00 20.96 ? 8   DA  B "C4'" 1 
ATOM 469  O "O4'" . DA  B 2 8  ? 1.427   5.284   -7.199  1.00 21.50 ? 8   DA  B "O4'" 1 
ATOM 470  C "C3'" . DA  B 2 8  ? 3.275   4.344   -6.162  1.00 20.59 ? 8   DA  B "C3'" 1 
ATOM 471  O "O3'" . DA  B 2 8  ? 4.101   4.664   -5.099  1.00 19.43 ? 8   DA  B "O3'" 1 
ATOM 472  C "C2'" . DA  B 2 8  ? 2.052   3.694   -5.559  1.00 19.70 ? 8   DA  B "C2'" 1 
ATOM 473  C "C1'" . DA  B 2 8  ? 0.922   4.265   -6.365  1.00 20.98 ? 8   DA  B "C1'" 1 
ATOM 474  N N9    . DA  B 2 8  ? 0.311   3.260   -7.213  1.00 22.18 ? 8   DA  B N9    1 
ATOM 475  C C8    . DA  B 2 8  ? 0.718   2.839   -8.449  1.00 21.90 ? 8   DA  B C8    1 
ATOM 476  N N7    . DA  B 2 8  ? -0.077  1.918   -8.954  1.00 23.42 ? 8   DA  B N7    1 
ATOM 477  C C5    . DA  B 2 8  ? -1.065  1.732   -7.999  1.00 22.74 ? 8   DA  B C5    1 
ATOM 478  C C6    . DA  B 2 8  ? -2.205  0.904   -7.920  1.00 22.08 ? 8   DA  B C6    1 
ATOM 479  N N6    . DA  B 2 8  ? -2.582  0.055   -8.868  1.00 21.21 ? 8   DA  B N6    1 
ATOM 480  N N1    . DA  B 2 8  ? -2.960  0.974   -6.798  1.00 22.45 ? 8   DA  B N1    1 
ATOM 481  C C2    . DA  B 2 8  ? -2.617  1.828   -5.822  1.00 22.02 ? 8   DA  B C2    1 
ATOM 482  N N3    . DA  B 2 8  ? -1.578  2.669   -5.792  1.00 21.77 ? 8   DA  B N3    1 
ATOM 483  C C4    . DA  B 2 8  ? -0.835  2.560   -6.911  1.00 22.91 ? 8   DA  B C4    1 
ATOM 484  P P     . DA  B 2 9  ? 5.606   4.219   -5.271  1.00 22.18 ? 9   DA  B P     1 
ATOM 485  O OP1   . DA  B 2 9  ? 6.407   4.837   -4.191  1.00 25.41 ? 9   DA  B OP1   1 
ATOM 486  O OP2   . DA  B 2 9  ? 5.970   4.476   -6.681  1.00 20.58 ? 9   DA  B OP2   1 
ATOM 487  O "O5'" . DA  B 2 9  ? 5.555   2.650   -4.917  1.00 21.30 ? 9   DA  B "O5'" 1 
ATOM 488  C "C5'" . DA  B 2 9  ? 4.791   2.165   -3.824  1.00 17.96 ? 9   DA  B "C5'" 1 
ATOM 489  C "C4'" . DA  B 2 9  ? 5.468   0.933   -3.256  1.00 19.38 ? 9   DA  B "C4'" 1 
ATOM 490  O "O4'" . DA  B 2 9  ? 4.789   -0.273  -3.675  1.00 17.63 ? 9   DA  B "O4'" 1 
ATOM 491  C "C3'" . DA  B 2 9  ? 6.926   0.749   -3.682  1.00 20.24 ? 9   DA  B "C3'" 1 
ATOM 492  O "O3'" . DA  B 2 9  ? 7.641   0.061   -2.618  1.00 21.48 ? 9   DA  B "O3'" 1 
ATOM 493  C "C2'" . DA  B 2 9  ? 6.794   -0.036  -4.994  1.00 20.40 ? 9   DA  B "C2'" 1 
ATOM 494  C "C1'" . DA  B 2 9  ? 5.468   -0.794  -4.828  1.00 21.34 ? 9   DA  B "C1'" 1 
ATOM 495  N N9    . DA  B 2 9  ? 4.529   -0.672  -5.953  1.00 21.82 ? 9   DA  B N9    1 
ATOM 496  C C8    . DA  B 2 9  ? 4.378   0.407   -6.793  1.00 22.01 ? 9   DA  B C8    1 
ATOM 497  N N7    . DA  B 2 9  ? 3.424   0.273   -7.674  1.00 22.02 ? 9   DA  B N7    1 
ATOM 498  C C5    . DA  B 2 9  ? 2.912   -0.993  -7.395  1.00 22.37 ? 9   DA  B C5    1 
ATOM 499  C C6    . DA  B 2 9  ? 1.875   -1.753  -7.987  1.00 21.49 ? 9   DA  B C6    1 
ATOM 500  N N6    . DA  B 2 9  ? 1.178   -1.264  -9.008  1.00 21.75 ? 9   DA  B N6    1 
ATOM 501  N N1    . DA  B 2 9  ? 1.580   -2.987  -7.499  1.00 20.29 ? 9   DA  B N1    1 
ATOM 502  C C2    . DA  B 2 9  ? 2.290   -3.436  -6.457  1.00 20.55 ? 9   DA  B C2    1 
ATOM 503  N N3    . DA  B 2 9  ? 3.292   -2.816  -5.812  1.00 21.49 ? 9   DA  B N3    1 
ATOM 504  C C4    . DA  B 2 9  ? 3.572   -1.594  -6.339  1.00 22.27 ? 9   DA  B C4    1 
ATOM 505  P P     . DT  B 2 10 ? 9.045   -0.715  -2.846  1.00 25.06 ? 10  DT  B P     1 
ATOM 506  O OP1   . DT  B 2 10 ? 9.520   -1.215  -1.521  1.00 22.76 ? 10  DT  B OP1   1 
ATOM 507  O OP2   . DT  B 2 10 ? 9.889   0.127   -3.733  1.00 23.08 ? 10  DT  B OP2   1 
ATOM 508  O "O5'" . DT  B 2 10 ? 8.612   -1.974  -3.721  1.00 23.61 ? 10  DT  B "O5'" 1 
ATOM 509  C "C5'" . DT  B 2 10 ? 8.246   -3.159  -3.075  1.00 22.59 ? 10  DT  B "C5'" 1 
ATOM 510  C "C4'" . DT  B 2 10 ? 7.957   -4.191  -4.128  1.00 23.36 ? 10  DT  B "C4'" 1 
ATOM 511  O "O4'" . DT  B 2 10 ? 6.963   -3.642  -5.016  1.00 22.49 ? 10  DT  B "O4'" 1 
ATOM 512  C "C3'" . DT  B 2 10 ? 9.104   -4.464  -5.096  1.00 22.84 ? 10  DT  B "C3'" 1 
ATOM 513  O "O3'" . DT  B 2 10 ? 9.984   -5.385  -4.562  1.00 23.56 ? 10  DT  B "O3'" 1 
ATOM 514  C "C2'" . DT  B 2 10 ? 8.388   -5.050  -6.304  1.00 22.69 ? 10  DT  B "C2'" 1 
ATOM 515  C "C1'" . DT  B 2 10 ? 6.951   -4.524  -6.125  1.00 21.20 ? 10  DT  B "C1'" 1 
ATOM 516  N N1    . DT  B 2 10 ? 6.307   -3.870  -7.318  1.00 19.78 ? 10  DT  B N1    1 
ATOM 517  C C2    . DT  B 2 10 ? 5.212   -4.491  -7.893  1.00 20.04 ? 10  DT  B C2    1 
ATOM 518  O O2    . DT  B 2 10 ? 4.746   -5.536  -7.495  1.00 19.90 ? 10  DT  B O2    1 
ATOM 519  N N3    . DT  B 2 10 ? 4.642   -3.855  -8.968  1.00 20.25 ? 10  DT  B N3    1 
ATOM 520  C C4    . DT  B 2 10 ? 5.077   -2.676  -9.531  1.00 20.93 ? 10  DT  B C4    1 
ATOM 521  O O4    . DT  B 2 10 ? 4.505   -2.205  -10.504 1.00 20.72 ? 10  DT  B O4    1 
ATOM 522  C C5    . DT  B 2 10 ? 6.238   -2.061  -8.900  1.00 21.38 ? 10  DT  B C5    1 
ATOM 523  C C7    . DT  B 2 10 ? 6.750   -0.722  -9.378  1.00 20.12 ? 10  DT  B C7    1 
ATOM 524  C C6    . DT  B 2 10 ? 6.792   -2.688  -7.833  1.00 20.80 ? 10  DT  B C6    1 
ATOM 525  P P     . DA  B 2 11 ? 11.564  -5.189  -4.812  1.00 24.75 ? 11  DA  B P     1 
ATOM 526  O OP1   . DA  B 2 11 ? 12.162  -4.992  -3.467  1.00 25.89 ? 11  DA  B OP1   1 
ATOM 527  O OP2   . DA  B 2 11 ? 11.747  -4.157  -5.856  1.00 22.47 ? 11  DA  B OP2   1 
ATOM 528  O "O5'" . DA  B 2 11 ? 12.068  -6.614  -5.328  1.00 21.75 ? 11  DA  B "O5'" 1 
ATOM 529  C "C5'" . DA  B 2 11 ? 11.386  -7.811  -4.998  1.00 22.26 ? 11  DA  B "C5'" 1 
ATOM 530  C "C4'" . DA  B 2 11 ? 11.312  -8.675  -6.240  1.00 22.51 ? 11  DA  B "C4'" 1 
ATOM 531  O "O4'" . DA  B 2 11 ? 10.317  -8.111  -7.135  1.00 22.40 ? 11  DA  B "O4'" 1 
ATOM 532  C "C3'" . DA  B 2 11 ? 12.596  -8.735  -7.062  1.00 22.51 ? 11  DA  B "C3'" 1 
ATOM 533  O "O3'" . DA  B 2 11 ? 12.667  -10.001 -7.699  1.00 22.95 ? 11  DA  B "O3'" 1 
ATOM 534  C "C2'" . DA  B 2 11 ? 12.361  -7.621  -8.087  1.00 21.75 ? 11  DA  B "C2'" 1 
ATOM 535  C "C1'" . DA  B 2 11 ? 10.898  -7.903  -8.408  1.00 20.31 ? 11  DA  B "C1'" 1 
ATOM 536  N N9    . DA  B 2 11 ? 10.132  -6.877  -9.121  1.00 20.53 ? 11  DA  B N9    1 
ATOM 537  C C8    . DA  B 2 11 ? 10.426  -5.540  -9.299  1.00 19.71 ? 11  DA  B C8    1 
ATOM 538  N N7    . DA  B 2 11 ? 9.513   -4.877  -9.976  1.00 18.83 ? 11  DA  B N7    1 
ATOM 539  C C5    . DA  B 2 11 ? 8.535   -5.832  -10.261 1.00 20.18 ? 11  DA  B C5    1 
ATOM 540  C C6    . DA  B 2 11 ? 7.293   -5.782  -10.969 1.00 20.04 ? 11  DA  B C6    1 
ATOM 541  N N6    . DA  B 2 11 ? 6.802   -4.678  -11.557 1.00 19.29 ? 11  DA  B N6    1 
ATOM 542  N N1    . DA  B 2 11 ? 6.564   -6.927  -11.049 1.00 19.65 ? 11  DA  B N1    1 
ATOM 543  C C2    . DA  B 2 11 ? 7.053   -8.055  -10.488 1.00 19.66 ? 11  DA  B C2    1 
ATOM 544  N N3    . DA  B 2 11 ? 8.206   -8.233  -9.824  1.00 20.38 ? 11  DA  B N3    1 
ATOM 545  C C4    . DA  B 2 11 ? 8.907   -7.074  -9.738  1.00 20.84 ? 11  DA  B C4    1 
ATOM 546  P P     . DG  B 2 12 ? 13.896  -11.019 -7.512  1.00 23.90 ? 12  DG  B P     1 
ATOM 547  O OP1   . DG  B 2 12 ? 14.055  -11.255 -6.058  1.00 23.22 ? 12  DG  B OP1   1 
ATOM 548  O OP2   . DG  B 2 12 ? 15.083  -10.602 -8.325  1.00 22.37 ? 12  DG  B OP2   1 
ATOM 549  O "O5'" . DG  B 2 12 ? 13.256  -12.327 -8.190  1.00 21.86 ? 12  DG  B "O5'" 1 
ATOM 550  C "C5'" . DG  B 2 12 ? 11.902  -12.722 -7.934  1.00 21.27 ? 12  DG  B "C5'" 1 
ATOM 551  C "C4'" . DG  B 2 12 ? 11.299  -13.345 -9.181  1.00 19.51 ? 12  DG  B "C4'" 1 
ATOM 552  O "O4'" . DG  B 2 12 ? 10.512  -12.333 -9.857  1.00 19.54 ? 12  DG  B "O4'" 1 
ATOM 553  C "C3'" . DG  B 2 12 ? 12.349  -13.854 -10.157 1.00 18.10 ? 12  DG  B "C3'" 1 
ATOM 554  O "O3'" . DG  B 2 12 ? 12.227  -15.294 -10.401 1.00 20.95 ? 12  DG  B "O3'" 1 
ATOM 555  C "C2'" . DG  B 2 12 ? 12.237  -12.945 -11.372 1.00 16.23 ? 12  DG  B "C2'" 1 
ATOM 556  C "C1'" . DG  B 2 12 ? 10.903  -12.222 -11.213 1.00 15.39 ? 12  DG  B "C1'" 1 
ATOM 557  N N9    . DG  B 2 12 ? 11.023  -10.799 -11.536 1.00 14.06 ? 12  DG  B N9    1 
ATOM 558  C C8    . DG  B 2 12 ? 12.122  -10.042 -11.213 1.00 13.78 ? 12  DG  B C8    1 
ATOM 559  N N7    . DG  B 2 12 ? 12.035  -8.806  -11.611 1.00 14.66 ? 12  DG  B N7    1 
ATOM 560  C C5    . DG  B 2 12 ? 10.788  -8.717  -12.233 1.00 14.62 ? 12  DG  B C5    1 
ATOM 561  C C6    . DG  B 2 12 ? 10.145  -7.583  -12.838 1.00 14.47 ? 12  DG  B C6    1 
ATOM 562  O O6    . DG  B 2 12 ? 10.573  -6.414  -12.954 1.00 13.62 ? 12  DG  B O6    1 
ATOM 563  N N1    . DG  B 2 12 ? 8.886   -7.906  -13.361 1.00 13.83 ? 12  DG  B N1    1 
ATOM 564  C C2    . DG  B 2 12 ? 8.328   -9.160  -13.295 1.00 13.84 ? 12  DG  B C2    1 
ATOM 565  N N2    . DG  B 2 12 ? 7.123   -9.252  -13.862 1.00 13.14 ? 12  DG  B N2    1 
ATOM 566  N N3    . DG  B 2 12 ? 8.908   -10.221 -12.714 1.00 14.72 ? 12  DG  B N3    1 
ATOM 567  C C4    . DG  B 2 12 ? 10.148  -9.947  -12.205 1.00 14.10 ? 12  DG  B C4    1 
ATOM 568  P P     . DA  B 2 13 ? 11.503  -15.965 -11.673 1.00 22.99 ? 13  DA  B P     1 
ATOM 569  O OP1   . DA  B 2 13 ? 11.295  -17.388 -11.353 1.00 21.57 ? 13  DA  B OP1   1 
ATOM 570  O OP2   . DA  B 2 13 ? 12.214  -15.614 -12.929 1.00 21.46 ? 13  DA  B OP2   1 
ATOM 571  O "O5'" . DA  B 2 13 ? 10.075  -15.202 -11.590 1.00 25.28 ? 13  DA  B "O5'" 1 
ATOM 572  C "C5'" . DA  B 2 13 ? 8.888   -15.919 -11.869 1.00 27.85 ? 13  DA  B "C5'" 1 
ATOM 573  C "C4'" . DA  B 2 13 ? 8.441   -15.673 -13.302 1.00 29.87 ? 13  DA  B "C4'" 1 
ATOM 574  O "O4'" . DA  B 2 13 ? 8.713   -14.300 -13.693 1.00 31.52 ? 13  DA  B "O4'" 1 
ATOM 575  C "C3'" . DA  B 2 13 ? 9.033   -16.525 -14.404 1.00 29.99 ? 13  DA  B "C3'" 1 
ATOM 576  O "O3'" . DA  B 2 13 ? 7.930   -16.872 -15.211 1.00 31.83 ? 13  DA  B "O3'" 1 
ATOM 577  C "C2'" . DA  B 2 13 ? 9.962   -15.549 -15.120 1.00 30.15 ? 13  DA  B "C2'" 1 
ATOM 578  C "C1'" . DA  B 2 13 ? 9.171   -14.257 -15.030 1.00 30.48 ? 13  DA  B "C1'" 1 
ATOM 579  N N9    . DA  B 2 13 ? 9.931   -13.011 -15.100 1.00 30.91 ? 13  DA  B N9    1 
ATOM 580  C C8    . DA  B 2 13 ? 11.143  -12.778 -14.495 1.00 31.11 ? 13  DA  B C8    1 
ATOM 581  N N7    . DA  B 2 13 ? 11.620  -11.569 -14.674 1.00 31.15 ? 13  DA  B N7    1 
ATOM 582  C C5    . DA  B 2 13 ? 10.643  -10.956 -15.450 1.00 31.14 ? 13  DA  B C5    1 
ATOM 583  C C6    . DA  B 2 13 ? 10.547  -9.659  -15.996 1.00 30.28 ? 13  DA  B C6    1 
ATOM 584  N N6    . DA  B 2 13 ? 11.497  -8.743  -15.803 1.00 30.43 ? 13  DA  B N6    1 
ATOM 585  N N1    . DA  B 2 13 ? 9.452   -9.345  -16.738 1.00 30.11 ? 13  DA  B N1    1 
ATOM 586  C C2    . DA  B 2 13 ? 8.502   -10.274 -16.926 1.00 30.31 ? 13  DA  B C2    1 
ATOM 587  N N3    . DA  B 2 13 ? 8.491   -11.534 -16.464 1.00 31.83 ? 13  DA  B N3    1 
ATOM 588  C C4    . DA  B 2 13 ? 9.591   -11.824 -15.725 1.00 31.29 ? 13  DA  B C4    1 
ATOM 589  P P     . DG  B 2 14 ? 8.000   -17.811 -16.517 1.00 36.06 ? 14  DG  B P     1 
ATOM 590  O OP1   . DG  B 2 14 ? 7.225   -19.037 -16.225 1.00 35.56 ? 14  DG  B OP1   1 
ATOM 591  O OP2   . DG  B 2 14 ? 9.378   -18.010 -17.069 1.00 34.40 ? 14  DG  B OP2   1 
ATOM 592  O "O5'" . DG  B 2 14 ? 7.147   -16.856 -17.481 1.00 35.40 ? 14  DG  B "O5'" 1 
ATOM 593  C "C5'" . DG  B 2 14 ? 6.787   -17.321 -18.777 1.00 35.84 ? 14  DG  B "C5'" 1 
ATOM 594  C "C4'" . DG  B 2 14 ? 6.832   -16.197 -19.798 1.00 35.37 ? 14  DG  B "C4'" 1 
ATOM 595  O "O4'" . DG  B 2 14 ? 7.528   -15.032 -19.267 1.00 34.76 ? 14  DG  B "O4'" 1 
ATOM 596  C "C3'" . DG  B 2 14 ? 7.535   -16.579 -21.096 1.00 35.48 ? 14  DG  B "C3'" 1 
ATOM 597  O "O3'" . DG  B 2 14 ? 6.698   -16.257 -22.213 1.00 35.98 ? 14  DG  B "O3'" 1 
ATOM 598  C "C2'" . DG  B 2 14 ? 8.828   -15.767 -21.024 1.00 35.10 ? 14  DG  B "C2'" 1 
ATOM 599  C "C1'" . DG  B 2 14 ? 8.388   -14.520 -20.264 1.00 33.84 ? 14  DG  B "C1'" 1 
ATOM 600  N N9    . DG  B 2 14 ? 9.525   -13.839 -19.647 1.00 33.71 ? 14  DG  B N9    1 
ATOM 601  C C8    . DG  B 2 14 ? 10.466  -14.438 -18.834 1.00 33.97 ? 14  DG  B C8    1 
ATOM 602  N N7    . DG  B 2 14 ? 11.400  -13.635 -18.410 1.00 34.07 ? 14  DG  B N7    1 
ATOM 603  C C5    . DG  B 2 14 ? 11.065  -12.417 -18.988 1.00 33.82 ? 14  DG  B C5    1 
ATOM 604  C C6    . DG  B 2 14 ? 11.729  -11.171 -18.878 1.00 33.53 ? 14  DG  B C6    1 
ATOM 605  O O6    . DG  B 2 14 ? 12.764  -10.932 -18.236 1.00 33.30 ? 14  DG  B O6    1 
ATOM 606  N N1    . DG  B 2 14 ? 11.091  -10.173 -19.625 1.00 33.43 ? 14  DG  B N1    1 
ATOM 607  C C2    . DG  B 2 14 ? 9.945   -10.362 -20.372 1.00 33.36 ? 14  DG  B C2    1 
ATOM 608  N N2    . DG  B 2 14 ? 9.473   -9.283  -21.013 1.00 33.25 ? 14  DG  B N2    1 
ATOM 609  N N3    . DG  B 2 14 ? 9.308   -11.532 -20.474 1.00 33.27 ? 14  DG  B N3    1 
ATOM 610  C C4    . DG  B 2 14 ? 9.917   -12.518 -19.758 1.00 33.50 ? 14  DG  B C4    1 
ATOM 611  P P     . DA  B 2 15 ? 7.263   -15.820 -23.671 1.00 36.88 ? 15  DA  B P     1 
ATOM 612  O OP1   . DA  B 2 15 ? 6.282   -16.227 -24.713 1.00 35.81 ? 15  DA  B OP1   1 
ATOM 613  O OP2   . DA  B 2 15 ? 8.656   -16.316 -23.854 1.00 36.68 ? 15  DA  B OP2   1 
ATOM 614  O "O5'" . DA  B 2 15 ? 7.263   -14.211 -23.468 1.00 34.08 ? 15  DA  B "O5'" 1 
ATOM 615  C "C5'" . DA  B 2 15 ? 6.522   -13.313 -24.309 1.00 30.01 ? 15  DA  B "C5'" 1 
ATOM 616  C "C4'" . DA  B 2 15 ? 7.420   -12.591 -25.318 1.00 26.56 ? 15  DA  B "C4'" 1 
ATOM 617  O "O4'" . DA  B 2 15 ? 8.548   -11.989 -24.628 1.00 24.83 ? 15  DA  B "O4'" 1 
ATOM 618  C "C3'" . DA  B 2 15 ? 8.012   -13.392 -26.476 1.00 24.16 ? 15  DA  B "C3'" 1 
ATOM 619  O "O3'" . DA  B 2 15 ? 8.072   -12.526 -27.579 1.00 23.22 ? 15  DA  B "O3'" 1 
ATOM 620  C "C2'" . DA  B 2 15 ? 9.423   -13.714 -26.003 1.00 23.24 ? 15  DA  B "C2'" 1 
ATOM 621  C "C1'" . DA  B 2 15 ? 9.756   -12.484 -25.149 1.00 22.59 ? 15  DA  B "C1'" 1 
ATOM 622  N N9    . DA  B 2 15 ? 10.681  -12.732 -24.038 1.00 21.74 ? 15  DA  B N9    1 
ATOM 623  C C8    . DA  B 2 15 ? 10.920  -13.926 -23.405 1.00 21.57 ? 15  DA  B C8    1 
ATOM 624  N N7    . DA  B 2 15 ? 11.830  -13.856 -22.464 1.00 21.34 ? 15  DA  B N7    1 
ATOM 625  C C5    . DA  B 2 15 ? 12.214  -12.521 -22.475 1.00 20.65 ? 15  DA  B C5    1 
ATOM 626  C C6    . DA  B 2 15 ? 13.154  -11.794 -21.716 1.00 20.88 ? 15  DA  B C6    1 
ATOM 627  N N6    . DA  B 2 15 ? 13.888  -12.349 -20.755 1.00 21.21 ? 15  DA  B N6    1 
ATOM 628  N N1    . DA  B 2 15 ? 13.314  -10.474 -21.977 1.00 21.14 ? 15  DA  B N1    1 
ATOM 629  C C2    . DA  B 2 15 ? 12.580  -9.925  -22.948 1.00 21.34 ? 15  DA  B C2    1 
ATOM 630  N N3    . DA  B 2 15 ? 11.668  -10.509 -23.734 1.00 20.97 ? 15  DA  B N3    1 
ATOM 631  C C4    . DA  B 2 15 ? 11.526  -11.817 -23.442 1.00 20.73 ? 15  DA  B C4    1 
ATOM 632  P P     . DC  B 2 16 ? 8.102   -13.086 -29.077 1.00 23.73 ? 16  DC  B P     1 
ATOM 633  O OP1   . DC  B 2 16 ? 6.729   -13.522 -29.408 1.00 23.71 ? 16  DC  B OP1   1 
ATOM 634  O OP2   . DC  B 2 16 ? 9.236   -14.018 -29.256 1.00 24.06 ? 16  DC  B OP2   1 
ATOM 635  O "O5'" . DC  B 2 16 ? 8.464   -11.789 -29.941 1.00 23.11 ? 16  DC  B "O5'" 1 
ATOM 636  C "C5'" . DC  B 2 16 ? 9.159   -10.691 -29.355 1.00 21.22 ? 16  DC  B "C5'" 1 
ATOM 637  C "C4'" . DC  B 2 16 ? 10.671  -10.815 -29.469 1.00 19.87 ? 16  DC  B "C4'" 1 
ATOM 638  O "O4'" . DC  B 2 16 ? 11.210  -10.978 -28.145 1.00 19.03 ? 16  DC  B "O4'" 1 
ATOM 639  C "C3'" . DC  B 2 16 ? 11.297  -11.996 -30.215 1.00 19.26 ? 16  DC  B "C3'" 1 
ATOM 640  O "O3'" . DC  B 2 16 ? 11.241  -11.820 -31.632 1.00 18.92 ? 16  DC  B "O3'" 1 
ATOM 641  C "C2'" . DC  B 2 16 ? 12.730  -11.963 -29.688 1.00 18.22 ? 16  DC  B "C2'" 1 
ATOM 642  C "C1'" . DC  B 2 16 ? 12.584  -11.217 -28.355 1.00 18.12 ? 16  DC  B "C1'" 1 
ATOM 643  N N1    . DC  B 2 16 ? 13.168  -11.938 -27.176 1.00 17.98 ? 16  DC  B N1    1 
ATOM 644  C C2    . DC  B 2 16 ? 14.063  -11.239 -26.284 1.00 17.25 ? 16  DC  B C2    1 
ATOM 645  O O2    . DC  B 2 16 ? 14.352  -10.031 -26.466 1.00 17.46 ? 16  DC  B O2    1 
ATOM 646  N N3    . DC  B 2 16 ? 14.604  -11.903 -25.232 1.00 16.46 ? 16  DC  B N3    1 
ATOM 647  C C4    . DC  B 2 16 ? 14.280  -13.203 -25.052 1.00 16.62 ? 16  DC  B C4    1 
ATOM 648  N N4    . DC  B 2 16 ? 14.844  -13.803 -24.005 1.00 16.89 ? 16  DC  B N4    1 
ATOM 649  C C5    . DC  B 2 16 ? 13.370  -13.937 -25.933 1.00 17.39 ? 16  DC  B C5    1 
ATOM 650  C C6    . DC  B 2 16 ? 12.847  -13.270 -26.971 1.00 18.06 ? 16  DC  B C6    1 
ATOM 651  N N     . ILE C 3 7  ? 6.853   13.507  -9.950  1.00 26.58 ? 68  ILE D N     1 
ATOM 652  C CA    . ILE C 3 7  ? 6.310   13.306  -8.562  1.00 26.89 ? 68  ILE D CA    1 
ATOM 653  C C     . ILE C 3 7  ? 5.455   12.035  -8.515  1.00 26.59 ? 68  ILE D C     1 
ATOM 654  O O     . ILE C 3 7  ? 4.509   11.900  -9.295  1.00 26.65 ? 68  ILE D O     1 
ATOM 655  C CB    . ILE C 3 7  ? 5.405   14.503  -8.090  1.00 26.81 ? 68  ILE D CB    1 
ATOM 656  C CG1   . ILE C 3 7  ? 5.881   15.849  -8.651  1.00 27.14 ? 68  ILE D CG1   1 
ATOM 657  C CG2   . ILE C 3 7  ? 5.289   14.529  -6.557  1.00 26.61 ? 68  ILE D CG2   1 
ATOM 658  C CD1   . ILE C 3 7  ? 4.895   17.008  -8.394  1.00 27.53 ? 68  ILE D CD1   1 
ATOM 659  N N     . ARG C 3 8  ? 5.750   11.105  -7.612  1.00 25.99 ? 69  ARG D N     1 
ATOM 660  C CA    . ARG C 3 8  ? 4.898   9.918   -7.564  1.00 25.83 ? 69  ARG D CA    1 
ATOM 661  C C     . ARG C 3 8  ? 3.797   9.982   -6.510  1.00 24.66 ? 69  ARG D C     1 
ATOM 662  O O     . ARG C 3 8  ? 4.041   10.406  -5.393  1.00 24.89 ? 69  ARG D O     1 
ATOM 663  C CB    . ARG C 3 8  ? 5.700   8.611   -7.508  1.00 26.12 ? 69  ARG D CB    1 
ATOM 664  C CG    . ARG C 3 8  ? 6.995   8.632   -6.720  1.00 28.14 ? 69  ARG D CG    1 
ATOM 665  C CD    . ARG C 3 8  ? 8.068   7.810   -7.476  1.00 30.74 ? 69  ARG D CD    1 
ATOM 666  N NE    . ARG C 3 8  ? 7.456   6.649   -8.132  1.00 33.25 ? 69  ARG D NE    1 
ATOM 667  C CZ    . ARG C 3 8  ? 7.786   6.173   -9.342  1.00 35.08 ? 69  ARG D CZ    1 
ATOM 668  N NH1   . ARG C 3 8  ? 8.747   6.744   -10.078 1.00 36.44 ? 69  ARG D NH1   1 
ATOM 669  N NH2   . ARG C 3 8  ? 7.144   5.110   -9.829  1.00 34.66 ? 69  ARG D NH2   1 
ATOM 670  N N     . ARG C 3 9  ? 2.577   9.599   -6.900  1.00 23.77 ? 70  ARG D N     1 
ATOM 671  C CA    . ARG C 3 9  ? 1.406   9.518   -5.997  1.00 21.87 ? 70  ARG D CA    1 
ATOM 672  C C     . ARG C 3 9  ? 1.808   8.929   -4.649  1.00 21.53 ? 70  ARG D C     1 
ATOM 673  O O     . ARG C 3 9  ? 2.780   8.130   -4.586  1.00 21.04 ? 70  ARG D O     1 
ATOM 674  C CB    . ARG C 3 9  ? 0.346   8.580   -6.566  1.00 21.50 ? 70  ARG D CB    1 
ATOM 675  C CG    . ARG C 3 9  ? -0.230  8.915   -7.916  1.00 19.04 ? 70  ARG D CG    1 
ATOM 676  C CD    . ARG C 3 9  ? -1.527  8.117   -8.088  1.00 15.95 ? 70  ARG D CD    1 
ATOM 677  N NE    . ARG C 3 9  ? -2.643  8.725   -7.351  1.00 14.70 ? 70  ARG D NE    1 
ATOM 678  C CZ    . ARG C 3 9  ? -3.905  8.273   -7.335  1.00 13.39 ? 70  ARG D CZ    1 
ATOM 679  N NH1   . ARG C 3 9  ? -4.246  7.172   -8.007  1.00 11.49 ? 70  ARG D NH1   1 
ATOM 680  N NH2   . ARG C 3 9  ? -4.839  8.935   -6.649  1.00 9.75  ? 70  ARG D NH2   1 
ATOM 681  N N     . PRO C 3 10 ? 1.066   9.302   -3.571  1.00 20.95 ? 71  PRO D N     1 
ATOM 682  C CA    . PRO C 3 10 ? 1.310   8.788   -2.220  1.00 20.52 ? 71  PRO D CA    1 
ATOM 683  C C     . PRO C 3 10 ? 0.657   7.446   -2.060  1.00 20.25 ? 71  PRO D C     1 
ATOM 684  O O     . PRO C 3 10 ? -0.338  7.171   -2.717  1.00 20.22 ? 71  PRO D O     1 
ATOM 685  C CB    . PRO C 3 10 ? 0.609   9.808   -1.313  1.00 20.28 ? 71  PRO D CB    1 
ATOM 686  C CG    . PRO C 3 10 ? -0.115  10.722  -2.175  1.00 19.61 ? 71  PRO D CG    1 
ATOM 687  C CD    . PRO C 3 10 ? -0.061  10.252  -3.576  1.00 21.02 ? 71  PRO D CD    1 
ATOM 688  N N     . MET C 3 11 ? 1.197   6.613   -1.185  1.00 20.90 ? 72  MET D N     1 
ATOM 689  C CA    . MET C 3 11 ? 0.695   5.236   -1.058  1.00 21.30 ? 72  MET D CA    1 
ATOM 690  C C     . MET C 3 11 ? -0.591  5.200   -0.303  1.00 20.60 ? 72  MET D C     1 
ATOM 691  O O     . MET C 3 11 ? -0.738  5.915   0.686   1.00 21.71 ? 72  MET D O     1 
ATOM 692  C CB    . MET C 3 11 ? 1.705   4.369   -0.354  1.00 21.25 ? 72  MET D CB    1 
ATOM 693  C CG    . MET C 3 11 ? 2.652   3.744   -1.309  1.00 20.80 ? 72  MET D CG    1 
ATOM 694  S SD    . MET C 3 11 ? 3.494   2.465   -0.397  1.00 22.94 ? 72  MET D SD    1 
ATOM 695  C CE    . MET C 3 11 ? 4.653   3.454   0.569   1.00 21.38 ? 72  MET D CE    1 
ATOM 696  N N     . ASN C 3 12 ? -1.553  4.427   -0.793  1.00 19.88 ? 73  ASN D N     1 
ATOM 697  C CA    . ASN C 3 12 ? -2.796  4.305   -0.060  1.00 18.16 ? 73  ASN D CA    1 
ATOM 698  C C     . ASN C 3 12 ? -2.599  3.242   1.015   1.00 18.77 ? 73  ASN D C     1 
ATOM 699  O O     . ASN C 3 12 ? -1.519  2.610   1.087   1.00 18.60 ? 73  ASN D O     1 
ATOM 700  C CB    . ASN C 3 12 ? -3.967  4.006   -0.976  1.00 17.13 ? 73  ASN D CB    1 
ATOM 701  C CG    . ASN C 3 12 ? -3.905  2.636   -1.585  1.00 16.91 ? 73  ASN D CG    1 
ATOM 702  O OD1   . ASN C 3 12 ? -3.755  1.656   -0.884  1.00 15.03 ? 73  ASN D OD1   1 
ATOM 703  N ND2   . ASN C 3 12 ? -4.058  2.556   -2.922  1.00 18.41 ? 73  ASN D ND2   1 
ATOM 704  N N     . ALA C 3 13 ? -3.620  3.068   1.860   1.00 18.42 ? 74  ALA D N     1 
ATOM 705  C CA    . ALA C 3 13 ? -3.639  2.060   2.905   1.00 17.97 ? 74  ALA D CA    1 
ATOM 706  C C     . ALA C 3 13 ? -3.111  0.687   2.479   1.00 18.39 ? 74  ALA D C     1 
ATOM 707  O O     . ALA C 3 13 ? -2.304  0.053   3.219   1.00 17.99 ? 74  ALA D O     1 
ATOM 708  C CB    . ALA C 3 13 ? -5.033  1.921   3.438   1.00 18.28 ? 74  ALA D CB    1 
ATOM 709  N N     . PHE C 3 14 ? -3.570  0.229   1.307   1.00 17.95 ? 75  PHE D N     1 
ATOM 710  C CA    . PHE C 3 14 ? -3.249  -1.088  0.835   1.00 18.27 ? 75  PHE D CA    1 
ATOM 711  C C     . PHE C 3 14 ? -1.773  -1.059  0.531   1.00 19.22 ? 75  PHE D C     1 
ATOM 712  O O     . PHE C 3 14 ? -0.952  -1.749  1.148   1.00 19.35 ? 75  PHE D O     1 
ATOM 713  C CB    . PHE C 3 14 ? -4.094  -1.455  -0.383  1.00 18.73 ? 75  PHE D CB    1 
ATOM 714  C CG    . PHE C 3 14 ? -3.650  -2.735  -1.067  1.00 19.08 ? 75  PHE D CG    1 
ATOM 715  C CD1   . PHE C 3 14 ? -3.959  -3.975  -0.525  1.00 17.90 ? 75  PHE D CD1   1 
ATOM 716  C CD2   . PHE C 3 14 ? -2.914  -2.689  -2.247  1.00 20.28 ? 75  PHE D CD2   1 
ATOM 717  C CE1   . PHE C 3 14 ? -3.553  -5.143  -1.132  1.00 18.37 ? 75  PHE D CE1   1 
ATOM 718  C CE2   . PHE C 3 14 ? -2.479  -3.879  -2.882  1.00 20.50 ? 75  PHE D CE2   1 
ATOM 719  C CZ    . PHE C 3 14 ? -2.792  -5.101  -2.317  1.00 19.37 ? 75  PHE D CZ    1 
ATOM 720  N N     . MET C 3 15 ? -1.404  -0.169  -0.363  1.00 20.05 ? 76  MET D N     1 
ATOM 721  C CA    . MET C 3 15 ? -0.025  -0.092  -0.742  1.00 20.60 ? 76  MET D CA    1 
ATOM 722  C C     . MET C 3 15 ? 0.916   -0.117  0.477   1.00 21.19 ? 76  MET D C     1 
ATOM 723  O O     . MET C 3 15 ? 1.910   -0.836  0.475   1.00 22.21 ? 76  MET D O     1 
ATOM 724  C CB    . MET C 3 15 ? 0.153   1.117   -1.631  1.00 20.48 ? 76  MET D CB    1 
ATOM 725  C CG    . MET C 3 15 ? -0.768  1.062   -2.830  1.00 20.29 ? 76  MET D CG    1 
ATOM 726  S SD    . MET C 3 15 ? -0.628  -0.477  -3.817  1.00 20.02 ? 76  MET D SD    1 
ATOM 727  C CE    . MET C 3 15 ? 0.905   -0.169  -4.657  1.00 21.70 ? 76  MET D CE    1 
ATOM 728  N N     . VAL C 3 16 ? 0.579   0.611   1.533   1.00 21.46 ? 77  VAL D N     1 
ATOM 729  C CA    . VAL C 3 16 ? 1.424   0.681   2.757   1.00 21.25 ? 77  VAL D CA    1 
ATOM 730  C C     . VAL C 3 16 ? 1.584   -0.676  3.448   1.00 20.91 ? 77  VAL D C     1 
ATOM 731  O O     . VAL C 3 16 ? 2.669   -1.024  3.895   1.00 20.62 ? 77  VAL D O     1 
ATOM 732  C CB    . VAL C 3 16 ? 0.854   1.725   3.781   1.00 20.84 ? 77  VAL D CB    1 
ATOM 733  C CG1   . VAL C 3 16 ? 1.265   1.408   5.216   1.00 19.95 ? 77  VAL D CG1   1 
ATOM 734  C CG2   . VAL C 3 16 ? 1.260   3.135   3.396   1.00 22.09 ? 77  VAL D CG2   1 
ATOM 735  N N     . TRP C 3 17 ? 0.474   -1.408  3.532   1.00 21.03 ? 78  TRP D N     1 
ATOM 736  C CA    . TRP C 3 17 ? 0.392   -2.701  4.174   1.00 20.66 ? 78  TRP D CA    1 
ATOM 737  C C     . TRP C 3 17 ? 1.084   -3.711  3.286   1.00 21.18 ? 78  TRP D C     1 
ATOM 738  O O     . TRP C 3 17 ? 1.946   -4.474  3.745   1.00 21.73 ? 78  TRP D O     1 
ATOM 739  C CB    . TRP C 3 17 ? -1.073  -3.077  4.304   1.00 20.40 ? 78  TRP D CB    1 
ATOM 740  C CG    . TRP C 3 17 ? -1.260  -4.450  4.757   1.00 20.28 ? 78  TRP D CG    1 
ATOM 741  C CD1   . TRP C 3 17 ? -1.014  -4.942  6.011   1.00 19.92 ? 78  TRP D CD1   1 
ATOM 742  C CD2   . TRP C 3 17 ? -1.712  -5.552  3.965   1.00 17.27 ? 78  TRP D CD2   1 
ATOM 743  N NE1   . TRP C 3 17 ? -1.298  -6.289  6.038   1.00 20.15 ? 78  TRP D NE1   1 
ATOM 744  C CE2   . TRP C 3 17 ? -1.737  -6.680  4.800   1.00 16.41 ? 78  TRP D CE2   1 
ATOM 745  C CE3   . TRP C 3 17 ? -2.081  -5.694  2.623   1.00 17.62 ? 78  TRP D CE3   1 
ATOM 746  C CZ2   . TRP C 3 17 ? -2.117  -7.941  4.342   1.00 19.38 ? 78  TRP D CZ2   1 
ATOM 747  C CZ3   . TRP C 3 17 ? -2.493  -6.945  2.163   1.00 18.76 ? 78  TRP D CZ3   1 
ATOM 748  C CH2   . TRP C 3 17 ? -2.495  -8.055  3.018   1.00 20.50 ? 78  TRP D CH2   1 
ATOM 749  N N     . ALA C 3 18 ? 0.704   -3.681  2.007   1.00 21.41 ? 79  ALA D N     1 
ATOM 750  C CA    . ALA C 3 18 ? 1.260   -4.512  0.952   1.00 21.73 ? 79  ALA D CA    1 
ATOM 751  C C     . ALA C 3 18 ? 2.754   -4.371  0.916   1.00 22.64 ? 79  ALA D C     1 
ATOM 752  O O     . ALA C 3 18 ? 3.484   -5.365  0.895   1.00 23.58 ? 79  ALA D O     1 
ATOM 753  C CB    . ALA C 3 18 ? 0.693   -4.092  -0.369  1.00 21.58 ? 79  ALA D CB    1 
ATOM 754  N N     . LYS C 3 19 ? 3.198   -3.119  0.898   1.00 23.30 ? 80  LYS D N     1 
ATOM 755  C CA    . LYS C 3 19 ? 4.600   -2.764  0.882   1.00 23.89 ? 80  LYS D CA    1 
ATOM 756  C C     . LYS C 3 19 ? 5.411   -3.745  1.710   1.00 24.07 ? 80  LYS D C     1 
ATOM 757  O O     . LYS C 3 19 ? 6.335   -4.348  1.184   1.00 24.87 ? 80  LYS D O     1 
ATOM 758  C CB    . LYS C 3 19 ? 4.763   -1.331  1.393   1.00 24.30 ? 80  LYS D CB    1 
ATOM 759  C CG    . LYS C 3 19 ? 6.081   -1.008  2.011   1.00 23.99 ? 80  LYS D CG    1 
ATOM 760  C CD    . LYS C 3 19 ? 6.993   -0.383  1.034   1.00 24.52 ? 80  LYS D CD    1 
ATOM 761  C CE    . LYS C 3 19 ? 8.163   0.288   1.760   1.00 24.22 ? 80  LYS D CE    1 
ATOM 762  N NZ    . LYS C 3 19 ? 9.112   0.729   0.712   1.00 24.30 ? 80  LYS D NZ    1 
ATOM 763  N N     . ASP C 3 20 ? 5.058   -3.948  2.976   1.00 23.61 ? 81  ASP D N     1 
ATOM 764  C CA    . ASP C 3 20 ? 5.808   -4.910  3.785   1.00 23.50 ? 81  ASP D CA    1 
ATOM 765  C C     . ASP C 3 20 ? 5.328   -6.324  3.507   1.00 23.41 ? 81  ASP D C     1 
ATOM 766  O O     . ASP C 3 20 ? 6.073   -7.124  2.980   1.00 24.07 ? 81  ASP D O     1 
ATOM 767  C CB    . ASP C 3 20 ? 5.760   -4.567  5.270   1.00 23.41 ? 81  ASP D CB    1 
ATOM 768  C CG    . ASP C 3 20 ? 6.192   -3.140  5.547   1.00 23.98 ? 81  ASP D CG    1 
ATOM 769  O OD1   . ASP C 3 20 ? 7.189   -2.684  4.936   1.00 25.37 ? 81  ASP D OD1   1 
ATOM 770  O OD2   . ASP C 3 20 ? 5.530   -2.473  6.370   1.00 24.24 ? 81  ASP D OD2   1 
ATOM 771  N N     . GLU C 3 21 ? 4.079   -6.628  3.815   1.00 23.39 ? 82  GLU D N     1 
ATOM 772  C CA    . GLU C 3 21 ? 3.525   -7.967  3.577   1.00 23.64 ? 82  GLU D CA    1 
ATOM 773  C C     . GLU C 3 21 ? 3.984   -8.723  2.332   1.00 23.36 ? 82  GLU D C     1 
ATOM 774  O O     . GLU C 3 21 ? 4.153   -9.925  2.371   1.00 23.48 ? 82  GLU D O     1 
ATOM 775  C CB    . GLU C 3 21 ? 2.003   -7.920  3.579   1.00 23.75 ? 82  GLU D CB    1 
ATOM 776  C CG    . GLU C 3 21 ? 1.418   -8.225  4.933   1.00 25.13 ? 82  GLU D CG    1 
ATOM 777  C CD    . GLU C 3 21 ? 1.409   -9.698  5.239   1.00 25.21 ? 82  GLU D CD    1 
ATOM 778  O OE1   . GLU C 3 21 ? 0.986   -10.463 4.352   1.00 25.86 ? 82  GLU D OE1   1 
ATOM 779  O OE2   . GLU C 3 21 ? 1.824   -10.078 6.362   1.00 26.66 ? 82  GLU D OE2   1 
ATOM 780  N N     . ARG C 3 22 ? 4.161   -8.037  1.217   1.00 23.14 ? 83  ARG D N     1 
ATOM 781  C CA    . ARG C 3 22 ? 4.620   -8.718  0.019   1.00 22.83 ? 83  ARG D CA    1 
ATOM 782  C C     . ARG C 3 22 ? 6.026   -9.257  0.205   1.00 22.23 ? 83  ARG D C     1 
ATOM 783  O O     . ARG C 3 22 ? 6.338   -10.370 -0.221  1.00 22.20 ? 83  ARG D O     1 
ATOM 784  C CB    . ARG C 3 22 ? 4.596   -7.754  -1.142  1.00 23.40 ? 83  ARG D CB    1 
ATOM 785  C CG    . ARG C 3 22 ? 5.733   -7.938  -2.105  1.00 24.87 ? 83  ARG D CG    1 
ATOM 786  C CD    . ARG C 3 22 ? 5.365   -7.268  -3.392  1.00 28.00 ? 83  ARG D CD    1 
ATOM 787  N NE    . ARG C 3 22 ? 4.124   -7.798  -3.952  1.00 27.89 ? 83  ARG D NE    1 
ATOM 788  C CZ    . ARG C 3 22 ? 3.129   -7.047  -4.398  1.00 28.45 ? 83  ARG D CZ    1 
ATOM 789  N NH1   . ARG C 3 22 ? 3.237   -5.727  -4.324  1.00 31.99 ? 83  ARG D NH1   1 
ATOM 790  N NH2   . ARG C 3 22 ? 2.033   -7.606  -4.912  1.00 27.55 ? 83  ARG D NH2   1 
ATOM 791  N N     . LYS C 3 23 ? 6.864   -8.441  0.837   1.00 21.38 ? 84  LYS D N     1 
ATOM 792  C CA    . LYS C 3 23 ? 8.219   -8.797  1.182   1.00 20.82 ? 84  LYS D CA    1 
ATOM 793  C C     . LYS C 3 23 ? 8.110   -9.994  2.106   1.00 20.44 ? 84  LYS D C     1 
ATOM 794  O O     . LYS C 3 23 ? 8.884   -10.933 2.011   1.00 19.88 ? 84  LYS D O     1 
ATOM 795  C CB    . LYS C 3 23 ? 8.876   -7.613  1.893   1.00 20.66 ? 84  LYS D CB    1 
ATOM 796  C CG    . LYS C 3 23 ? 10.354  -7.699  2.054   1.00 20.98 ? 84  LYS D CG    1 
ATOM 797  C CD    . LYS C 3 23 ? 10.940  -6.493  2.807   1.00 21.59 ? 84  LYS D CD    1 
ATOM 798  C CE    . LYS C 3 23 ? 12.468  -6.723  3.020   1.00 25.19 ? 84  LYS D CE    1 
ATOM 799  N NZ    . LYS C 3 23 ? 13.090  -6.127  4.273   1.00 25.39 ? 84  LYS D NZ    1 
ATOM 800  N N     . ARG C 3 24 ? 7.104   -9.967  2.976   1.00 20.29 ? 85  ARG D N     1 
ATOM 801  C CA    . ARG C 3 24 ? 6.923   -11.013 3.969   1.00 20.08 ? 85  ARG D CA    1 
ATOM 802  C C     . ARG C 3 24 ? 6.551   -12.266 3.226   1.00 19.01 ? 85  ARG D C     1 
ATOM 803  O O     . ARG C 3 24 ? 7.269   -13.269 3.277   1.00 18.56 ? 85  ARG D O     1 
ATOM 804  C CB    . ARG C 3 24 ? 5.823   -10.626 4.946   1.00 20.71 ? 85  ARG D CB    1 
ATOM 805  C CG    . ARG C 3 24 ? 6.046   -11.106 6.350   1.00 24.48 ? 85  ARG D CG    1 
ATOM 806  C CD    . ARG C 3 24 ? 5.303   -12.403 6.627   1.00 31.15 ? 85  ARG D CD    1 
ATOM 807  N NE    . ARG C 3 24 ? 3.864   -12.174 6.805   1.00 35.74 ? 85  ARG D NE    1 
ATOM 808  C CZ    . ARG C 3 24 ? 2.949   -13.145 6.832   1.00 38.24 ? 85  ARG D CZ    1 
ATOM 809  N NH1   . ARG C 3 24 ? 3.302   -14.422 6.690   1.00 39.38 ? 85  ARG D NH1   1 
ATOM 810  N NH2   . ARG C 3 24 ? 1.669   -12.839 6.987   1.00 39.30 ? 85  ARG D NH2   1 
ATOM 811  N N     . LEU C 3 25 ? 5.450   -12.184 2.489   1.00 18.01 ? 86  LEU D N     1 
ATOM 812  C CA    . LEU C 3 25 ? 4.967   -13.291 1.685   1.00 17.73 ? 86  LEU D CA    1 
ATOM 813  C C     . LEU C 3 25 ? 6.013   -13.839 0.742   1.00 17.99 ? 86  LEU D C     1 
ATOM 814  O O     . LEU C 3 25 ? 6.062   -15.046 0.546   1.00 18.35 ? 86  LEU D O     1 
ATOM 815  C CB    . LEU C 3 25 ? 3.704   -12.914 0.912   1.00 17.65 ? 86  LEU D CB    1 
ATOM 816  C CG    . LEU C 3 25 ? 2.429   -12.816 1.767   1.00 18.94 ? 86  LEU D CG    1 
ATOM 817  C CD1   . LEU C 3 25 ? 1.198   -12.526 0.939   1.00 19.76 ? 86  LEU D CD1   1 
ATOM 818  C CD2   . LEU C 3 25 ? 2.199   -14.065 2.639   1.00 19.74 ? 86  LEU D CD2   1 
ATOM 819  N N     . ALA C 3 26 ? 6.857   -12.978 0.172   1.00 17.90 ? 87  ALA D N     1 
ATOM 820  C CA    . ALA C 3 26 ? 7.918   -13.440 -0.729  1.00 18.28 ? 87  ALA D CA    1 
ATOM 821  C C     . ALA C 3 26 ? 9.007   -14.254 -0.028  1.00 18.89 ? 87  ALA D C     1 
ATOM 822  O O     . ALA C 3 26 ? 9.731   -15.021 -0.674  1.00 19.10 ? 87  ALA D O     1 
ATOM 823  C CB    . ALA C 3 26 ? 8.539   -12.265 -1.467  1.00 18.33 ? 87  ALA D CB    1 
ATOM 824  N N     . GLN C 3 27 ? 9.144   -14.066 1.284   1.00 19.75 ? 88  GLN D N     1 
ATOM 825  C CA    . GLN C 3 27 ? 10.177  -14.745 2.065   1.00 20.43 ? 88  GLN D CA    1 
ATOM 826  C C     . GLN C 3 27 ? 9.649   -16.117 2.440   1.00 21.13 ? 88  GLN D C     1 
ATOM 827  O O     . GLN C 3 27 ? 10.345  -17.123 2.308   1.00 21.09 ? 88  GLN D O     1 
ATOM 828  C CB    . GLN C 3 27 ? 10.532  -13.948 3.331   1.00 20.39 ? 88  GLN D CB    1 
ATOM 829  C CG    . GLN C 3 27 ? 11.180  -12.571 3.102   1.00 20.43 ? 88  GLN D CG    1 
ATOM 830  C CD    . GLN C 3 27 ? 11.048  -11.628 4.298   1.00 20.63 ? 88  GLN D CD    1 
ATOM 831  O OE1   . GLN C 3 27 ? 10.586  -12.016 5.379   1.00 21.95 ? 88  GLN D OE1   1 
ATOM 832  N NE2   . GLN C 3 27 ? 11.459  -10.382 4.107   1.00 21.67 ? 88  GLN D NE2   1 
ATOM 833  N N     . GLN C 3 28 ? 8.397   -16.144 2.896   1.00 22.46 ? 89  GLN D N     1 
ATOM 834  C CA    . GLN C 3 28 ? 7.732   -17.387 3.256   1.00 23.62 ? 89  GLN D CA    1 
ATOM 835  C C     . GLN C 3 28 ? 7.450   -18.180 1.991   1.00 23.87 ? 89  GLN D C     1 
ATOM 836  O O     . GLN C 3 28 ? 7.364   -19.407 2.037   1.00 24.22 ? 89  GLN D O     1 
ATOM 837  C CB    . GLN C 3 28 ? 6.426   -17.136 4.017   1.00 23.71 ? 89  GLN D CB    1 
ATOM 838  C CG    . GLN C 3 28 ? 6.531   -16.263 5.293   1.00 26.04 ? 89  GLN D CG    1 
ATOM 839  C CD    . GLN C 3 28 ? 7.070   -17.012 6.546   1.00 28.84 ? 89  GLN D CD    1 
ATOM 840  O OE1   . GLN C 3 28 ? 7.333   -18.229 6.523   1.00 30.31 ? 89  GLN D OE1   1 
ATOM 841  N NE2   . GLN C 3 28 ? 7.241   -16.265 7.639   1.00 28.46 ? 89  GLN D NE2   1 
ATOM 842  N N     . ASN C 3 29 ? 7.325   -17.482 0.862   1.00 24.07 ? 90  ASN D N     1 
ATOM 843  C CA    . ASN C 3 29 ? 7.121   -18.147 -0.433  1.00 24.60 ? 90  ASN D CA    1 
ATOM 844  C C     . ASN C 3 29 ? 7.995   -17.593 -1.578  1.00 24.92 ? 90  ASN D C     1 
ATOM 845  O O     . ASN C 3 29 ? 7.455   -16.937 -2.482  1.00 25.01 ? 90  ASN D O     1 
ATOM 846  C CB    . ASN C 3 29 ? 5.630   -18.130 -0.871  1.00 24.45 ? 90  ASN D CB    1 
ATOM 847  C CG    . ASN C 3 29 ? 4.627   -18.171 0.312   1.00 24.90 ? 90  ASN D CG    1 
ATOM 848  O OD1   . ASN C 3 29 ? 4.014   -19.209 0.596   1.00 24.48 ? 90  ASN D OD1   1 
ATOM 849  N ND2   . ASN C 3 29 ? 4.437   -17.028 0.974   1.00 25.30 ? 90  ASN D ND2   1 
ATOM 850  N N     . PRO C 3 30 ? 9.325   -17.879 -1.577  1.00 25.51 ? 91  PRO D N     1 
ATOM 851  C CA    . PRO C 3 30 ? 10.191  -17.441 -2.701  1.00 26.27 ? 91  PRO D CA    1 
ATOM 852  C C     . PRO C 3 30 ? 9.725   -18.052 -4.020  1.00 26.90 ? 91  PRO D C     1 
ATOM 853  O O     . PRO C 3 30 ? 10.045  -17.559 -5.099  1.00 27.24 ? 91  PRO D O     1 
ATOM 854  C CB    . PRO C 3 30 ? 11.580  -18.009 -2.352  1.00 26.00 ? 91  PRO D CB    1 
ATOM 855  C CG    . PRO C 3 30 ? 11.519  -18.444 -0.949  1.00 25.84 ? 91  PRO D CG    1 
ATOM 856  C CD    . PRO C 3 30 ? 10.075  -18.661 -0.576  1.00 25.74 ? 91  PRO D CD    1 
ATOM 857  N N     . ASP C 3 31 ? 8.964   -19.130 -3.896  1.00 27.82 ? 92  ASP D N     1 
ATOM 858  C CA    . ASP C 3 31 ? 8.453   -19.918 -5.004  1.00 28.53 ? 92  ASP D CA    1 
ATOM 859  C C     . ASP C 3 31 ? 7.494   -19.118 -5.842  1.00 28.68 ? 92  ASP D C     1 
ATOM 860  O O     . ASP C 3 31 ? 7.666   -19.011 -7.056  1.00 29.02 ? 92  ASP D O     1 
ATOM 861  C CB    . ASP C 3 31 ? 7.724   -21.160 -4.456  1.00 29.07 ? 92  ASP D CB    1 
ATOM 862  C CG    . ASP C 3 31 ? 7.173   -20.954 -3.018  1.00 28.69 ? 92  ASP D CG    1 
ATOM 863  O OD1   . ASP C 3 31 ? 7.994   -20.892 -2.074  1.00 28.91 ? 92  ASP D OD1   1 
ATOM 864  O OD2   . ASP C 3 31 ? 5.935   -20.881 -2.826  1.00 27.14 ? 92  ASP D OD2   1 
ATOM 865  N N     . LEU C 3 32 ? 6.498   -18.550 -5.162  1.00 28.71 ? 93  LEU D N     1 
ATOM 866  C CA    . LEU C 3 32 ? 5.333   -17.930 -5.790  1.00 28.72 ? 93  LEU D CA    1 
ATOM 867  C C     . LEU C 3 32 ? 5.675   -16.711 -6.616  1.00 28.76 ? 93  LEU D C     1 
ATOM 868  O O     . LEU C 3 32 ? 6.505   -15.885 -6.208  1.00 28.74 ? 93  LEU D O     1 
ATOM 869  C CB    . LEU C 3 32 ? 4.269   -17.592 -4.739  1.00 28.15 ? 93  LEU D CB    1 
ATOM 870  C CG    . LEU C 3 32 ? 3.528   -18.851 -4.270  1.00 28.59 ? 93  LEU D CG    1 
ATOM 871  C CD1   . LEU C 3 32 ? 2.657   -18.580 -3.051  1.00 27.84 ? 93  LEU D CD1   1 
ATOM 872  C CD2   . LEU C 3 32 ? 2.705   -19.522 -5.394  1.00 28.97 ? 93  LEU D CD2   1 
ATOM 873  N N     . HIS C 3 33 ? 5.035   -16.606 -7.783  1.00 28.60 ? 94  HIS D N     1 
ATOM 874  C CA    . HIS C 3 33 ? 5.257   -15.454 -8.639  1.00 28.41 ? 94  HIS D CA    1 
ATOM 875  C C     . HIS C 3 33 ? 4.616   -14.262 -7.963  1.00 27.46 ? 94  HIS D C     1 
ATOM 876  O O     . HIS C 3 33 ? 3.900   -14.430 -6.981  1.00 27.40 ? 94  HIS D O     1 
ATOM 877  C CB    . HIS C 3 33 ? 4.691   -15.662 -10.038 1.00 29.09 ? 94  HIS D CB    1 
ATOM 878  C CG    . HIS C 3 33 ? 4.943   -14.504 -10.960 1.00 31.76 ? 94  HIS D CG    1 
ATOM 879  N ND1   . HIS C 3 33 ? 6.147   -14.312 -11.610 1.00 33.76 ? 94  HIS D ND1   1 
ATOM 880  C CD2   . HIS C 3 33 ? 4.151   -13.464 -11.326 1.00 33.59 ? 94  HIS D CD2   1 
ATOM 881  C CE1   . HIS C 3 33 ? 6.084   -13.211 -12.341 1.00 34.40 ? 94  HIS D CE1   1 
ATOM 882  N NE2   . HIS C 3 33 ? 4.884   -12.676 -12.185 1.00 35.09 ? 94  HIS D NE2   1 
ATOM 883  N N     . ASN C 3 34 ? 4.901   -13.064 -8.469  1.00 26.52 ? 95  ASN D N     1 
ATOM 884  C CA    . ASN C 3 34 ? 4.439   -11.806 -7.872  1.00 24.79 ? 95  ASN D CA    1 
ATOM 885  C C     . ASN C 3 34 ? 2.958   -11.603 -8.069  1.00 23.84 ? 95  ASN D C     1 
ATOM 886  O O     . ASN C 3 34 ? 2.258   -11.218 -7.148  1.00 23.89 ? 95  ASN D O     1 
ATOM 887  C CB    . ASN C 3 34 ? 5.206   -10.633 -8.476  1.00 24.86 ? 95  ASN D CB    1 
ATOM 888  C CG    . ASN C 3 34 ? 5.142   -9.398  -7.627  1.00 24.54 ? 95  ASN D CG    1 
ATOM 889  O OD1   . ASN C 3 34 ? 5.444   -9.432  -6.432  1.00 25.01 ? 95  ASN D OD1   1 
ATOM 890  N ND2   . ASN C 3 34 ? 4.770   -8.283  -8.241  1.00 23.68 ? 95  ASN D ND2   1 
ATOM 891  N N     . ALA C 3 35 ? 2.483   -11.854 -9.280  1.00 23.06 ? 96  ALA D N     1 
ATOM 892  C CA    . ALA C 3 35 ? 1.054   -11.848 -9.543  1.00 22.46 ? 96  ALA D CA    1 
ATOM 893  C C     . ALA C 3 35 ? 0.329   -12.592 -8.411  1.00 22.19 ? 96  ALA D C     1 
ATOM 894  O O     . ALA C 3 35 ? -0.650  -12.082 -7.862  1.00 22.12 ? 96  ALA D O     1 
ATOM 895  C CB    . ALA C 3 35 ? 0.755   -12.477 -10.878 1.00 21.70 ? 96  ALA D CB    1 
ATOM 896  N N     . GLU C 3 36 ? 0.837   -13.769 -8.042  1.00 21.60 ? 97  GLU D N     1 
ATOM 897  C CA    . GLU C 3 36 ? 0.197   -14.579 -7.013  1.00 21.50 ? 97  GLU D CA    1 
ATOM 898  C C     . GLU C 3 36 ? 0.273   -13.908 -5.660  1.00 20.60 ? 97  GLU D C     1 
ATOM 899  O O     . GLU C 3 36 ? -0.740  -13.805 -4.946  1.00 20.71 ? 97  GLU D O     1 
ATOM 900  C CB    . GLU C 3 36 ? 0.810   -15.961 -6.934  1.00 22.07 ? 97  GLU D CB    1 
ATOM 901  C CG    . GLU C 3 36 ? -0.104  -16.971 -6.287  1.00 25.28 ? 97  GLU D CG    1 
ATOM 902  C CD    . GLU C 3 36 ? -1.243  -17.356 -7.191  1.00 28.83 ? 97  GLU D CD    1 
ATOM 903  O OE1   . GLU C 3 36 ? -2.317  -16.718 -7.096  1.00 31.29 ? 97  GLU D OE1   1 
ATOM 904  O OE2   . GLU C 3 36 ? -1.051  -18.288 -8.002  1.00 31.44 ? 97  GLU D OE2   1 
ATOM 905  N N     . LEU C 3 37 ? 1.466   -13.438 -5.306  1.00 18.84 ? 98  LEU D N     1 
ATOM 906  C CA    . LEU C 3 37 ? 1.586   -12.538 -4.181  1.00 17.49 ? 98  LEU D CA    1 
ATOM 907  C C     . LEU C 3 37 ? 0.467   -11.471 -4.197  1.00 17.89 ? 98  LEU D C     1 
ATOM 908  O O     . LEU C 3 37 ? -0.180  -11.265 -3.178  1.00 18.00 ? 98  LEU D O     1 
ATOM 909  C CB    . LEU C 3 37 ? 2.975   -11.910 -4.130  1.00 16.37 ? 98  LEU D CB    1 
ATOM 910  C CG    . LEU C 3 37 ? 4.109   -12.910 -3.883  1.00 14.95 ? 98  LEU D CG    1 
ATOM 911  C CD1   . LEU C 3 37 ? 5.462   -12.219 -3.656  1.00 11.41 ? 98  LEU D CD1   1 
ATOM 912  C CD2   . LEU C 3 37 ? 3.789   -13.864 -2.721  1.00 13.15 ? 98  LEU D CD2   1 
ATOM 913  N N     . SER C 3 38 ? 0.216   -10.816 -5.340  1.00 17.85 ? 99  SER D N     1 
ATOM 914  C CA    . SER C 3 38 ? -0.852  -9.797  -5.418  1.00 17.92 ? 99  SER D CA    1 
ATOM 915  C C     . SER C 3 38 ? -2.258  -10.358 -5.156  1.00 18.09 ? 99  SER D C     1 
ATOM 916  O O     . SER C 3 38 ? -3.065  -9.737  -4.470  1.00 17.73 ? 99  SER D O     1 
ATOM 917  C CB    . SER C 3 38 ? -0.846  -9.103  -6.769  1.00 17.60 ? 99  SER D CB    1 
ATOM 918  O OG    . SER C 3 38 ? 0.274   -8.261  -6.908  1.00 17.70 ? 99  SER D OG    1 
ATOM 919  N N     . LYS C 3 39 ? -2.539  -11.542 -5.689  1.00 18.27 ? 100 LYS D N     1 
ATOM 920  C CA    . LYS C 3 39 ? -3.813  -12.188 -5.429  1.00 19.11 ? 100 LYS D CA    1 
ATOM 921  C C     . LYS C 3 39 ? -4.008  -12.491 -3.939  1.00 19.67 ? 100 LYS D C     1 
ATOM 922  O O     . LYS C 3 39 ? -5.088  -12.265 -3.408  1.00 20.68 ? 100 LYS D O     1 
ATOM 923  C CB    . LYS C 3 39 ? -4.010  -13.423 -6.326  1.00 19.22 ? 100 LYS D CB    1 
ATOM 924  C CG    . LYS C 3 39 ? -4.162  -13.063 -7.822  1.00 19.38 ? 100 LYS D CG    1 
ATOM 925  C CD    . LYS C 3 39 ? -4.178  -14.278 -8.752  1.00 18.70 ? 100 LYS D CD    1 
ATOM 926  C CE    . LYS C 3 39 ? -5.523  -14.434 -9.448  1.00 17.51 ? 100 LYS D CE    1 
ATOM 927  N NZ    . LYS C 3 39 ? -5.501  -15.490 -10.509 1.00 15.82 ? 100 LYS D NZ    1 
ATOM 928  N N     . MET C 3 40 ? -2.955  -12.947 -3.270  1.00 20.10 ? 101 MET D N     1 
ATOM 929  C CA    . MET C 3 40 ? -2.989  -13.251 -1.840  1.00 20.65 ? 101 MET D CA    1 
ATOM 930  C C     . MET C 3 40 ? -3.099  -12.011 -0.959  1.00 21.04 ? 101 MET D C     1 
ATOM 931  O O     . MET C 3 40 ? -3.831  -11.997 0.033   1.00 21.91 ? 101 MET D O     1 
ATOM 932  C CB    . MET C 3 40 ? -1.743  -14.029 -1.437  1.00 20.66 ? 101 MET D CB    1 
ATOM 933  C CG    . MET C 3 40 ? -1.731  -15.505 -1.867  1.00 21.70 ? 101 MET D CG    1 
ATOM 934  S SD    . MET C 3 40 ? -0.216  -16.342 -1.311  1.00 20.89 ? 101 MET D SD    1 
ATOM 935  C CE    . MET C 3 40 ? 0.836   -16.044 -2.718  1.00 19.58 ? 101 MET D CE    1 
ATOM 936  N N     . LEU C 3 41 ? -2.354  -10.969 -1.288  1.00 20.98 ? 102 LEU D N     1 
ATOM 937  C CA    . LEU C 3 41 ? -2.444  -9.745  -0.520  1.00 20.60 ? 102 LEU D CA    1 
ATOM 938  C C     . LEU C 3 41 ? -3.886  -9.253  -0.621  1.00 21.17 ? 102 LEU D C     1 
ATOM 939  O O     . LEU C 3 41 ? -4.476  -8.803  0.379   1.00 21.96 ? 102 LEU D O     1 
ATOM 940  C CB    . LEU C 3 41 ? -1.457  -8.694  -1.040  1.00 20.04 ? 102 LEU D CB    1 
ATOM 941  C CG    . LEU C 3 41 ? 0.039   -8.969  -0.789  1.00 18.09 ? 102 LEU D CG    1 
ATOM 942  C CD1   . LEU C 3 41 ? 0.904   -8.346  -1.876  1.00 16.34 ? 102 LEU D CD1   1 
ATOM 943  C CD2   . LEU C 3 41 ? 0.467   -8.471  0.554   1.00 14.90 ? 102 LEU D CD2   1 
ATOM 944  N N     . GLY C 3 42 ? -4.461  -9.376  -1.819  1.00 20.51 ? 103 GLY D N     1 
ATOM 945  C CA    . GLY C 3 42 ? -5.812  -8.903  -2.054  1.00 20.38 ? 103 GLY D CA    1 
ATOM 946  C C     . GLY C 3 42 ? -6.777  -9.660  -1.173  1.00 20.23 ? 103 GLY D C     1 
ATOM 947  O O     . GLY C 3 42 ? -7.578  -9.060  -0.462  1.00 19.86 ? 103 GLY D O     1 
ATOM 948  N N     . LYS C 3 43 ? -6.658  -10.981 -1.200  1.00 20.30 ? 104 LYS D N     1 
ATOM 949  C CA    . LYS C 3 43 ? -7.524  -11.855 -0.412  1.00 21.07 ? 104 LYS D CA    1 
ATOM 950  C C     . LYS C 3 43 ? -7.456  -11.575 1.087   1.00 20.55 ? 104 LYS D C     1 
ATOM 951  O O     . LYS C 3 43 ? -8.494  -11.509 1.756   1.00 21.18 ? 104 LYS D O     1 
ATOM 952  C CB    . LYS C 3 43 ? -7.203  -13.347 -0.660  1.00 21.61 ? 104 LYS D CB    1 
ATOM 953  C CG    . LYS C 3 43 ? -7.049  -13.767 -2.118  1.00 22.66 ? 104 LYS D CG    1 
ATOM 954  C CD    . LYS C 3 43 ? -8.212  -14.581 -2.639  1.00 26.69 ? 104 LYS D CD    1 
ATOM 955  C CE    . LYS C 3 43 ? -7.667  -15.641 -3.623  1.00 28.33 ? 104 LYS D CE    1 
ATOM 956  N NZ    . LYS C 3 43 ? -8.671  -16.682 -3.956  1.00 29.08 ? 104 LYS D NZ    1 
ATOM 957  N N     . SER C 3 44 ? -6.255  -11.402 1.623   1.00 20.04 ? 105 SER D N     1 
ATOM 958  C CA    . SER C 3 44 ? -6.140  -11.276 3.069   1.00 20.40 ? 105 SER D CA    1 
ATOM 959  C C     . SER C 3 44 ? -6.300  -9.847  3.545   1.00 21.19 ? 105 SER D C     1 
ATOM 960  O O     . SER C 3 44 ? -6.422  -9.616  4.737   1.00 21.41 ? 105 SER D O     1 
ATOM 961  C CB    . SER C 3 44 ? -4.857  -11.920 3.608   1.00 19.88 ? 105 SER D CB    1 
ATOM 962  O OG    . SER C 3 44 ? -3.712  -11.291 3.090   1.00 18.87 ? 105 SER D OG    1 
ATOM 963  N N     . TRP C 3 45 ? -6.299  -8.891  2.619   1.00 22.32 ? 106 TRP D N     1 
ATOM 964  C CA    . TRP C 3 45 ? -6.670  -7.518  2.953   1.00 23.15 ? 106 TRP D CA    1 
ATOM 965  C C     . TRP C 3 45 ? -8.146  -7.496  3.293   1.00 23.48 ? 106 TRP D C     1 
ATOM 966  O O     . TRP C 3 45 ? -8.521  -6.968  4.344   1.00 24.15 ? 106 TRP D O     1 
ATOM 967  C CB    . TRP C 3 45 ? -6.449  -6.607  1.771   1.00 23.65 ? 106 TRP D CB    1 
ATOM 968  C CG    . TRP C 3 45 ? -6.776  -5.161  2.011   1.00 24.10 ? 106 TRP D CG    1 
ATOM 969  C CD1   . TRP C 3 45 ? -7.734  -4.414  1.369   1.00 23.80 ? 106 TRP D CD1   1 
ATOM 970  C CD2   . TRP C 3 45 ? -6.097  -4.257  2.908   1.00 23.90 ? 106 TRP D CD2   1 
ATOM 971  N NE1   . TRP C 3 45 ? -7.713  -3.106  1.837   1.00 23.73 ? 106 TRP D NE1   1 
ATOM 972  C CE2   . TRP C 3 45 ? -6.720  -2.990  2.781   1.00 24.68 ? 106 TRP D CE2   1 
ATOM 973  C CE3   . TRP C 3 45 ? -5.064  -4.407  3.835   1.00 22.84 ? 106 TRP D CE3   1 
ATOM 974  C CZ2   . TRP C 3 45 ? -6.315  -1.880  3.538   1.00 25.39 ? 106 TRP D CZ2   1 
ATOM 975  C CZ3   . TRP C 3 45 ? -4.679  -3.324  4.587   1.00 23.01 ? 106 TRP D CZ3   1 
ATOM 976  C CH2   . TRP C 3 45 ? -5.296  -2.067  4.427   1.00 24.29 ? 106 TRP D CH2   1 
ATOM 977  N N     . LYS C 3 46 ? -8.971  -8.067  2.401   1.00 23.14 ? 107 LYS D N     1 
ATOM 978  C CA    . LYS C 3 46 ? -10.427 -8.192  2.592   1.00 22.58 ? 107 LYS D CA    1 
ATOM 979  C C     . LYS C 3 46 ? -10.789 -8.958  3.888   1.00 22.21 ? 107 LYS D C     1 
ATOM 980  O O     . LYS C 3 46 ? -11.804 -8.690  4.525   1.00 21.33 ? 107 LYS D O     1 
ATOM 981  C CB    . LYS C 3 46 ? -11.074 -8.858  1.359   1.00 22.84 ? 107 LYS D CB    1 
ATOM 982  C CG    . LYS C 3 46 ? -12.533 -9.366  1.555   1.00 21.64 ? 107 LYS D CG    1 
ATOM 983  C CD    . LYS C 3 46 ? -13.098 -10.009 0.289   1.00 22.89 ? 107 LYS D CD    1 
ATOM 984  C CE    . LYS C 3 46 ? -14.031 -11.259 0.556   1.00 24.84 ? 107 LYS D CE    1 
ATOM 985  N NZ    . LYS C 3 46 ? -13.413 -12.644 0.371   1.00 24.19 ? 107 LYS D NZ    1 
ATOM 986  N N     . ALA C 3 47 ? -9.944  -9.920  4.263   1.00 21.81 ? 108 ALA D N     1 
ATOM 987  C CA    . ALA C 3 47 ? -10.134 -10.635 5.517   1.00 20.48 ? 108 ALA D CA    1 
ATOM 988  C C     . ALA C 3 47 ? -9.669  -9.785  6.720   1.00 19.93 ? 108 ALA D C     1 
ATOM 989  O O     . ALA C 3 47 ? -10.138 -9.996  7.841   1.00 20.47 ? 108 ALA D O     1 
ATOM 990  C CB    . ALA C 3 47 ? -9.442  -11.983 5.473   1.00 19.09 ? 108 ALA D CB    1 
ATOM 991  N N     . LEU C 3 48 ? -8.765  -8.831  6.503   1.00 18.93 ? 109 LEU D N     1 
ATOM 992  C CA    . LEU C 3 48 ? -8.365  -7.949  7.596   1.00 19.19 ? 109 LEU D CA    1 
ATOM 993  C C     . LEU C 3 48 ? -9.563  -7.070  7.995   1.00 18.96 ? 109 LEU D C     1 
ATOM 994  O O     . LEU C 3 48 ? -10.230 -6.465  7.145   1.00 17.80 ? 109 LEU D O     1 
ATOM 995  C CB    . LEU C 3 48 ? -7.142  -7.092  7.237   1.00 19.57 ? 109 LEU D CB    1 
ATOM 996  C CG    . LEU C 3 48 ? -5.758  -7.768  7.319   1.00 21.34 ? 109 LEU D CG    1 
ATOM 997  C CD1   . LEU C 3 48 ? -4.617  -6.757  7.166   1.00 21.64 ? 109 LEU D CD1   1 
ATOM 998  C CD2   . LEU C 3 48 ? -5.574  -8.565  8.599   1.00 21.30 ? 109 LEU D CD2   1 
ATOM 999  N N     . THR C 3 49 ? -9.856  -7.063  9.285   1.00 18.62 ? 110 THR D N     1 
ATOM 1000 C CA    . THR C 3 49 ? -10.950 -6.269  9.829   1.00 19.20 ? 110 THR D CA    1 
ATOM 1001 C C     . THR C 3 49 ? -10.620 -4.762  9.697   1.00 20.17 ? 110 THR D C     1 
ATOM 1002 O O     . THR C 3 49 ? -9.438  -4.399  9.544   1.00 21.06 ? 110 THR D O     1 
ATOM 1003 C CB    . THR C 3 49 ? -11.253 -6.761  11.263  1.00 18.54 ? 110 THR D CB    1 
ATOM 1004 O OG1   . THR C 3 49 ? -12.434 -7.564  11.228  1.00 16.79 ? 110 THR D OG1   1 
ATOM 1005 C CG2   . THR C 3 49 ? -11.409 -5.645  12.254  1.00 17.65 ? 110 THR D CG2   1 
ATOM 1006 N N     . LEU C 3 50 ? -11.635 -3.901  9.664   1.00 20.50 ? 111 LEU D N     1 
ATOM 1007 C CA    . LEU C 3 50 ? -11.386 -2.449  9.625   1.00 21.46 ? 111 LEU D CA    1 
ATOM 1008 C C     . LEU C 3 50 ? -10.532 -1.968  10.794  1.00 21.66 ? 111 LEU D C     1 
ATOM 1009 O O     . LEU C 3 50 ? -9.627  -1.170  10.603  1.00 22.46 ? 111 LEU D O     1 
ATOM 1010 C CB    . LEU C 3 50 ? -12.687 -1.646  9.556   1.00 21.17 ? 111 LEU D CB    1 
ATOM 1011 C CG    . LEU C 3 50 ? -13.226 -1.459  8.129   1.00 22.75 ? 111 LEU D CG    1 
ATOM 1012 C CD1   . LEU C 3 50 ? -14.711 -1.044  8.104   1.00 22.31 ? 111 LEU D CD1   1 
ATOM 1013 C CD2   . LEU C 3 50 ? -12.373 -0.495  7.294   1.00 22.78 ? 111 LEU D CD2   1 
ATOM 1014 N N     . ALA C 3 51 ? -10.810 -2.450  11.991  1.00 22.19 ? 112 ALA D N     1 
ATOM 1015 C CA    . ALA C 3 51 ? -9.972  -2.125  13.142  1.00 23.16 ? 112 ALA D CA    1 
ATOM 1016 C C     . ALA C 3 51 ? -8.542  -2.547  12.847  1.00 23.48 ? 112 ALA D C     1 
ATOM 1017 O O     . ALA C 3 51 ? -7.605  -1.803  13.137  1.00 24.04 ? 112 ALA D O     1 
ATOM 1018 C CB    . ALA C 3 51 ? -10.493 -2.787  14.448  1.00 22.34 ? 112 ALA D CB    1 
ATOM 1019 N N     . GLU C 3 52 ? -8.389  -3.724  12.245  1.00 23.96 ? 113 GLU D N     1 
ATOM 1020 C CA    . GLU C 3 52 ? -7.075  -4.271  11.922  1.00 23.83 ? 113 GLU D CA    1 
ATOM 1021 C C     . GLU C 3 52 ? -6.377  -3.365  10.934  1.00 24.50 ? 113 GLU D C     1 
ATOM 1022 O O     . GLU C 3 52 ? -5.219  -3.002  11.126  1.00 25.08 ? 113 GLU D O     1 
ATOM 1023 C CB    . GLU C 3 52 ? -7.189  -5.691  11.384  1.00 23.06 ? 113 GLU D CB    1 
ATOM 1024 C CG    . GLU C 3 52 ? -7.778  -6.656  12.398  1.00 23.55 ? 113 GLU D CG    1 
ATOM 1025 C CD    . GLU C 3 52 ? -7.486  -8.129  12.095  1.00 23.78 ? 113 GLU D CD    1 
ATOM 1026 O OE1   . GLU C 3 52 ? -7.762  -8.620  10.980  1.00 22.22 ? 113 GLU D OE1   1 
ATOM 1027 O OE2   . GLU C 3 52 ? -7.006  -8.815  13.004  1.00 25.50 ? 113 GLU D OE2   1 
ATOM 1028 N N     . LYS C 3 53 ? -7.094  -2.964  9.895   1.00 25.34 ? 114 LYS D N     1 
ATOM 1029 C CA    . LYS C 3 53 ? -6.560  -2.042  8.888   1.00 25.90 ? 114 LYS D CA    1 
ATOM 1030 C C     . LYS C 3 53 ? -6.220  -0.632  9.416   1.00 26.51 ? 114 LYS D C     1 
ATOM 1031 O O     . LYS C 3 53 ? -5.317  0.014   8.877   1.00 26.86 ? 114 LYS D O     1 
ATOM 1032 C CB    . LYS C 3 53 ? -7.524  -1.926  7.710   1.00 25.99 ? 114 LYS D CB    1 
ATOM 1033 C CG    . LYS C 3 53 ? -7.933  -3.259  7.074   1.00 26.34 ? 114 LYS D CG    1 
ATOM 1034 C CD    . LYS C 3 53 ? -9.031  -3.054  6.038   1.00 25.44 ? 114 LYS D CD    1 
ATOM 1035 C CE    . LYS C 3 53 ? -9.282  -4.328  5.251   1.00 23.76 ? 114 LYS D CE    1 
ATOM 1036 N NZ    . LYS C 3 53 ? -10.646 -4.334  4.642   1.00 27.07 ? 114 LYS D NZ    1 
ATOM 1037 N N     . ARG C 3 54 ? -6.916  -0.167  10.462  1.00 26.69 ? 115 ARG D N     1 
ATOM 1038 C CA    . ARG C 3 54 ? -6.748  1.212   10.983  1.00 27.18 ? 115 ARG D CA    1 
ATOM 1039 C C     . ARG C 3 54 ? -5.294  1.759   11.031  1.00 26.87 ? 115 ARG D C     1 
ATOM 1040 O O     . ARG C 3 54 ? -5.035  2.851   10.500  1.00 27.43 ? 115 ARG D O     1 
ATOM 1041 C CB    . ARG C 3 54 ? -7.452  1.395   12.351  1.00 27.03 ? 115 ARG D CB    1 
ATOM 1042 C CG    . ARG C 3 54 ? -7.145  2.731   13.094  1.00 27.26 ? 115 ARG D CG    1 
ATOM 1043 C CD    . ARG C 3 54 ? -7.938  2.928   14.433  1.00 29.33 ? 115 ARG D CD    1 
ATOM 1044 N NE    . ARG C 3 54 ? -8.097  1.675   15.180  1.00 34.77 ? 115 ARG D NE    1 
ATOM 1045 C CZ    . ARG C 3 54 ? -7.101  0.995   15.756  1.00 37.06 ? 115 ARG D CZ    1 
ATOM 1046 N NH1   . ARG C 3 54 ? -5.838  1.435   15.715  1.00 36.04 ? 115 ARG D NH1   1 
ATOM 1047 N NH2   . ARG C 3 54 ? -7.374  -0.143  16.378  1.00 39.09 ? 115 ARG D NH2   1 
ATOM 1048 N N     . PRO C 3 55 ? -4.345  1.026   11.651  1.00 26.19 ? 116 PRO D N     1 
ATOM 1049 C CA    . PRO C 3 55 ? -3.028  1.668   11.846  1.00 25.82 ? 116 PRO D CA    1 
ATOM 1050 C C     . PRO C 3 55 ? -2.376  1.981   10.510  1.00 25.31 ? 116 PRO D C     1 
ATOM 1051 O O     . PRO C 3 55 ? -1.447  2.797   10.429  1.00 25.71 ? 116 PRO D O     1 
ATOM 1052 C CB    . PRO C 3 55 ? -2.209  0.593   12.580  1.00 25.51 ? 116 PRO D CB    1 
ATOM 1053 C CG    . PRO C 3 55 ? -3.224  -0.344  13.155  1.00 25.72 ? 116 PRO D CG    1 
ATOM 1054 C CD    . PRO C 3 55 ? -4.358  -0.350  12.176  1.00 26.12 ? 116 PRO D CD    1 
ATOM 1055 N N     . PHE C 3 56 ? -2.872  1.326   9.469   1.00 24.35 ? 117 PHE D N     1 
ATOM 1056 C CA    . PHE C 3 56 ? -2.331  1.495   8.153   1.00 23.37 ? 117 PHE D CA    1 
ATOM 1057 C C     . PHE C 3 56 ? -2.943  2.710   7.526   1.00 24.40 ? 117 PHE D C     1 
ATOM 1058 O O     . PHE C 3 56 ? -2.197  3.554   6.988   1.00 24.98 ? 117 PHE D O     1 
ATOM 1059 C CB    . PHE C 3 56 ? -2.477  0.211   7.346   1.00 22.24 ? 117 PHE D CB    1 
ATOM 1060 C CG    . PHE C 3 56 ? -1.660  -0.916  7.920   1.00 20.25 ? 117 PHE D CG    1 
ATOM 1061 C CD1   . PHE C 3 56 ? -2.256  -1.931  8.648   1.00 17.23 ? 117 PHE D CD1   1 
ATOM 1062 C CD2   . PHE C 3 56 ? -0.268  -0.911  7.804   1.00 19.87 ? 117 PHE D CD2   1 
ATOM 1063 C CE1   . PHE C 3 56 ? -1.483  -2.952  9.217   1.00 14.88 ? 117 PHE D CE1   1 
ATOM 1064 C CE2   . PHE C 3 56 ? 0.523   -1.930  8.399   1.00 17.80 ? 117 PHE D CE2   1 
ATOM 1065 C CZ    . PHE C 3 56 ? -0.097  -2.942  9.097   1.00 16.79 ? 117 PHE D CZ    1 
ATOM 1066 N N     . VAL C 3 57 ? -4.272  2.852   7.654   1.00 24.31 ? 118 VAL D N     1 
ATOM 1067 C CA    . VAL C 3 57 ? -4.942  4.035   7.160   1.00 24.51 ? 118 VAL D CA    1 
ATOM 1068 C C     . VAL C 3 57 ? -4.202  5.199   7.775   1.00 25.29 ? 118 VAL D C     1 
ATOM 1069 O O     . VAL C 3 57 ? -3.895  6.194   7.114   1.00 26.48 ? 118 VAL D O     1 
ATOM 1070 C CB    . VAL C 3 57 ? -6.457  4.129   7.569   1.00 25.19 ? 118 VAL D CB    1 
ATOM 1071 C CG1   . VAL C 3 57 ? -7.122  5.349   6.916   1.00 23.84 ? 118 VAL D CG1   1 
ATOM 1072 C CG2   . VAL C 3 57 ? -7.256  2.850   7.192   1.00 24.68 ? 118 VAL D CG2   1 
ATOM 1073 N N     . GLU C 3 58 ? -3.881  5.064   9.052   1.00 25.83 ? 119 GLU D N     1 
ATOM 1074 C CA    . GLU C 3 58 ? -3.278  6.170   9.791   1.00 25.26 ? 119 GLU D CA    1 
ATOM 1075 C C     . GLU C 3 58 ? -1.908  6.446   9.206   1.00 25.25 ? 119 GLU D C     1 
ATOM 1076 O O     . GLU C 3 58 ? -1.543  7.604   9.000   1.00 25.06 ? 119 GLU D O     1 
ATOM 1077 C CB    . GLU C 3 58 ? -3.252  5.878   11.300  1.00 24.98 ? 119 GLU D CB    1 
ATOM 1078 C CG    . GLU C 3 58 ? -4.675  5.804   11.908  1.00 24.11 ? 119 GLU D CG    1 
ATOM 1079 C CD    . GLU C 3 58 ? -4.721  5.521   13.423  1.00 24.50 ? 119 GLU D CD    1 
ATOM 1080 O OE1   . GLU C 3 58 ? -3.769  4.938   14.001  1.00 21.70 ? 119 GLU D OE1   1 
ATOM 1081 O OE2   . GLU C 3 58 ? -5.747  5.884   14.041  1.00 24.92 ? 119 GLU D OE2   1 
ATOM 1082 N N     . GLU C 3 59 ? -1.172  5.386   8.882   1.00 25.51 ? 120 GLU D N     1 
ATOM 1083 C CA    . GLU C 3 59 ? 0.116   5.577   8.209   1.00 26.08 ? 120 GLU D CA    1 
ATOM 1084 C C     . GLU C 3 59 ? -0.051  6.198   6.813   1.00 25.66 ? 120 GLU D C     1 
ATOM 1085 O O     . GLU C 3 59 ? 0.667   7.145   6.471   1.00 25.88 ? 120 GLU D O     1 
ATOM 1086 C CB    . GLU C 3 59 ? 0.953   4.293   8.145   1.00 26.20 ? 120 GLU D CB    1 
ATOM 1087 C CG    . GLU C 3 59 ? 2.152   4.433   7.226   1.00 27.75 ? 120 GLU D CG    1 
ATOM 1088 C CD    . GLU C 3 59 ? 3.277   3.446   7.509   1.00 30.99 ? 120 GLU D CD    1 
ATOM 1089 O OE1   . GLU C 3 59 ? 4.466   3.880   7.442   1.00 32.17 ? 120 GLU D OE1   1 
ATOM 1090 O OE2   . GLU C 3 59 ? 2.984   2.248   7.766   1.00 31.28 ? 120 GLU D OE2   1 
ATOM 1091 N N     . ALA C 3 60 ? -0.989  5.681   6.018   1.00 24.92 ? 121 ALA D N     1 
ATOM 1092 C CA    . ALA C 3 60 ? -1.223  6.252   4.694   1.00 25.01 ? 121 ALA D CA    1 
ATOM 1093 C C     . ALA C 3 60 ? -1.501  7.760   4.757   1.00 24.92 ? 121 ALA D C     1 
ATOM 1094 O O     . ALA C 3 60 ? -1.212  8.469   3.792   1.00 25.28 ? 121 ALA D O     1 
ATOM 1095 C CB    . ALA C 3 60 ? -2.349  5.517   3.960   1.00 25.17 ? 121 ALA D CB    1 
ATOM 1096 N N     . GLU C 3 61 ? -2.054  8.237   5.886   1.00 24.68 ? 122 GLU D N     1 
ATOM 1097 C CA    . GLU C 3 61 ? -2.401  9.662   6.092   1.00 24.28 ? 122 GLU D CA    1 
ATOM 1098 C C     . GLU C 3 61 ? -1.188  10.503  6.452   1.00 24.11 ? 122 GLU D C     1 
ATOM 1099 O O     . GLU C 3 61 ? -1.000  11.613  5.922   1.00 24.42 ? 122 GLU D O     1 
ATOM 1100 C CB    . GLU C 3 61 ? -3.447  9.835   7.185   1.00 23.92 ? 122 GLU D CB    1 
ATOM 1101 C CG    . GLU C 3 61 ? -4.844  10.123  6.693   1.00 26.15 ? 122 GLU D CG    1 
ATOM 1102 C CD    . GLU C 3 61 ? -5.040  11.547  6.139   1.00 28.32 ? 122 GLU D CD    1 
ATOM 1103 O OE1   . GLU C 3 61 ? -4.774  12.560  6.883   1.00 25.66 ? 122 GLU D OE1   1 
ATOM 1104 O OE2   . GLU C 3 61 ? -5.484  11.626  4.956   1.00 25.71 ? 122 GLU D OE2   1 
ATOM 1105 N N     . ARG C 3 62 ? -0.374  9.999   7.379   1.00 23.53 ? 123 ARG D N     1 
ATOM 1106 C CA    . ARG C 3 62 ? 0.888   10.656  7.692   1.00 22.81 ? 123 ARG D CA    1 
ATOM 1107 C C     . ARG C 3 62 ? 1.619   10.940  6.389   1.00 22.64 ? 123 ARG D C     1 
ATOM 1108 O O     . ARG C 3 62 ? 2.058   12.070  6.137   1.00 22.23 ? 123 ARG D O     1 
ATOM 1109 C CB    . ARG C 3 62 ? 1.730   9.774   8.604   1.00 22.81 ? 123 ARG D CB    1 
ATOM 1110 C CG    . ARG C 3 62 ? 1.698   10.187  10.057  1.00 22.82 ? 123 ARG D CG    1 
ATOM 1111 C CD    . ARG C 3 62 ? 2.344   9.147   10.927  1.00 23.85 ? 123 ARG D CD    1 
ATOM 1112 N NE    . ARG C 3 62 ? 1.339   8.199   11.375  1.00 25.49 ? 123 ARG D NE    1 
ATOM 1113 C CZ    . ARG C 3 62 ? 1.403   6.891   11.172  1.00 27.54 ? 123 ARG D CZ    1 
ATOM 1114 N NH1   . ARG C 3 62 ? 2.451   6.352   10.547  1.00 28.44 ? 123 ARG D NH1   1 
ATOM 1115 N NH2   . ARG C 3 62 ? 0.422   6.119   11.620  1.00 28.76 ? 123 ARG D NH2   1 
ATOM 1116 N N     . LEU C 3 63 ? 1.698   9.903   5.552   1.00 22.91 ? 124 LEU D N     1 
ATOM 1117 C CA    . LEU C 3 63 ? 2.257   9.993   4.206   1.00 22.88 ? 124 LEU D CA    1 
ATOM 1118 C C     . LEU C 3 63 ? 1.569   11.042  3.342   1.00 22.39 ? 124 LEU D C     1 
ATOM 1119 O O     . LEU C 3 63 ? 2.259   11.863  2.751   1.00 22.36 ? 124 LEU D O     1 
ATOM 1120 C CB    . LEU C 3 63 ? 2.187   8.634   3.520   1.00 22.92 ? 124 LEU D CB    1 
ATOM 1121 C CG    . LEU C 3 63 ? 3.451   7.765   3.558   1.00 24.71 ? 124 LEU D CG    1 
ATOM 1122 C CD1   . LEU C 3 63 ? 4.141   7.668   4.973   1.00 24.30 ? 124 LEU D CD1   1 
ATOM 1123 C CD2   . LEU C 3 63 ? 3.089   6.384   3.005   1.00 23.85 ? 124 LEU D CD2   1 
ATOM 1124 N N     . ARG C 3 64 ? 0.232   11.036  3.293   1.00 21.49 ? 125 ARG D N     1 
ATOM 1125 C CA    . ARG C 3 64 ? -0.487  11.976  2.437   1.00 21.76 ? 125 ARG D CA    1 
ATOM 1126 C C     . ARG C 3 64 ? -0.235  13.377  2.922   1.00 21.63 ? 125 ARG D C     1 
ATOM 1127 O O     . ARG C 3 64 ? -0.040  14.278  2.119   1.00 22.42 ? 125 ARG D O     1 
ATOM 1128 C CB    . ARG C 3 64 ? -1.998  11.689  2.380   1.00 22.13 ? 125 ARG D CB    1 
ATOM 1129 C CG    . ARG C 3 64 ? -2.744  12.283  1.144   1.00 22.81 ? 125 ARG D CG    1 
ATOM 1130 C CD    . ARG C 3 64 ? -3.666  13.452  1.455   1.00 23.77 ? 125 ARG D CD    1 
ATOM 1131 N NE    . ARG C 3 64 ? -4.284  13.309  2.778   1.00 25.95 ? 125 ARG D NE    1 
ATOM 1132 C CZ    . ARG C 3 64 ? -4.786  14.324  3.487   1.00 24.97 ? 125 ARG D CZ    1 
ATOM 1133 N NH1   . ARG C 3 64 ? -4.764  15.556  2.988   1.00 26.18 ? 125 ARG D NH1   1 
ATOM 1134 N NH2   . ARG C 3 64 ? -5.288  14.120  4.694   1.00 20.49 ? 125 ARG D NH2   1 
ATOM 1135 N N     . VAL C 3 65 ? -0.224  13.564  4.237   1.00 21.47 ? 126 VAL D N     1 
ATOM 1136 C CA    . VAL C 3 65 ? 0.068   14.872  4.800   1.00 21.33 ? 126 VAL D CA    1 
ATOM 1137 C C     . VAL C 3 65 ? 1.479   15.269  4.404   1.00 21.83 ? 126 VAL D C     1 
ATOM 1138 O O     . VAL C 3 65 ? 1.688   16.367  3.880   1.00 22.08 ? 126 VAL D O     1 
ATOM 1139 C CB    . VAL C 3 65 ? -0.103  14.908  6.339   1.00 21.16 ? 126 VAL D CB    1 
ATOM 1140 C CG1   . VAL C 3 65 ? 0.705   16.045  6.950   1.00 18.98 ? 126 VAL D CG1   1 
ATOM 1141 C CG2   . VAL C 3 65 ? -1.596  14.976  6.726   1.00 20.43 ? 126 VAL D CG2   1 
ATOM 1142 N N     . GLN C 3 66 ? 2.436   14.367  4.647   1.00 22.06 ? 127 GLN D N     1 
ATOM 1143 C CA    . GLN C 3 66 ? 3.856   14.654  4.448   1.00 21.98 ? 127 GLN D CA    1 
ATOM 1144 C C     . GLN C 3 66 ? 4.091   15.043  3.018   1.00 22.11 ? 127 GLN D C     1 
ATOM 1145 O O     . GLN C 3 66 ? 4.790   16.029  2.742   1.00 21.89 ? 127 GLN D O     1 
ATOM 1146 C CB    . GLN C 3 66 ? 4.700   13.427  4.783   1.00 22.42 ? 127 GLN D CB    1 
ATOM 1147 C CG    . GLN C 3 66 ? 6.217   13.640  4.757   1.00 22.37 ? 127 GLN D CG    1 
ATOM 1148 C CD    . GLN C 3 66 ? 6.663   14.935  5.442   1.00 23.46 ? 127 GLN D CD    1 
ATOM 1149 O OE1   . GLN C 3 66 ? 7.381   15.746  4.843   1.00 23.10 ? 127 GLN D OE1   1 
ATOM 1150 N NE2   . GLN C 3 66 ? 6.231   15.138  6.695   1.00 23.01 ? 127 GLN D NE2   1 
ATOM 1151 N N     . HIS C 3 67 ? 3.501   14.245  2.120   1.00 22.12 ? 128 HIS D N     1 
ATOM 1152 C CA    . HIS C 3 67 ? 3.450   14.523  0.685   1.00 22.24 ? 128 HIS D CA    1 
ATOM 1153 C C     . HIS C 3 67 ? 2.994   15.959  0.443   1.00 22.84 ? 128 HIS D C     1 
ATOM 1154 O O     . HIS C 3 67 ? 3.666   16.727  -0.259  1.00 23.26 ? 128 HIS D O     1 
ATOM 1155 C CB    . HIS C 3 67 ? 2.499   13.538  0.007   1.00 22.16 ? 128 HIS D CB    1 
ATOM 1156 C CG    . HIS C 3 67 ? 2.621   13.482  -1.491  1.00 21.49 ? 128 HIS D CG    1 
ATOM 1157 N ND1   . HIS C 3 67 ? 2.138   14.475  -2.321  1.00 21.47 ? 128 HIS D ND1   1 
ATOM 1158 C CD2   . HIS C 3 67 ? 3.128   12.530  -2.307  1.00 19.30 ? 128 HIS D CD2   1 
ATOM 1159 C CE1   . HIS C 3 67 ? 2.365   14.145  -3.580  1.00 19.25 ? 128 HIS D CE1   1 
ATOM 1160 N NE2   . HIS C 3 67 ? 2.958   12.968  -3.599  1.00 18.90 ? 128 HIS D NE2   1 
ATOM 1161 N N     . MET C 3 68 ? 1.874   16.333  1.067   1.00 23.60 ? 129 MET D N     1 
ATOM 1162 C CA    . MET C 3 68 ? 1.366   17.698  0.974   1.00 23.36 ? 129 MET D CA    1 
ATOM 1163 C C     . MET C 3 68 ? 2.463   18.732  1.264   1.00 23.45 ? 129 MET D C     1 
ATOM 1164 O O     . MET C 3 68 ? 2.571   19.710  0.523   1.00 23.69 ? 129 MET D O     1 
ATOM 1165 C CB    . MET C 3 68 ? 0.139   17.886  1.869   1.00 23.32 ? 129 MET D CB    1 
ATOM 1166 C CG    . MET C 3 68 ? -1.185  17.326  1.326   1.00 23.32 ? 129 MET D CG    1 
ATOM 1167 S SD    . MET C 3 68 ? -2.599  18.180  2.127   1.00 23.40 ? 129 MET D SD    1 
ATOM 1168 C CE    . MET C 3 68 ? -3.925  18.046  0.912   1.00 25.08 ? 129 MET D CE    1 
ATOM 1169 N N     . GLN C 3 69 ? 3.280   18.520  2.310   1.00 24.08 ? 130 GLN D N     1 
ATOM 1170 C CA    . GLN C 3 69 ? 4.393   19.465  2.641   1.00 24.67 ? 130 GLN D CA    1 
ATOM 1171 C C     . GLN C 3 69 ? 5.439   19.464  1.536   1.00 25.17 ? 130 GLN D C     1 
ATOM 1172 O O     . GLN C 3 69 ? 5.791   20.517  1.002   1.00 25.26 ? 130 GLN D O     1 
ATOM 1173 C CB    . GLN C 3 69 ? 5.112   19.151  3.970   1.00 24.35 ? 130 GLN D CB    1 
ATOM 1174 C CG    . GLN C 3 69 ? 4.264   19.100  5.212   1.00 24.90 ? 130 GLN D CG    1 
ATOM 1175 C CD    . GLN C 3 69 ? 3.755   20.470  5.654   1.00 26.94 ? 130 GLN D CD    1 
ATOM 1176 O OE1   . GLN C 3 69 ? 4.484   21.246  6.270   1.00 26.04 ? 130 GLN D OE1   1 
ATOM 1177 N NE2   . GLN C 3 69 ? 2.476   20.756  5.366   1.00 27.82 ? 130 GLN D NE2   1 
ATOM 1178 N N     . ASP C 3 70 ? 5.925   18.277  1.181   1.00 25.82 ? 131 ASP D N     1 
ATOM 1179 C CA    . ASP C 3 70 ? 7.006   18.176  0.205   1.00 26.68 ? 131 ASP D CA    1 
ATOM 1180 C C     . ASP C 3 70 ? 6.633   18.790  -1.142  1.00 27.44 ? 131 ASP D C     1 
ATOM 1181 O O     . ASP C 3 70 ? 7.479   19.396  -1.805  1.00 27.58 ? 131 ASP D O     1 
ATOM 1182 C CB    . ASP C 3 70 ? 7.496   16.725  0.056   1.00 26.43 ? 131 ASP D CB    1 
ATOM 1183 C CG    . ASP C 3 70 ? 8.175   16.206  1.318   1.00 25.15 ? 131 ASP D CG    1 
ATOM 1184 O OD1   . ASP C 3 70 ? 8.817   17.010  2.020   1.00 24.54 ? 131 ASP D OD1   1 
ATOM 1185 O OD2   . ASP C 3 70 ? 8.065   15.004  1.622   1.00 23.63 ? 131 ASP D OD2   1 
ATOM 1186 N N     . HIS C 3 71 ? 5.371   18.657  -1.538  1.00 28.10 ? 132 HIS D N     1 
ATOM 1187 C CA    . HIS C 3 71 ? 4.960   19.176  -2.834  1.00 28.92 ? 132 HIS D CA    1 
ATOM 1188 C C     . HIS C 3 71 ? 3.607   19.857  -2.768  1.00 29.18 ? 132 HIS D C     1 
ATOM 1189 O O     . HIS C 3 71 ? 2.577   19.193  -2.845  1.00 29.58 ? 132 HIS D O     1 
ATOM 1190 C CB    . HIS C 3 71 ? 4.954   18.058  -3.868  1.00 29.19 ? 132 HIS D CB    1 
ATOM 1191 C CG    . HIS C 3 71 ? 6.071   17.078  -3.690  1.00 29.44 ? 132 HIS D CG    1 
ATOM 1192 N ND1   . HIS C 3 71 ? 7.374   17.366  -4.036  1.00 30.02 ? 132 HIS D ND1   1 
ATOM 1193 C CD2   . HIS C 3 71 ? 6.083   15.823  -3.180  1.00 29.10 ? 132 HIS D CD2   1 
ATOM 1194 C CE1   . HIS C 3 71 ? 8.140   16.326  -3.757  1.00 30.15 ? 132 HIS D CE1   1 
ATOM 1195 N NE2   . HIS C 3 71 ? 7.381   15.375  -3.239  1.00 29.72 ? 132 HIS D NE2   1 
ATOM 1196 N N     . PRO C 3 72 ? 3.608   21.194  -2.617  1.00 29.35 ? 133 PRO D N     1 
ATOM 1197 C CA    . PRO C 3 72 ? 2.379   21.983  -2.513  1.00 29.54 ? 133 PRO D CA    1 
ATOM 1198 C C     . PRO C 3 72 ? 1.638   22.017  -3.838  1.00 30.01 ? 133 PRO D C     1 
ATOM 1199 O O     . PRO C 3 72 ? 0.429   21.795  -3.867  1.00 29.89 ? 133 PRO D O     1 
ATOM 1200 C CB    . PRO C 3 72 ? 2.878   23.395  -2.182  1.00 29.24 ? 133 PRO D CB    1 
ATOM 1201 C CG    . PRO C 3 72 ? 4.333   23.263  -1.875  1.00 29.24 ? 133 PRO D CG    1 
ATOM 1202 C CD    . PRO C 3 72 ? 4.816   22.035  -2.560  1.00 29.25 ? 133 PRO D CD    1 
ATOM 1203 N N     . ASN C 3 73 ? 2.382   22.252  -4.922  1.00 30.76 ? 134 ASN D N     1 
ATOM 1204 C CA    . ASN C 3 73 ? 1.819   22.489  -6.259  1.00 31.06 ? 134 ASN D CA    1 
ATOM 1205 C C     . ASN C 3 73 ? 1.449   21.271  -7.084  1.00 31.09 ? 134 ASN D C     1 
ATOM 1206 O O     . ASN C 3 73 ? 1.133   21.402  -8.274  1.00 31.12 ? 134 ASN D O     1 
ATOM 1207 C CB    . ASN C 3 73 ? 2.746   23.395  -7.065  1.00 31.14 ? 134 ASN D CB    1 
ATOM 1208 C CG    . ASN C 3 73 ? 2.486   24.851  -6.791  1.00 31.61 ? 134 ASN D CG    1 
ATOM 1209 O OD1   . ASN C 3 73 ? 1.978   25.207  -5.723  1.00 32.04 ? 134 ASN D OD1   1 
ATOM 1210 N ND2   . ASN C 3 73 ? 2.811   25.708  -7.757  1.00 31.92 ? 134 ASN D ND2   1 
ATOM 1211 N N     . TYR C 3 74 ? 1.459   20.108  -6.433  1.00 31.04 ? 135 TYR D N     1 
ATOM 1212 C CA    . TYR C 3 74 ? 1.197   18.819  -7.063  1.00 31.18 ? 135 TYR D CA    1 
ATOM 1213 C C     . TYR C 3 74 ? -0.264  18.584  -7.472  1.00 31.28 ? 135 TYR D C     1 
ATOM 1214 O O     . TYR C 3 74 ? -1.158  18.495  -6.635  1.00 31.46 ? 135 TYR D O     1 
ATOM 1215 C CB    . TYR C 3 74 ? 1.690   17.696  -6.133  1.00 31.26 ? 135 TYR D CB    1 
ATOM 1216 C CG    . TYR C 3 74 ? 1.338   16.289  -6.572  1.00 31.05 ? 135 TYR D CG    1 
ATOM 1217 C CD1   . TYR C 3 74 ? 1.823   15.770  -7.777  1.00 31.18 ? 135 TYR D CD1   1 
ATOM 1218 C CD2   . TYR C 3 74 ? 0.528   15.470  -5.777  1.00 30.25 ? 135 TYR D CD2   1 
ATOM 1219 C CE1   . TYR C 3 74 ? 1.501   14.465  -8.187  1.00 31.46 ? 135 TYR D CE1   1 
ATOM 1220 C CE2   . TYR C 3 74 ? 0.203   14.166  -6.175  1.00 30.83 ? 135 TYR D CE2   1 
ATOM 1221 C CZ    . TYR C 3 74 ? 0.699   13.674  -7.382  1.00 31.15 ? 135 TYR D CZ    1 
ATOM 1222 O OH    . TYR C 3 74 ? 0.398   12.406  -7.797  1.00 30.94 ? 135 TYR D OH    1 
ATOM 1223 N N     . LYS C 3 75 ? -0.497  18.490  -8.773  1.00 31.54 ? 136 LYS D N     1 
ATOM 1224 C CA    . LYS C 3 75 ? -1.760  17.989  -9.284  1.00 31.90 ? 136 LYS D CA    1 
ATOM 1225 C C     . LYS C 3 75 ? -1.484  16.583  -9.764  1.00 31.94 ? 136 LYS D C     1 
ATOM 1226 O O     . LYS C 3 75 ? -0.500  16.372  -10.491 1.00 31.96 ? 136 LYS D O     1 
ATOM 1227 C CB    . LYS C 3 75 ? -2.226  18.822  -10.472 1.00 32.39 ? 136 LYS D CB    1 
ATOM 1228 C CG    . LYS C 3 75 ? -3.236  19.889  -10.146 1.00 33.56 ? 136 LYS D CG    1 
ATOM 1229 C CD    . LYS C 3 75 ? -4.618  19.289  -9.931  1.00 36.47 ? 136 LYS D CD    1 
ATOM 1230 C CE    . LYS C 3 75 ? -5.686  20.379  -9.981  1.00 38.16 ? 136 LYS D CE    1 
ATOM 1231 N NZ    . LYS C 3 75 ? -6.938  19.930  -9.313  1.00 40.03 ? 136 LYS D NZ    1 
ATOM 1232 N N     . TYR C 3 76 ? -2.328  15.621  -9.376  1.00 31.75 ? 137 TYR D N     1 
ATOM 1233 C CA    . TYR C 3 76 ? -2.205  14.260  -9.910  1.00 31.50 ? 137 TYR D CA    1 
ATOM 1234 C C     . TYR C 3 76 ? -2.525  14.250  -11.419 1.00 31.64 ? 137 TYR D C     1 
ATOM 1235 O O     . TYR C 3 76 ? -3.655  14.514  -11.824 1.00 31.58 ? 137 TYR D O     1 
ATOM 1236 C CB    . TYR C 3 76 ? -3.075  13.269  -9.113  1.00 31.38 ? 137 TYR D CB    1 
ATOM 1237 C CG    . TYR C 3 76 ? -3.246  11.911  -9.775  1.00 31.08 ? 137 TYR D CG    1 
ATOM 1238 C CD1   . TYR C 3 76 ? -2.156  11.244  -10.347 1.00 32.70 ? 137 TYR D CD1   1 
ATOM 1239 C CD2   . TYR C 3 76 ? -4.496  11.300  -9.844  1.00 30.05 ? 137 TYR D CD2   1 
ATOM 1240 C CE1   . TYR C 3 76 ? -2.309  10.009  -10.981 1.00 32.55 ? 137 TYR D CE1   1 
ATOM 1241 C CE2   . TYR C 3 76 ? -4.664  10.065  -10.461 1.00 29.88 ? 137 TYR D CE2   1 
ATOM 1242 C CZ    . TYR C 3 76 ? -3.564  9.418   -11.028 1.00 31.62 ? 137 TYR D CZ    1 
ATOM 1243 O OH    . TYR C 3 76 ? -3.708  8.193   -11.653 1.00 30.34 ? 137 TYR D OH    1 
ATOM 1244 N N     . ARG C 3 77 ? -1.515  13.974  -12.242 1.00 31.95 ? 138 ARG D N     1 
ATOM 1245 C CA    . ARG C 3 77 ? -1.660  14.065  -13.710 1.00 32.86 ? 138 ARG D CA    1 
ATOM 1246 C C     . ARG C 3 77 ? -1.461  12.713  -14.415 1.00 33.01 ? 138 ARG D C     1 
ATOM 1247 O O     . ARG C 3 77 ? -0.329  12.268  -14.616 1.00 32.77 ? 138 ARG D O     1 
ATOM 1248 C CB    . ARG C 3 77 ? -0.723  15.136  -14.313 1.00 32.71 ? 138 ARG D CB    1 
ATOM 1249 C CG    . ARG C 3 77 ? -1.089  16.590  -13.983 1.00 33.23 ? 138 ARG D CG    1 
ATOM 1250 C CD    . ARG C 3 77 ? 0.082   17.545  -14.263 1.00 33.74 ? 138 ARG D CD    1 
ATOM 1251 N NE    . ARG C 3 77 ? -0.110  18.887  -13.697 1.00 35.57 ? 138 ARG D NE    1 
ATOM 1252 C CZ    . ARG C 3 77 ? -0.481  19.961  -14.395 1.00 36.29 ? 138 ARG D CZ    1 
ATOM 1253 N NH1   . ARG C 3 77 ? -0.708  19.871  -15.701 1.00 35.17 ? 138 ARG D NH1   1 
ATOM 1254 N NH2   . ARG C 3 77 ? -0.624  21.136  -13.786 1.00 36.68 ? 138 ARG D NH2   1 
ATOM 1255 N N     . PRO C 3 78 ? -2.570  12.037  -14.758 1.00 33.45 ? 139 PRO D N     1 
ATOM 1256 C CA    . PRO C 3 78 ? -2.541  10.763  -15.467 1.00 33.88 ? 139 PRO D CA    1 
ATOM 1257 C C     . PRO C 3 78 ? -2.322  10.944  -16.970 1.00 34.60 ? 139 PRO D C     1 
ATOM 1258 O O     . PRO C 3 78 ? -1.966  12.039  -17.407 1.00 35.02 ? 139 PRO D O     1 
ATOM 1259 C CB    . PRO C 3 78 ? -3.930  10.180  -15.174 1.00 34.09 ? 139 PRO D CB    1 
ATOM 1260 C CG    . PRO C 3 78 ? -4.567  11.113  -14.150 1.00 33.27 ? 139 PRO D CG    1 
ATOM 1261 C CD    . PRO C 3 78 ? -3.948  12.421  -14.422 1.00 33.41 ? 139 PRO D CD    1 
ATOM 1262 N N     . ARG C 3 79 ? -2.518  9.886   -17.759 1.00 35.00 ? 140 ARG D N     1 
ATOM 1263 C CA    . ARG C 3 79 ? -2.244  9.944   -19.193 1.00 35.37 ? 140 ARG D CA    1 
ATOM 1264 C C     . ARG C 3 79 ? -3.292  9.178   -20.014 1.00 35.92 ? 140 ARG D C     1 
ATOM 1265 O O     . ARG C 3 79 ? -4.298  8.746   -19.460 1.00 36.27 ? 140 ARG D O     1 
ATOM 1266 C CB    . ARG C 3 79 ? -0.824  9.426   -19.458 1.00 35.29 ? 140 ARG D CB    1 
ATOM 1267 C CG    . ARG C 3 79 ? 0.241   10.508  -19.405 1.00 35.10 ? 140 ARG D CG    1 
ATOM 1268 C CD    . ARG C 3 79 ? -0.036  11.562  -20.501 1.00 36.03 ? 140 ARG D CD    1 
ATOM 1269 N NE    . ARG C 3 79 ? 0.849   12.733  -20.466 1.00 35.74 ? 140 ARG D NE    1 
ATOM 1270 C CZ    . ARG C 3 79 ? 0.884   13.647  -19.494 1.00 35.12 ? 140 ARG D CZ    1 
ATOM 1271 N NH1   . ARG C 3 79 ? 0.110   13.538  -18.418 1.00 35.63 ? 140 ARG D NH1   1 
ATOM 1272 N NH2   . ARG C 3 79 ? 1.724   14.667  -19.583 1.00 34.51 ? 140 ARG D NH2   1 
ATOM 1273 N N     . ARG C 3 80 ? -3.072  9.035   -21.323 1.00 36.25 ? 141 ARG D N     1 
ATOM 1274 C CA    . ARG C 3 80 ? -3.899  8.172   -22.174 1.00 36.62 ? 141 ARG D CA    1 
ATOM 1275 C C     . ARG C 3 80 ? -3.256  7.913   -23.531 1.00 36.69 ? 141 ARG D C     1 
ATOM 1276 O O     . ARG C 3 80 ? -3.621  6.966   -24.226 1.00 36.74 ? 141 ARG D O     1 
ATOM 1277 C CB    . ARG C 3 80 ? -5.292  8.762   -22.376 1.00 36.85 ? 141 ARG D CB    1 
ATOM 1278 C CG    . ARG C 3 80 ? -6.295  8.305   -21.339 1.00 37.66 ? 141 ARG D CG    1 
ATOM 1279 C CD    . ARG C 3 80 ? -7.606  9.076   -21.419 1.00 39.29 ? 141 ARG D CD    1 
ATOM 1280 N NE    . ARG C 3 80 ? -7.448  10.461  -21.874 1.00 39.96 ? 141 ARG D NE    1 
ATOM 1281 C CZ    . ARG C 3 80 ? -8.164  11.496  -21.423 1.00 40.01 ? 141 ARG D CZ    1 
ATOM 1282 N NH1   . ARG C 3 80 ? -9.088  11.330  -20.482 1.00 39.62 ? 141 ARG D NH1   1 
ATOM 1283 N NH2   . ARG C 3 80 ? -7.949  12.710  -21.907 1.00 39.48 ? 141 ARG D NH2   1 
# 
loop_
_pdbx_poly_seq_scheme.asym_id 
_pdbx_poly_seq_scheme.entity_id 
_pdbx_poly_seq_scheme.seq_id 
_pdbx_poly_seq_scheme.mon_id 
_pdbx_poly_seq_scheme.ndb_seq_num 
_pdbx_poly_seq_scheme.pdb_seq_num 
_pdbx_poly_seq_scheme.auth_seq_num 
_pdbx_poly_seq_scheme.pdb_mon_id 
_pdbx_poly_seq_scheme.auth_mon_id 
_pdbx_poly_seq_scheme.pdb_strand_id 
_pdbx_poly_seq_scheme.pdb_ins_code 
_pdbx_poly_seq_scheme.hetero 
A 1 1  DG  1  1   1   DG  G   A . n 
A 1 2  DT  2  2   2   DT  T   A . n 
A 1 3  DC  3  3   3   DC  C   A . n 
A 1 4  DT  4  4   4   DT  T   A . n 
A 1 5  DC  5  5   5   DC  C   A . n 
A 1 6  DT  6  6   6   DT  T   A . n 
A 1 7  DA  7  7   7   DA  A   A . n 
A 1 8  DT  8  8   8   DT  T   A . n 
A 1 9  DT  9  9   9   DT  T   A . n 
A 1 10 DG  10 10  10  DG  G   A . n 
A 1 11 DT  11 11  11  DT  T   A . n 
A 1 12 DC  12 12  12  DC  C   A . n 
A 1 13 DC  13 13  13  DC  C   A . n 
A 1 14 DT  14 14  14  DT  T   A . n 
A 1 15 DG  15 15  15  DG  G   A . n 
A 1 16 DG  16 16  16  DG  G   A . n 
B 2 1  DC  1  1   1   DC  C   B . n 
B 2 2  DC  2  2   2   DC  C   B . n 
B 2 3  DA  3  3   3   DA  A   B . n 
B 2 4  DG  4  4   4   DG  G   B . n 
B 2 5  DG  5  5   5   DG  G   B . n 
B 2 6  DA  6  6   6   DA  A   B . n 
B 2 7  DC  7  7   7   DC  C   B . n 
B 2 8  DA  8  8   8   DA  A   B . n 
B 2 9  DA  9  9   9   DA  A   B . n 
B 2 10 DT  10 10  10  DT  T   B . n 
B 2 11 DA  11 11  11  DA  A   B . n 
B 2 12 DG  12 12  12  DG  G   B . n 
B 2 13 DA  13 13  13  DA  A   B . n 
B 2 14 DG  14 14  14  DG  G   B . n 
B 2 15 DA  15 15  15  DA  A   B . n 
B 2 16 DC  16 16  16  DC  C   B . n 
C 3 1  GLY 1  62  ?   ?   ?   D . n 
C 3 2  SER 2  63  ?   ?   ?   D . n 
C 3 3  PHE 3  64  ?   ?   ?   D . n 
C 3 4  THR 4  65  ?   ?   ?   D . n 
C 3 5  SER 5  66  ?   ?   ?   D . n 
C 3 6  ARG 6  67  ?   ?   ?   D . n 
C 3 7  ILE 7  68  68  ILE ILE D . n 
C 3 8  ARG 8  69  69  ARG ARG D . n 
C 3 9  ARG 9  70  70  ARG ARG D . n 
C 3 10 PRO 10 71  71  PRO PRO D . n 
C 3 11 MET 11 72  72  MET MET D . n 
C 3 12 ASN 12 73  73  ASN ASN D . n 
C 3 13 ALA 13 74  74  ALA ALA D . n 
C 3 14 PHE 14 75  75  PHE PHE D . n 
C 3 15 MET 15 76  76  MET MET D . n 
C 3 16 VAL 16 77  77  VAL VAL D . n 
C 3 17 TRP 17 78  78  TRP TRP D . n 
C 3 18 ALA 18 79  79  ALA ALA D . n 
C 3 19 LYS 19 80  80  LYS LYS D . n 
C 3 20 ASP 20 81  81  ASP ASP D . n 
C 3 21 GLU 21 82  82  GLU GLU D . n 
C 3 22 ARG 22 83  83  ARG ARG D . n 
C 3 23 LYS 23 84  84  LYS LYS D . n 
C 3 24 ARG 24 85  85  ARG ARG D . n 
C 3 25 LEU 25 86  86  LEU LEU D . n 
C 3 26 ALA 26 87  87  ALA ALA D . n 
C 3 27 GLN 27 88  88  GLN GLN D . n 
C 3 28 GLN 28 89  89  GLN GLN D . n 
C 3 29 ASN 29 90  90  ASN ASN D . n 
C 3 30 PRO 30 91  91  PRO PRO D . n 
C 3 31 ASP 31 92  92  ASP ASP D . n 
C 3 32 LEU 32 93  93  LEU LEU D . n 
C 3 33 HIS 33 94  94  HIS HIS D . n 
C 3 34 ASN 34 95  95  ASN ASN D . n 
C 3 35 ALA 35 96  96  ALA ALA D . n 
C 3 36 GLU 36 97  97  GLU GLU D . n 
C 3 37 LEU 37 98  98  LEU LEU D . n 
C 3 38 SER 38 99  99  SER SER D . n 
C 3 39 LYS 39 100 100 LYS LYS D . n 
C 3 40 MET 40 101 101 MET MET D . n 
C 3 41 LEU 41 102 102 LEU LEU D . n 
C 3 42 GLY 42 103 103 GLY GLY D . n 
C 3 43 LYS 43 104 104 LYS LYS D . n 
C 3 44 SER 44 105 105 SER SER D . n 
C 3 45 TRP 45 106 106 TRP TRP D . n 
C 3 46 LYS 46 107 107 LYS LYS D . n 
C 3 47 ALA 47 108 108 ALA ALA D . n 
C 3 48 LEU 48 109 109 LEU LEU D . n 
C 3 49 THR 49 110 110 THR THR D . n 
C 3 50 LEU 50 111 111 LEU LEU D . n 
C 3 51 ALA 51 112 112 ALA ALA D . n 
C 3 52 GLU 52 113 113 GLU GLU D . n 
C 3 53 LYS 53 114 114 LYS LYS D . n 
C 3 54 ARG 54 115 115 ARG ARG D . n 
C 3 55 PRO 55 116 116 PRO PRO D . n 
C 3 56 PHE 56 117 117 PHE PHE D . n 
C 3 57 VAL 57 118 118 VAL VAL D . n 
C 3 58 GLU 58 119 119 GLU GLU D . n 
C 3 59 GLU 59 120 120 GLU GLU D . n 
C 3 60 ALA 60 121 121 ALA ALA D . n 
C 3 61 GLU 61 122 122 GLU GLU D . n 
C 3 62 ARG 62 123 123 ARG ARG D . n 
C 3 63 LEU 63 124 124 LEU LEU D . n 
C 3 64 ARG 64 125 125 ARG ARG D . n 
C 3 65 VAL 65 126 126 VAL VAL D . n 
C 3 66 GLN 66 127 127 GLN GLN D . n 
C 3 67 HIS 67 128 128 HIS HIS D . n 
C 3 68 MET 68 129 129 MET MET D . n 
C 3 69 GLN 69 130 130 GLN GLN D . n 
C 3 70 ASP 70 131 131 ASP ASP D . n 
C 3 71 HIS 71 132 132 HIS HIS D . n 
C 3 72 PRO 72 133 133 PRO PRO D . n 
C 3 73 ASN 73 134 134 ASN ASN D . n 
C 3 74 TYR 74 135 135 TYR TYR D . n 
C 3 75 LYS 75 136 136 LYS LYS D . n 
C 3 76 TYR 76 137 137 TYR TYR D . n 
C 3 77 ARG 77 138 138 ARG ARG D . n 
C 3 78 PRO 78 139 139 PRO PRO D . n 
C 3 79 ARG 79 140 140 ARG ARG D . n 
C 3 80 ARG 80 141 141 ARG ARG D . n 
C 3 81 ARG 81 142 ?   ?   ?   D . n 
C 3 82 LYS 82 143 ?   ?   ?   D . n 
C 3 83 GLN 83 144 ?   ?   ?   D . n 
# 
_pdbx_struct_assembly.id                   1 
_pdbx_struct_assembly.details              author_and_software_defined_assembly 
_pdbx_struct_assembly.method_details       PISA 
_pdbx_struct_assembly.oligomeric_details   trimeric 
_pdbx_struct_assembly.oligomeric_count     3 
# 
_pdbx_struct_assembly_gen.assembly_id       1 
_pdbx_struct_assembly_gen.oper_expression   1 
_pdbx_struct_assembly_gen.asym_id_list      A,B,C 
# 
loop_
_pdbx_struct_assembly_prop.biol_id 
_pdbx_struct_assembly_prop.type 
_pdbx_struct_assembly_prop.value 
_pdbx_struct_assembly_prop.details 
1 'ABSA (A^2)' 4020 ? 
1 MORE         -10  ? 
1 'SSA (A^2)'  9820 ? 
# 
_pdbx_struct_oper_list.id                   1 
_pdbx_struct_oper_list.type                 'identity operation' 
_pdbx_struct_oper_list.name                 1_555 
_pdbx_struct_oper_list.symmetry_operation   x,y,z 
_pdbx_struct_oper_list.matrix[1][1]         1.0000000000 
_pdbx_struct_oper_list.matrix[1][2]         0.0000000000 
_pdbx_struct_oper_list.matrix[1][3]         0.0000000000 
_pdbx_struct_oper_list.vector[1]            0.0000000000 
_pdbx_struct_oper_list.matrix[2][1]         0.0000000000 
_pdbx_struct_oper_list.matrix[2][2]         1.0000000000 
_pdbx_struct_oper_list.matrix[2][3]         0.0000000000 
_pdbx_struct_oper_list.vector[2]            0.0000000000 
_pdbx_struct_oper_list.matrix[3][1]         0.0000000000 
_pdbx_struct_oper_list.matrix[3][2]         0.0000000000 
_pdbx_struct_oper_list.matrix[3][3]         1.0000000000 
_pdbx_struct_oper_list.vector[3]            0.0000000000 
# 
loop_
_pdbx_audit_revision_history.ordinal 
_pdbx_audit_revision_history.data_content_type 
_pdbx_audit_revision_history.major_revision 
_pdbx_audit_revision_history.minor_revision 
_pdbx_audit_revision_history.revision_date 
1 'Structure model' 1 0 2009-04-07 
2 'Structure model' 1 1 2011-07-13 
3 'Structure model' 1 2 2023-06-14 
4 'Structure model' 1 3 2023-11-08 
# 
_pdbx_audit_revision_details.ordinal             1 
_pdbx_audit_revision_details.revision_ordinal    1 
_pdbx_audit_revision_details.data_content_type   'Structure model' 
_pdbx_audit_revision_details.provider            repository 
_pdbx_audit_revision_details.type                'Initial release' 
_pdbx_audit_revision_details.description         ? 
_pdbx_audit_revision_details.details             ? 
# 
loop_
_pdbx_audit_revision_group.ordinal 
_pdbx_audit_revision_group.revision_ordinal 
_pdbx_audit_revision_group.data_content_type 
_pdbx_audit_revision_group.group 
1 2 'Structure model' Advisory                    
2 2 'Structure model' 'Version format compliance' 
3 3 'Structure model' 'Database references'       
4 3 'Structure model' 'Derived calculations'      
5 3 'Structure model' 'Source and taxonomy'       
6 4 'Structure model' 'Data collection'           
7 4 'Structure model' 'Refinement description'    
# 
loop_
_pdbx_audit_revision_category.ordinal 
_pdbx_audit_revision_category.revision_ordinal 
_pdbx_audit_revision_category.data_content_type 
_pdbx_audit_revision_category.category 
1 3 'Structure model' database_2                    
2 3 'Structure model' pdbx_entity_src_syn           
3 3 'Structure model' pdbx_struct_assembly          
4 3 'Structure model' pdbx_struct_assembly_gen      
5 3 'Structure model' pdbx_struct_assembly_prop     
6 3 'Structure model' struct_ref_seq_dif            
7 4 'Structure model' chem_comp_atom                
8 4 'Structure model' chem_comp_bond                
9 4 'Structure model' pdbx_initial_refinement_model 
# 
loop_
_pdbx_audit_revision_item.ordinal 
_pdbx_audit_revision_item.revision_ordinal 
_pdbx_audit_revision_item.data_content_type 
_pdbx_audit_revision_item.item 
1 3 'Structure model' '_database_2.pdbx_DOI'                
2 3 'Structure model' '_database_2.pdbx_database_accession' 
3 3 'Structure model' '_struct_ref_seq_dif.details'         
# 
loop_
_pdbx_refine_tls.id 
_pdbx_refine_tls.details 
_pdbx_refine_tls.method 
_pdbx_refine_tls.origin_x 
_pdbx_refine_tls.origin_y 
_pdbx_refine_tls.origin_z 
_pdbx_refine_tls.T[1][1] 
_pdbx_refine_tls.T[2][2] 
_pdbx_refine_tls.T[3][3] 
_pdbx_refine_tls.T[1][2] 
_pdbx_refine_tls.T[1][3] 
_pdbx_refine_tls.T[2][3] 
_pdbx_refine_tls.L[1][1] 
_pdbx_refine_tls.L[2][2] 
_pdbx_refine_tls.L[3][3] 
_pdbx_refine_tls.L[1][2] 
_pdbx_refine_tls.L[1][3] 
_pdbx_refine_tls.L[2][3] 
_pdbx_refine_tls.S[1][1] 
_pdbx_refine_tls.S[2][2] 
_pdbx_refine_tls.S[3][3] 
_pdbx_refine_tls.S[1][2] 
_pdbx_refine_tls.S[1][3] 
_pdbx_refine_tls.S[2][3] 
_pdbx_refine_tls.S[2][1] 
_pdbx_refine_tls.S[3][1] 
_pdbx_refine_tls.S[3][2] 
_pdbx_refine_tls.pdbx_refine_id 
1 ? refined -1.3490 -0.4735 -13.8925 0.4790  0.2648 -0.0717 0.1651 -0.0349 -0.0585 4.9339 5.9315 2.3173 0.0557  -2.1681 -0.3313 -0.0512 -0.0071 0.0583  0.7327  -0.0924 -0.1152 -1.5516 0.1198 0.2978 'X-RAY DIFFRACTION' 
2 ? refined -0.0382 0.4748  -0.2489  -0.0288 0.2218 -0.0397 0.1288 -0.0443 -0.1108 2.7247 8.4196 3.6378 -1.4648 -0.9875 0.7981  0.1850  -0.0162 -0.1688 -0.2409 0.1749  -0.4506 -0.4381 0.1169 0.5848 'X-RAY DIFFRACTION' 
# 
loop_
_pdbx_refine_tls_group.id 
_pdbx_refine_tls_group.refine_tls_id 
_pdbx_refine_tls_group.beg_auth_asym_id 
_pdbx_refine_tls_group.end_auth_asym_id 
_pdbx_refine_tls_group.end_auth_seq_id 
_pdbx_refine_tls_group.selection 
_pdbx_refine_tls_group.beg_auth_seq_id 
_pdbx_refine_tls_group.beg_label_asym_id 
_pdbx_refine_tls_group.beg_label_seq_id 
_pdbx_refine_tls_group.end_label_asym_id 
_pdbx_refine_tls_group.end_label_seq_id 
_pdbx_refine_tls_group.pdbx_refine_id 
_pdbx_refine_tls_group.selection_details 
1 1 A A 16  ? 1  . . . . 'X-RAY DIFFRACTION' ? 
2 1 B B 16  ? 1  . . . . 'X-RAY DIFFRACTION' ? 
3 2 D D 141 ? 67 . . . . 'X-RAY DIFFRACTION' ? 
# 
loop_
_software.name 
_software.version 
_software.date 
_software.type 
_software.contact_author 
_software.contact_author_email 
_software.classification 
_software.location 
_software.language 
_software.citation_id 
_software.pdbx_ordinal 
SAINT       .        ?               package ?                    ?                     'data scaling'    
http://www.bruker-axs.de/                    ?          ? 1 
REFMAC      5.2.0019 ?               program 'Garib N. Murshudov' garib@ysbl.york.ac.uk refinement        
http://www.ccp4.ac.uk/dist/html/refmac5.html Fortran_77 ? 2 
PDB_EXTRACT 3.006    'June 11, 2008' package PDB                  help@deposit.rcsb.org 'data extraction' 
http://sw-tools.pdb.org/apps/PDB_EXTRACT/    C++        ? 3 
# 
loop_
_pdbx_validate_rmsd_bond.id 
_pdbx_validate_rmsd_bond.PDB_model_num 
_pdbx_validate_rmsd_bond.auth_atom_id_1 
_pdbx_validate_rmsd_bond.auth_asym_id_1 
_pdbx_validate_rmsd_bond.auth_comp_id_1 
_pdbx_validate_rmsd_bond.auth_seq_id_1 
_pdbx_validate_rmsd_bond.PDB_ins_code_1 
_pdbx_validate_rmsd_bond.label_alt_id_1 
_pdbx_validate_rmsd_bond.auth_atom_id_2 
_pdbx_validate_rmsd_bond.auth_asym_id_2 
_pdbx_validate_rmsd_bond.auth_comp_id_2 
_pdbx_validate_rmsd_bond.auth_seq_id_2 
_pdbx_validate_rmsd_bond.PDB_ins_code_2 
_pdbx_validate_rmsd_bond.label_alt_id_2 
_pdbx_validate_rmsd_bond.bond_value 
_pdbx_validate_rmsd_bond.bond_target_value 
_pdbx_validate_rmsd_bond.bond_deviation 
_pdbx_validate_rmsd_bond.bond_standard_deviation 
_pdbx_validate_rmsd_bond.linker_flag 
1 1 "O3'" A DG 10 ? ? "C3'" A DG 10 ? ? 1.347 1.419 -0.072 0.006 N 
2 1 "O3'" A DC 12 ? ? "C3'" A DC 12 ? ? 1.379 1.419 -0.040 0.006 N 
3 1 "O3'" B DT 10 ? ? "C3'" B DT 10 ? ? 1.381 1.419 -0.038 0.006 N 
# 
loop_
_pdbx_validate_rmsd_angle.id 
_pdbx_validate_rmsd_angle.PDB_model_num 
_pdbx_validate_rmsd_angle.auth_atom_id_1 
_pdbx_validate_rmsd_angle.auth_asym_id_1 
_pdbx_validate_rmsd_angle.auth_comp_id_1 
_pdbx_validate_rmsd_angle.auth_seq_id_1 
_pdbx_validate_rmsd_angle.PDB_ins_code_1 
_pdbx_validate_rmsd_angle.label_alt_id_1 
_pdbx_validate_rmsd_angle.auth_atom_id_2 
_pdbx_validate_rmsd_angle.auth_asym_id_2 
_pdbx_validate_rmsd_angle.auth_comp_id_2 
_pdbx_validate_rmsd_angle.auth_seq_id_2 
_pdbx_validate_rmsd_angle.PDB_ins_code_2 
_pdbx_validate_rmsd_angle.label_alt_id_2 
_pdbx_validate_rmsd_angle.auth_atom_id_3 
_pdbx_validate_rmsd_angle.auth_asym_id_3 
_pdbx_validate_rmsd_angle.auth_comp_id_3 
_pdbx_validate_rmsd_angle.auth_seq_id_3 
_pdbx_validate_rmsd_angle.PDB_ins_code_3 
_pdbx_validate_rmsd_angle.label_alt_id_3 
_pdbx_validate_rmsd_angle.angle_value 
_pdbx_validate_rmsd_angle.angle_target_value 
_pdbx_validate_rmsd_angle.angle_deviation 
_pdbx_validate_rmsd_angle.angle_standard_deviation 
_pdbx_validate_rmsd_angle.linker_flag 
1  1 "C1'" A DT 2  ? ? "O4'" A DT 2  ? ? "C4'" A DT 2  ? ? 102.66 110.10 -7.44 1.00 N 
2  1 "O4'" A DT 2  ? ? "C1'" A DT 2  ? ? N1    A DT 2  ? ? 115.23 108.30 6.93  0.30 N 
3  1 "O4'" A DC 3  ? ? "C1'" A DC 3  ? ? N1    A DC 3  ? ? 115.67 108.30 7.37  0.30 N 
4  1 "O4'" A DT 4  ? ? "C1'" A DT 4  ? ? N1    A DT 4  ? ? 110.74 108.30 2.44  0.30 N 
5  1 "O4'" A DC 5  ? ? "C1'" A DC 5  ? ? N1    A DC 5  ? ? 110.12 108.30 1.82  0.30 N 
6  1 "O4'" A DT 6  ? ? "C1'" A DT 6  ? ? N1    A DT 6  ? ? 112.66 108.30 4.36  0.30 N 
7  1 "O4'" A DA 7  ? ? "C4'" A DA 7  ? ? "C3'" A DA 7  ? ? 100.94 104.50 -3.56 0.40 N 
8  1 "C1'" A DA 7  ? ? "O4'" A DA 7  ? ? "C4'" A DA 7  ? ? 102.31 110.10 -7.79 1.00 N 
9  1 "O4'" A DA 7  ? ? "C1'" A DA 7  ? ? N9    A DA 7  ? ? 113.07 108.30 4.77  0.30 N 
10 1 "O5'" A DT 9  ? ? "C5'" A DT 9  ? ? "C4'" A DT 9  ? ? 103.91 109.40 -5.49 0.80 N 
11 1 C4    A DT 11 ? ? C5    A DT 11 ? ? C7    A DT 11 ? ? 124.45 119.00 5.45  0.60 N 
12 1 C6    A DT 11 ? ? C5    A DT 11 ? ? C7    A DT 11 ? ? 117.14 122.90 -5.76 0.60 N 
13 1 "C3'" B DC 1  ? ? "O3'" B DC 1  ? ? P     B DC 2  ? ? 127.69 119.70 7.99  1.20 Y 
14 1 "C3'" B DC 2  ? ? "C2'" B DC 2  ? ? "C1'" B DC 2  ? ? 96.03  102.40 -6.37 0.80 N 
15 1 "O4'" B DC 2  ? ? "C1'" B DC 2  ? ? N1    B DC 2  ? ? 110.23 108.30 1.93  0.30 N 
16 1 "O4'" B DG 5  ? ? "C1'" B DG 5  ? ? N9    B DG 5  ? ? 114.60 108.30 6.30  0.30 N 
17 1 "O4'" B DT 10 ? ? "C4'" B DT 10 ? ? "C3'" B DT 10 ? ? 101.30 104.50 -3.20 0.40 N 
18 1 "O4'" B DT 10 ? ? "C1'" B DT 10 ? ? N1    B DT 10 ? ? 110.71 108.30 2.41  0.30 N 
19 1 "O4'" B DG 14 ? ? "C1'" B DG 14 ? ? N9    B DG 14 ? ? 110.12 108.30 1.82  0.30 N 
20 1 "O4'" B DC 16 ? ? "C4'" B DC 16 ? ? "C3'" B DC 16 ? ? 102.03 104.50 -2.47 0.40 N 
# 
loop_
_pdbx_validate_torsion.id 
_pdbx_validate_torsion.PDB_model_num 
_pdbx_validate_torsion.auth_comp_id 
_pdbx_validate_torsion.auth_asym_id 
_pdbx_validate_torsion.auth_seq_id 
_pdbx_validate_torsion.PDB_ins_code 
_pdbx_validate_torsion.label_alt_id 
_pdbx_validate_torsion.phi 
_pdbx_validate_torsion.psi 
1 1 ARG D 70 ? ? -41.13 152.43 
2 1 GLU D 82 ? ? -35.73 -38.55 
# 
loop_
_pdbx_unobs_or_zero_occ_residues.id 
_pdbx_unobs_or_zero_occ_residues.PDB_model_num 
_pdbx_unobs_or_zero_occ_residues.polymer_flag 
_pdbx_unobs_or_zero_occ_residues.occupancy_flag 
_pdbx_unobs_or_zero_occ_residues.auth_asym_id 
_pdbx_unobs_or_zero_occ_residues.auth_comp_id 
_pdbx_unobs_or_zero_occ_residues.auth_seq_id 
_pdbx_unobs_or_zero_occ_residues.PDB_ins_code 
_pdbx_unobs_or_zero_occ_residues.label_asym_id 
_pdbx_unobs_or_zero_occ_residues.label_comp_id 
_pdbx_unobs_or_zero_occ_residues.label_seq_id 
1 1 Y 1 D GLY 62  ? C GLY 1  
2 1 Y 1 D SER 63  ? C SER 2  
3 1 Y 1 D PHE 64  ? C PHE 3  
4 1 Y 1 D THR 65  ? C THR 4  
5 1 Y 1 D SER 66  ? C SER 5  
6 1 Y 1 D ARG 67  ? C ARG 6  
7 1 Y 1 D ARG 142 ? C ARG 81 
8 1 Y 1 D LYS 143 ? C LYS 82 
9 1 Y 1 D GLN 144 ? C GLN 83 
# 
loop_
_chem_comp_atom.comp_id 
_chem_comp_atom.atom_id 
_chem_comp_atom.type_symbol 
_chem_comp_atom.pdbx_aromatic_flag 
_chem_comp_atom.pdbx_stereo_config 
_chem_comp_atom.pdbx_ordinal 
ALA N      N N N 1   
ALA CA     C N S 2   
ALA C      C N N 3   
ALA O      O N N 4   
ALA CB     C N N 5   
ALA OXT    O N N 6   
ALA H      H N N 7   
ALA H2     H N N 8   
ALA HA     H N N 9   
ALA HB1    H N N 10  
ALA HB2    H N N 11  
ALA HB3    H N N 12  
ALA HXT    H N N 13  
ARG N      N N N 14  
ARG CA     C N S 15  
ARG C      C N N 16  
ARG O      O N N 17  
ARG CB     C N N 18  
ARG CG     C N N 19  
ARG CD     C N N 20  
ARG NE     N N N 21  
ARG CZ     C N N 22  
ARG NH1    N N N 23  
ARG NH2    N N N 24  
ARG OXT    O N N 25  
ARG H      H N N 26  
ARG H2     H N N 27  
ARG HA     H N N 28  
ARG HB2    H N N 29  
ARG HB3    H N N 30  
ARG HG2    H N N 31  
ARG HG3    H N N 32  
ARG HD2    H N N 33  
ARG HD3    H N N 34  
ARG HE     H N N 35  
ARG HH11   H N N 36  
ARG HH12   H N N 37  
ARG HH21   H N N 38  
ARG HH22   H N N 39  
ARG HXT    H N N 40  
ASN N      N N N 41  
ASN CA     C N S 42  
ASN C      C N N 43  
ASN O      O N N 44  
ASN CB     C N N 45  
ASN CG     C N N 46  
ASN OD1    O N N 47  
ASN ND2    N N N 48  
ASN OXT    O N N 49  
ASN H      H N N 50  
ASN H2     H N N 51  
ASN HA     H N N 52  
ASN HB2    H N N 53  
ASN HB3    H N N 54  
ASN HD21   H N N 55  
ASN HD22   H N N 56  
ASN HXT    H N N 57  
ASP N      N N N 58  
ASP CA     C N S 59  
ASP C      C N N 60  
ASP O      O N N 61  
ASP CB     C N N 62  
ASP CG     C N N 63  
ASP OD1    O N N 64  
ASP OD2    O N N 65  
ASP OXT    O N N 66  
ASP H      H N N 67  
ASP H2     H N N 68  
ASP HA     H N N 69  
ASP HB2    H N N 70  
ASP HB3    H N N 71  
ASP HD2    H N N 72  
ASP HXT    H N N 73  
DA  OP3    O N N 74  
DA  P      P N N 75  
DA  OP1    O N N 76  
DA  OP2    O N N 77  
DA  "O5'"  O N N 78  
DA  "C5'"  C N N 79  
DA  "C4'"  C N R 80  
DA  "O4'"  O N N 81  
DA  "C3'"  C N S 82  
DA  "O3'"  O N N 83  
DA  "C2'"  C N N 84  
DA  "C1'"  C N R 85  
DA  N9     N Y N 86  
DA  C8     C Y N 87  
DA  N7     N Y N 88  
DA  C5     C Y N 89  
DA  C6     C Y N 90  
DA  N6     N N N 91  
DA  N1     N Y N 92  
DA  C2     C Y N 93  
DA  N3     N Y N 94  
DA  C4     C Y N 95  
DA  HOP3   H N N 96  
DA  HOP2   H N N 97  
DA  "H5'"  H N N 98  
DA  "H5''" H N N 99  
DA  "H4'"  H N N 100 
DA  "H3'"  H N N 101 
DA  "HO3'" H N N 102 
DA  "H2'"  H N N 103 
DA  "H2''" H N N 104 
DA  "H1'"  H N N 105 
DA  H8     H N N 106 
DA  H61    H N N 107 
DA  H62    H N N 108 
DA  H2     H N N 109 
DC  OP3    O N N 110 
DC  P      P N N 111 
DC  OP1    O N N 112 
DC  OP2    O N N 113 
DC  "O5'"  O N N 114 
DC  "C5'"  C N N 115 
DC  "C4'"  C N R 116 
DC  "O4'"  O N N 117 
DC  "C3'"  C N S 118 
DC  "O3'"  O N N 119 
DC  "C2'"  C N N 120 
DC  "C1'"  C N R 121 
DC  N1     N N N 122 
DC  C2     C N N 123 
DC  O2     O N N 124 
DC  N3     N N N 125 
DC  C4     C N N 126 
DC  N4     N N N 127 
DC  C5     C N N 128 
DC  C6     C N N 129 
DC  HOP3   H N N 130 
DC  HOP2   H N N 131 
DC  "H5'"  H N N 132 
DC  "H5''" H N N 133 
DC  "H4'"  H N N 134 
DC  "H3'"  H N N 135 
DC  "HO3'" H N N 136 
DC  "H2'"  H N N 137 
DC  "H2''" H N N 138 
DC  "H1'"  H N N 139 
DC  H41    H N N 140 
DC  H42    H N N 141 
DC  H5     H N N 142 
DC  H6     H N N 143 
DG  OP3    O N N 144 
DG  P      P N N 145 
DG  OP1    O N N 146 
DG  OP2    O N N 147 
DG  "O5'"  O N N 148 
DG  "C5'"  C N N 149 
DG  "C4'"  C N R 150 
DG  "O4'"  O N N 151 
DG  "C3'"  C N S 152 
DG  "O3'"  O N N 153 
DG  "C2'"  C N N 154 
DG  "C1'"  C N R 155 
DG  N9     N Y N 156 
DG  C8     C Y N 157 
DG  N7     N Y N 158 
DG  C5     C Y N 159 
DG  C6     C N N 160 
DG  O6     O N N 161 
DG  N1     N N N 162 
DG  C2     C N N 163 
DG  N2     N N N 164 
DG  N3     N N N 165 
DG  C4     C Y N 166 
DG  HOP3   H N N 167 
DG  HOP2   H N N 168 
DG  "H5'"  H N N 169 
DG  "H5''" H N N 170 
DG  "H4'"  H N N 171 
DG  "H3'"  H N N 172 
DG  "HO3'" H N N 173 
DG  "H2'"  H N N 174 
DG  "H2''" H N N 175 
DG  "H1'"  H N N 176 
DG  H8     H N N 177 
DG  H1     H N N 178 
DG  H21    H N N 179 
DG  H22    H N N 180 
DT  OP3    O N N 181 
DT  P      P N N 182 
DT  OP1    O N N 183 
DT  OP2    O N N 184 
DT  "O5'"  O N N 185 
DT  "C5'"  C N N 186 
DT  "C4'"  C N R 187 
DT  "O4'"  O N N 188 
DT  "C3'"  C N S 189 
DT  "O3'"  O N N 190 
DT  "C2'"  C N N 191 
DT  "C1'"  C N R 192 
DT  N1     N N N 193 
DT  C2     C N N 194 
DT  O2     O N N 195 
DT  N3     N N N 196 
DT  C4     C N N 197 
DT  O4     O N N 198 
DT  C5     C N N 199 
DT  C7     C N N 200 
DT  C6     C N N 201 
DT  HOP3   H N N 202 
DT  HOP2   H N N 203 
DT  "H5'"  H N N 204 
DT  "H5''" H N N 205 
DT  "H4'"  H N N 206 
DT  "H3'"  H N N 207 
DT  "HO3'" H N N 208 
DT  "H2'"  H N N 209 
DT  "H2''" H N N 210 
DT  "H1'"  H N N 211 
DT  H3     H N N 212 
DT  H71    H N N 213 
DT  H72    H N N 214 
DT  H73    H N N 215 
DT  H6     H N N 216 
GLN N      N N N 217 
GLN CA     C N S 218 
GLN C      C N N 219 
GLN O      O N N 220 
GLN CB     C N N 221 
GLN CG     C N N 222 
GLN CD     C N N 223 
GLN OE1    O N N 224 
GLN NE2    N N N 225 
GLN OXT    O N N 226 
GLN H      H N N 227 
GLN H2     H N N 228 
GLN HA     H N N 229 
GLN HB2    H N N 230 
GLN HB3    H N N 231 
GLN HG2    H N N 232 
GLN HG3    H N N 233 
GLN HE21   H N N 234 
GLN HE22   H N N 235 
GLN HXT    H N N 236 
GLU N      N N N 237 
GLU CA     C N S 238 
GLU C      C N N 239 
GLU O      O N N 240 
GLU CB     C N N 241 
GLU CG     C N N 242 
GLU CD     C N N 243 
GLU OE1    O N N 244 
GLU OE2    O N N 245 
GLU OXT    O N N 246 
GLU H      H N N 247 
GLU H2     H N N 248 
GLU HA     H N N 249 
GLU HB2    H N N 250 
GLU HB3    H N N 251 
GLU HG2    H N N 252 
GLU HG3    H N N 253 
GLU HE2    H N N 254 
GLU HXT    H N N 255 
GLY N      N N N 256 
GLY CA     C N N 257 
GLY C      C N N 258 
GLY O      O N N 259 
GLY OXT    O N N 260 
GLY H      H N N 261 
GLY H2     H N N 262 
GLY HA2    H N N 263 
GLY HA3    H N N 264 
GLY HXT    H N N 265 
HIS N      N N N 266 
HIS CA     C N S 267 
HIS C      C N N 268 
HIS O      O N N 269 
HIS CB     C N N 270 
HIS CG     C Y N 271 
HIS ND1    N Y N 272 
HIS CD2    C Y N 273 
HIS CE1    C Y N 274 
HIS NE2    N Y N 275 
HIS OXT    O N N 276 
HIS H      H N N 277 
HIS H2     H N N 278 
HIS HA     H N N 279 
HIS HB2    H N N 280 
HIS HB3    H N N 281 
HIS HD1    H N N 282 
HIS HD2    H N N 283 
HIS HE1    H N N 284 
HIS HE2    H N N 285 
HIS HXT    H N N 286 
ILE N      N N N 287 
ILE CA     C N S 288 
ILE C      C N N 289 
ILE O      O N N 290 
ILE CB     C N S 291 
ILE CG1    C N N 292 
ILE CG2    C N N 293 
ILE CD1    C N N 294 
ILE OXT    O N N 295 
ILE H      H N N 296 
ILE H2     H N N 297 
ILE HA     H N N 298 
ILE HB     H N N 299 
ILE HG12   H N N 300 
ILE HG13   H N N 301 
ILE HG21   H N N 302 
ILE HG22   H N N 303 
ILE HG23   H N N 304 
ILE HD11   H N N 305 
ILE HD12   H N N 306 
ILE HD13   H N N 307 
ILE HXT    H N N 308 
LEU N      N N N 309 
LEU CA     C N S 310 
LEU C      C N N 311 
LEU O      O N N 312 
LEU CB     C N N 313 
LEU CG     C N N 314 
LEU CD1    C N N 315 
LEU CD2    C N N 316 
LEU OXT    O N N 317 
LEU H      H N N 318 
LEU H2     H N N 319 
LEU HA     H N N 320 
LEU HB2    H N N 321 
LEU HB3    H N N 322 
LEU HG     H N N 323 
LEU HD11   H N N 324 
LEU HD12   H N N 325 
LEU HD13   H N N 326 
LEU HD21   H N N 327 
LEU HD22   H N N 328 
LEU HD23   H N N 329 
LEU HXT    H N N 330 
LYS N      N N N 331 
LYS CA     C N S 332 
LYS C      C N N 333 
LYS O      O N N 334 
LYS CB     C N N 335 
LYS CG     C N N 336 
LYS CD     C N N 337 
LYS CE     C N N 338 
LYS NZ     N N N 339 
LYS OXT    O N N 340 
LYS H      H N N 341 
LYS H2     H N N 342 
LYS HA     H N N 343 
LYS HB2    H N N 344 
LYS HB3    H N N 345 
LYS HG2    H N N 346 
LYS HG3    H N N 347 
LYS HD2    H N N 348 
LYS HD3    H N N 349 
LYS HE2    H N N 350 
LYS HE3    H N N 351 
LYS HZ1    H N N 352 
LYS HZ2    H N N 353 
LYS HZ3    H N N 354 
LYS HXT    H N N 355 
MET N      N N N 356 
MET CA     C N S 357 
MET C      C N N 358 
MET O      O N N 359 
MET CB     C N N 360 
MET CG     C N N 361 
MET SD     S N N 362 
MET CE     C N N 363 
MET OXT    O N N 364 
MET H      H N N 365 
MET H2     H N N 366 
MET HA     H N N 367 
MET HB2    H N N 368 
MET HB3    H N N 369 
MET HG2    H N N 370 
MET HG3    H N N 371 
MET HE1    H N N 372 
MET HE2    H N N 373 
MET HE3    H N N 374 
MET HXT    H N N 375 
PHE N      N N N 376 
PHE CA     C N S 377 
PHE C      C N N 378 
PHE O      O N N 379 
PHE CB     C N N 380 
PHE CG     C Y N 381 
PHE CD1    C Y N 382 
PHE CD2    C Y N 383 
PHE CE1    C Y N 384 
PHE CE2    C Y N 385 
PHE CZ     C Y N 386 
PHE OXT    O N N 387 
PHE H      H N N 388 
PHE H2     H N N 389 
PHE HA     H N N 390 
PHE HB2    H N N 391 
PHE HB3    H N N 392 
PHE HD1    H N N 393 
PHE HD2    H N N 394 
PHE HE1    H N N 395 
PHE HE2    H N N 396 
PHE HZ     H N N 397 
PHE HXT    H N N 398 
PRO N      N N N 399 
PRO CA     C N S 400 
PRO C      C N N 401 
PRO O      O N N 402 
PRO CB     C N N 403 
PRO CG     C N N 404 
PRO CD     C N N 405 
PRO OXT    O N N 406 
PRO H      H N N 407 
PRO HA     H N N 408 
PRO HB2    H N N 409 
PRO HB3    H N N 410 
PRO HG2    H N N 411 
PRO HG3    H N N 412 
PRO HD2    H N N 413 
PRO HD3    H N N 414 
PRO HXT    H N N 415 
SER N      N N N 416 
SER CA     C N S 417 
SER C      C N N 418 
SER O      O N N 419 
SER CB     C N N 420 
SER OG     O N N 421 
SER OXT    O N N 422 
SER H      H N N 423 
SER H2     H N N 424 
SER HA     H N N 425 
SER HB2    H N N 426 
SER HB3    H N N 427 
SER HG     H N N 428 
SER HXT    H N N 429 
THR N      N N N 430 
THR CA     C N S 431 
THR C      C N N 432 
THR O      O N N 433 
THR CB     C N R 434 
THR OG1    O N N 435 
THR CG2    C N N 436 
THR OXT    O N N 437 
THR H      H N N 438 
THR H2     H N N 439 
THR HA     H N N 440 
THR HB     H N N 441 
THR HG1    H N N 442 
THR HG21   H N N 443 
THR HG22   H N N 444 
THR HG23   H N N 445 
THR HXT    H N N 446 
TRP N      N N N 447 
TRP CA     C N S 448 
TRP C      C N N 449 
TRP O      O N N 450 
TRP CB     C N N 451 
TRP CG     C Y N 452 
TRP CD1    C Y N 453 
TRP CD2    C Y N 454 
TRP NE1    N Y N 455 
TRP CE2    C Y N 456 
TRP CE3    C Y N 457 
TRP CZ2    C Y N 458 
TRP CZ3    C Y N 459 
TRP CH2    C Y N 460 
TRP OXT    O N N 461 
TRP H      H N N 462 
TRP H2     H N N 463 
TRP HA     H N N 464 
TRP HB2    H N N 465 
TRP HB3    H N N 466 
TRP HD1    H N N 467 
TRP HE1    H N N 468 
TRP HE3    H N N 469 
TRP HZ2    H N N 470 
TRP HZ3    H N N 471 
TRP HH2    H N N 472 
TRP HXT    H N N 473 
TYR N      N N N 474 
TYR CA     C N S 475 
TYR C      C N N 476 
TYR O      O N N 477 
TYR CB     C N N 478 
TYR CG     C Y N 479 
TYR CD1    C Y N 480 
TYR CD2    C Y N 481 
TYR CE1    C Y N 482 
TYR CE2    C Y N 483 
TYR CZ     C Y N 484 
TYR OH     O N N 485 
TYR OXT    O N N 486 
TYR H      H N N 487 
TYR H2     H N N 488 
TYR HA     H N N 489 
TYR HB2    H N N 490 
TYR HB3    H N N 491 
TYR HD1    H N N 492 
TYR HD2    H N N 493 
TYR HE1    H N N 494 
TYR HE2    H N N 495 
TYR HH     H N N 496 
TYR HXT    H N N 497 
VAL N      N N N 498 
VAL CA     C N S 499 
VAL C      C N N 500 
VAL O      O N N 501 
VAL CB     C N N 502 
VAL CG1    C N N 503 
VAL CG2    C N N 504 
VAL OXT    O N N 505 
VAL H      H N N 506 
VAL H2     H N N 507 
VAL HA     H N N 508 
VAL HB     H N N 509 
VAL HG11   H N N 510 
VAL HG12   H N N 511 
VAL HG13   H N N 512 
VAL HG21   H N N 513 
VAL HG22   H N N 514 
VAL HG23   H N N 515 
VAL HXT    H N N 516 
# 
loop_
_chem_comp_bond.comp_id 
_chem_comp_bond.atom_id_1 
_chem_comp_bond.atom_id_2 
_chem_comp_bond.value_order 
_chem_comp_bond.pdbx_aromatic_flag 
_chem_comp_bond.pdbx_stereo_config 
_chem_comp_bond.pdbx_ordinal 
ALA N     CA     sing N N 1   
ALA N     H      sing N N 2   
ALA N     H2     sing N N 3   
ALA CA    C      sing N N 4   
ALA CA    CB     sing N N 5   
ALA CA    HA     sing N N 6   
ALA C     O      doub N N 7   
ALA C     OXT    sing N N 8   
ALA CB    HB1    sing N N 9   
ALA CB    HB2    sing N N 10  
ALA CB    HB3    sing N N 11  
ALA OXT   HXT    sing N N 12  
ARG N     CA     sing N N 13  
ARG N     H      sing N N 14  
ARG N     H2     sing N N 15  
ARG CA    C      sing N N 16  
ARG CA    CB     sing N N 17  
ARG CA    HA     sing N N 18  
ARG C     O      doub N N 19  
ARG C     OXT    sing N N 20  
ARG CB    CG     sing N N 21  
ARG CB    HB2    sing N N 22  
ARG CB    HB3    sing N N 23  
ARG CG    CD     sing N N 24  
ARG CG    HG2    sing N N 25  
ARG CG    HG3    sing N N 26  
ARG CD    NE     sing N N 27  
ARG CD    HD2    sing N N 28  
ARG CD    HD3    sing N N 29  
ARG NE    CZ     sing N N 30  
ARG NE    HE     sing N N 31  
ARG CZ    NH1    sing N N 32  
ARG CZ    NH2    doub N N 33  
ARG NH1   HH11   sing N N 34  
ARG NH1   HH12   sing N N 35  
ARG NH2   HH21   sing N N 36  
ARG NH2   HH22   sing N N 37  
ARG OXT   HXT    sing N N 38  
ASN N     CA     sing N N 39  
ASN N     H      sing N N 40  
ASN N     H2     sing N N 41  
ASN CA    C      sing N N 42  
ASN CA    CB     sing N N 43  
ASN CA    HA     sing N N 44  
ASN C     O      doub N N 45  
ASN C     OXT    sing N N 46  
ASN CB    CG     sing N N 47  
ASN CB    HB2    sing N N 48  
ASN CB    HB3    sing N N 49  
ASN CG    OD1    doub N N 50  
ASN CG    ND2    sing N N 51  
ASN ND2   HD21   sing N N 52  
ASN ND2   HD22   sing N N 53  
ASN OXT   HXT    sing N N 54  
ASP N     CA     sing N N 55  
ASP N     H      sing N N 56  
ASP N     H2     sing N N 57  
ASP CA    C      sing N N 58  
ASP CA    CB     sing N N 59  
ASP CA    HA     sing N N 60  
ASP C     O      doub N N 61  
ASP C     OXT    sing N N 62  
ASP CB    CG     sing N N 63  
ASP CB    HB2    sing N N 64  
ASP CB    HB3    sing N N 65  
ASP CG    OD1    doub N N 66  
ASP CG    OD2    sing N N 67  
ASP OD2   HD2    sing N N 68  
ASP OXT   HXT    sing N N 69  
DA  OP3   P      sing N N 70  
DA  OP3   HOP3   sing N N 71  
DA  P     OP1    doub N N 72  
DA  P     OP2    sing N N 73  
DA  P     "O5'"  sing N N 74  
DA  OP2   HOP2   sing N N 75  
DA  "O5'" "C5'"  sing N N 76  
DA  "C5'" "C4'"  sing N N 77  
DA  "C5'" "H5'"  sing N N 78  
DA  "C5'" "H5''" sing N N 79  
DA  "C4'" "O4'"  sing N N 80  
DA  "C4'" "C3'"  sing N N 81  
DA  "C4'" "H4'"  sing N N 82  
DA  "O4'" "C1'"  sing N N 83  
DA  "C3'" "O3'"  sing N N 84  
DA  "C3'" "C2'"  sing N N 85  
DA  "C3'" "H3'"  sing N N 86  
DA  "O3'" "HO3'" sing N N 87  
DA  "C2'" "C1'"  sing N N 88  
DA  "C2'" "H2'"  sing N N 89  
DA  "C2'" "H2''" sing N N 90  
DA  "C1'" N9     sing N N 91  
DA  "C1'" "H1'"  sing N N 92  
DA  N9    C8     sing Y N 93  
DA  N9    C4     sing Y N 94  
DA  C8    N7     doub Y N 95  
DA  C8    H8     sing N N 96  
DA  N7    C5     sing Y N 97  
DA  C5    C6     sing Y N 98  
DA  C5    C4     doub Y N 99  
DA  C6    N6     sing N N 100 
DA  C6    N1     doub Y N 101 
DA  N6    H61    sing N N 102 
DA  N6    H62    sing N N 103 
DA  N1    C2     sing Y N 104 
DA  C2    N3     doub Y N 105 
DA  C2    H2     sing N N 106 
DA  N3    C4     sing Y N 107 
DC  OP3   P      sing N N 108 
DC  OP3   HOP3   sing N N 109 
DC  P     OP1    doub N N 110 
DC  P     OP2    sing N N 111 
DC  P     "O5'"  sing N N 112 
DC  OP2   HOP2   sing N N 113 
DC  "O5'" "C5'"  sing N N 114 
DC  "C5'" "C4'"  sing N N 115 
DC  "C5'" "H5'"  sing N N 116 
DC  "C5'" "H5''" sing N N 117 
DC  "C4'" "O4'"  sing N N 118 
DC  "C4'" "C3'"  sing N N 119 
DC  "C4'" "H4'"  sing N N 120 
DC  "O4'" "C1'"  sing N N 121 
DC  "C3'" "O3'"  sing N N 122 
DC  "C3'" "C2'"  sing N N 123 
DC  "C3'" "H3'"  sing N N 124 
DC  "O3'" "HO3'" sing N N 125 
DC  "C2'" "C1'"  sing N N 126 
DC  "C2'" "H2'"  sing N N 127 
DC  "C2'" "H2''" sing N N 128 
DC  "C1'" N1     sing N N 129 
DC  "C1'" "H1'"  sing N N 130 
DC  N1    C2     sing N N 131 
DC  N1    C6     sing N N 132 
DC  C2    O2     doub N N 133 
DC  C2    N3     sing N N 134 
DC  N3    C4     doub N N 135 
DC  C4    N4     sing N N 136 
DC  C4    C5     sing N N 137 
DC  N4    H41    sing N N 138 
DC  N4    H42    sing N N 139 
DC  C5    C6     doub N N 140 
DC  C5    H5     sing N N 141 
DC  C6    H6     sing N N 142 
DG  OP3   P      sing N N 143 
DG  OP3   HOP3   sing N N 144 
DG  P     OP1    doub N N 145 
DG  P     OP2    sing N N 146 
DG  P     "O5'"  sing N N 147 
DG  OP2   HOP2   sing N N 148 
DG  "O5'" "C5'"  sing N N 149 
DG  "C5'" "C4'"  sing N N 150 
DG  "C5'" "H5'"  sing N N 151 
DG  "C5'" "H5''" sing N N 152 
DG  "C4'" "O4'"  sing N N 153 
DG  "C4'" "C3'"  sing N N 154 
DG  "C4'" "H4'"  sing N N 155 
DG  "O4'" "C1'"  sing N N 156 
DG  "C3'" "O3'"  sing N N 157 
DG  "C3'" "C2'"  sing N N 158 
DG  "C3'" "H3'"  sing N N 159 
DG  "O3'" "HO3'" sing N N 160 
DG  "C2'" "C1'"  sing N N 161 
DG  "C2'" "H2'"  sing N N 162 
DG  "C2'" "H2''" sing N N 163 
DG  "C1'" N9     sing N N 164 
DG  "C1'" "H1'"  sing N N 165 
DG  N9    C8     sing Y N 166 
DG  N9    C4     sing Y N 167 
DG  C8    N7     doub Y N 168 
DG  C8    H8     sing N N 169 
DG  N7    C5     sing Y N 170 
DG  C5    C6     sing N N 171 
DG  C5    C4     doub Y N 172 
DG  C6    O6     doub N N 173 
DG  C6    N1     sing N N 174 
DG  N1    C2     sing N N 175 
DG  N1    H1     sing N N 176 
DG  C2    N2     sing N N 177 
DG  C2    N3     doub N N 178 
DG  N2    H21    sing N N 179 
DG  N2    H22    sing N N 180 
DG  N3    C4     sing N N 181 
DT  OP3   P      sing N N 182 
DT  OP3   HOP3   sing N N 183 
DT  P     OP1    doub N N 184 
DT  P     OP2    sing N N 185 
DT  P     "O5'"  sing N N 186 
DT  OP2   HOP2   sing N N 187 
DT  "O5'" "C5'"  sing N N 188 
DT  "C5'" "C4'"  sing N N 189 
DT  "C5'" "H5'"  sing N N 190 
DT  "C5'" "H5''" sing N N 191 
DT  "C4'" "O4'"  sing N N 192 
DT  "C4'" "C3'"  sing N N 193 
DT  "C4'" "H4'"  sing N N 194 
DT  "O4'" "C1'"  sing N N 195 
DT  "C3'" "O3'"  sing N N 196 
DT  "C3'" "C2'"  sing N N 197 
DT  "C3'" "H3'"  sing N N 198 
DT  "O3'" "HO3'" sing N N 199 
DT  "C2'" "C1'"  sing N N 200 
DT  "C2'" "H2'"  sing N N 201 
DT  "C2'" "H2''" sing N N 202 
DT  "C1'" N1     sing N N 203 
DT  "C1'" "H1'"  sing N N 204 
DT  N1    C2     sing N N 205 
DT  N1    C6     sing N N 206 
DT  C2    O2     doub N N 207 
DT  C2    N3     sing N N 208 
DT  N3    C4     sing N N 209 
DT  N3    H3     sing N N 210 
DT  C4    O4     doub N N 211 
DT  C4    C5     sing N N 212 
DT  C5    C7     sing N N 213 
DT  C5    C6     doub N N 214 
DT  C7    H71    sing N N 215 
DT  C7    H72    sing N N 216 
DT  C7    H73    sing N N 217 
DT  C6    H6     sing N N 218 
GLN N     CA     sing N N 219 
GLN N     H      sing N N 220 
GLN N     H2     sing N N 221 
GLN CA    C      sing N N 222 
GLN CA    CB     sing N N 223 
GLN CA    HA     sing N N 224 
GLN C     O      doub N N 225 
GLN C     OXT    sing N N 226 
GLN CB    CG     sing N N 227 
GLN CB    HB2    sing N N 228 
GLN CB    HB3    sing N N 229 
GLN CG    CD     sing N N 230 
GLN CG    HG2    sing N N 231 
GLN CG    HG3    sing N N 232 
GLN CD    OE1    doub N N 233 
GLN CD    NE2    sing N N 234 
GLN NE2   HE21   sing N N 235 
GLN NE2   HE22   sing N N 236 
GLN OXT   HXT    sing N N 237 
GLU N     CA     sing N N 238 
GLU N     H      sing N N 239 
GLU N     H2     sing N N 240 
GLU CA    C      sing N N 241 
GLU CA    CB     sing N N 242 
GLU CA    HA     sing N N 243 
GLU C     O      doub N N 244 
GLU C     OXT    sing N N 245 
GLU CB    CG     sing N N 246 
GLU CB    HB2    sing N N 247 
GLU CB    HB3    sing N N 248 
GLU CG    CD     sing N N 249 
GLU CG    HG2    sing N N 250 
GLU CG    HG3    sing N N 251 
GLU CD    OE1    doub N N 252 
GLU CD    OE2    sing N N 253 
GLU OE2   HE2    sing N N 254 
GLU OXT   HXT    sing N N 255 
GLY N     CA     sing N N 256 
GLY N     H      sing N N 257 
GLY N     H2     sing N N 258 
GLY CA    C      sing N N 259 
GLY CA    HA2    sing N N 260 
GLY CA    HA3    sing N N 261 
GLY C     O      doub N N 262 
GLY C     OXT    sing N N 263 
GLY OXT   HXT    sing N N 264 
HIS N     CA     sing N N 265 
HIS N     H      sing N N 266 
HIS N     H2     sing N N 267 
HIS CA    C      sing N N 268 
HIS CA    CB     sing N N 269 
HIS CA    HA     sing N N 270 
HIS C     O      doub N N 271 
HIS C     OXT    sing N N 272 
HIS CB    CG     sing N N 273 
HIS CB    HB2    sing N N 274 
HIS CB    HB3    sing N N 275 
HIS CG    ND1    sing Y N 276 
HIS CG    CD2    doub Y N 277 
HIS ND1   CE1    doub Y N 278 
HIS ND1   HD1    sing N N 279 
HIS CD2   NE2    sing Y N 280 
HIS CD2   HD2    sing N N 281 
HIS CE1   NE2    sing Y N 282 
HIS CE1   HE1    sing N N 283 
HIS NE2   HE2    sing N N 284 
HIS OXT   HXT    sing N N 285 
ILE N     CA     sing N N 286 
ILE N     H      sing N N 287 
ILE N     H2     sing N N 288 
ILE CA    C      sing N N 289 
ILE CA    CB     sing N N 290 
ILE CA    HA     sing N N 291 
ILE C     O      doub N N 292 
ILE C     OXT    sing N N 293 
ILE CB    CG1    sing N N 294 
ILE CB    CG2    sing N N 295 
ILE CB    HB     sing N N 296 
ILE CG1   CD1    sing N N 297 
ILE CG1   HG12   sing N N 298 
ILE CG1   HG13   sing N N 299 
ILE CG2   HG21   sing N N 300 
ILE CG2   HG22   sing N N 301 
ILE CG2   HG23   sing N N 302 
ILE CD1   HD11   sing N N 303 
ILE CD1   HD12   sing N N 304 
ILE CD1   HD13   sing N N 305 
ILE OXT   HXT    sing N N 306 
LEU N     CA     sing N N 307 
LEU N     H      sing N N 308 
LEU N     H2     sing N N 309 
LEU CA    C      sing N N 310 
LEU CA    CB     sing N N 311 
LEU CA    HA     sing N N 312 
LEU C     O      doub N N 313 
LEU C     OXT    sing N N 314 
LEU CB    CG     sing N N 315 
LEU CB    HB2    sing N N 316 
LEU CB    HB3    sing N N 317 
LEU CG    CD1    sing N N 318 
LEU CG    CD2    sing N N 319 
LEU CG    HG     sing N N 320 
LEU CD1   HD11   sing N N 321 
LEU CD1   HD12   sing N N 322 
LEU CD1   HD13   sing N N 323 
LEU CD2   HD21   sing N N 324 
LEU CD2   HD22   sing N N 325 
LEU CD2   HD23   sing N N 326 
LEU OXT   HXT    sing N N 327 
LYS N     CA     sing N N 328 
LYS N     H      sing N N 329 
LYS N     H2     sing N N 330 
LYS CA    C      sing N N 331 
LYS CA    CB     sing N N 332 
LYS CA    HA     sing N N 333 
LYS C     O      doub N N 334 
LYS C     OXT    sing N N 335 
LYS CB    CG     sing N N 336 
LYS CB    HB2    sing N N 337 
LYS CB    HB3    sing N N 338 
LYS CG    CD     sing N N 339 
LYS CG    HG2    sing N N 340 
LYS CG    HG3    sing N N 341 
LYS CD    CE     sing N N 342 
LYS CD    HD2    sing N N 343 
LYS CD    HD3    sing N N 344 
LYS CE    NZ     sing N N 345 
LYS CE    HE2    sing N N 346 
LYS CE    HE3    sing N N 347 
LYS NZ    HZ1    sing N N 348 
LYS NZ    HZ2    sing N N 349 
LYS NZ    HZ3    sing N N 350 
LYS OXT   HXT    sing N N 351 
MET N     CA     sing N N 352 
MET N     H      sing N N 353 
MET N     H2     sing N N 354 
MET CA    C      sing N N 355 
MET CA    CB     sing N N 356 
MET CA    HA     sing N N 357 
MET C     O      doub N N 358 
MET C     OXT    sing N N 359 
MET CB    CG     sing N N 360 
MET CB    HB2    sing N N 361 
MET CB    HB3    sing N N 362 
MET CG    SD     sing N N 363 
MET CG    HG2    sing N N 364 
MET CG    HG3    sing N N 365 
MET SD    CE     sing N N 366 
MET CE    HE1    sing N N 367 
MET CE    HE2    sing N N 368 
MET CE    HE3    sing N N 369 
MET OXT   HXT    sing N N 370 
PHE N     CA     sing N N 371 
PHE N     H      sing N N 372 
PHE N     H2     sing N N 373 
PHE CA    C      sing N N 374 
PHE CA    CB     sing N N 375 
PHE CA    HA     sing N N 376 
PHE C     O      doub N N 377 
PHE C     OXT    sing N N 378 
PHE CB    CG     sing N N 379 
PHE CB    HB2    sing N N 380 
PHE CB    HB3    sing N N 381 
PHE CG    CD1    doub Y N 382 
PHE CG    CD2    sing Y N 383 
PHE CD1   CE1    sing Y N 384 
PHE CD1   HD1    sing N N 385 
PHE CD2   CE2    doub Y N 386 
PHE CD2   HD2    sing N N 387 
PHE CE1   CZ     doub Y N 388 
PHE CE1   HE1    sing N N 389 
PHE CE2   CZ     sing Y N 390 
PHE CE2   HE2    sing N N 391 
PHE CZ    HZ     sing N N 392 
PHE OXT   HXT    sing N N 393 
PRO N     CA     sing N N 394 
PRO N     CD     sing N N 395 
PRO N     H      sing N N 396 
PRO CA    C      sing N N 397 
PRO CA    CB     sing N N 398 
PRO CA    HA     sing N N 399 
PRO C     O      doub N N 400 
PRO C     OXT    sing N N 401 
PRO CB    CG     sing N N 402 
PRO CB    HB2    sing N N 403 
PRO CB    HB3    sing N N 404 
PRO CG    CD     sing N N 405 
PRO CG    HG2    sing N N 406 
PRO CG    HG3    sing N N 407 
PRO CD    HD2    sing N N 408 
PRO CD    HD3    sing N N 409 
PRO OXT   HXT    sing N N 410 
SER N     CA     sing N N 411 
SER N     H      sing N N 412 
SER N     H2     sing N N 413 
SER CA    C      sing N N 414 
SER CA    CB     sing N N 415 
SER CA    HA     sing N N 416 
SER C     O      doub N N 417 
SER C     OXT    sing N N 418 
SER CB    OG     sing N N 419 
SER CB    HB2    sing N N 420 
SER CB    HB3    sing N N 421 
SER OG    HG     sing N N 422 
SER OXT   HXT    sing N N 423 
THR N     CA     sing N N 424 
THR N     H      sing N N 425 
THR N     H2     sing N N 426 
THR CA    C      sing N N 427 
THR CA    CB     sing N N 428 
THR CA    HA     sing N N 429 
THR C     O      doub N N 430 
THR C     OXT    sing N N 431 
THR CB    OG1    sing N N 432 
THR CB    CG2    sing N N 433 
THR CB    HB     sing N N 434 
THR OG1   HG1    sing N N 435 
THR CG2   HG21   sing N N 436 
THR CG2   HG22   sing N N 437 
THR CG2   HG23   sing N N 438 
THR OXT   HXT    sing N N 439 
TRP N     CA     sing N N 440 
TRP N     H      sing N N 441 
TRP N     H2     sing N N 442 
TRP CA    C      sing N N 443 
TRP CA    CB     sing N N 444 
TRP CA    HA     sing N N 445 
TRP C     O      doub N N 446 
TRP C     OXT    sing N N 447 
TRP CB    CG     sing N N 448 
TRP CB    HB2    sing N N 449 
TRP CB    HB3    sing N N 450 
TRP CG    CD1    doub Y N 451 
TRP CG    CD2    sing Y N 452 
TRP CD1   NE1    sing Y N 453 
TRP CD1   HD1    sing N N 454 
TRP CD2   CE2    doub Y N 455 
TRP CD2   CE3    sing Y N 456 
TRP NE1   CE2    sing Y N 457 
TRP NE1   HE1    sing N N 458 
TRP CE2   CZ2    sing Y N 459 
TRP CE3   CZ3    doub Y N 460 
TRP CE3   HE3    sing N N 461 
TRP CZ2   CH2    doub Y N 462 
TRP CZ2   HZ2    sing N N 463 
TRP CZ3   CH2    sing Y N 464 
TRP CZ3   HZ3    sing N N 465 
TRP CH2   HH2    sing N N 466 
TRP OXT   HXT    sing N N 467 
TYR N     CA     sing N N 468 
TYR N     H      sing N N 469 
TYR N     H2     sing N N 470 
TYR CA    C      sing N N 471 
TYR CA    CB     sing N N 472 
TYR CA    HA     sing N N 473 
TYR C     O      doub N N 474 
TYR C     OXT    sing N N 475 
TYR CB    CG     sing N N 476 
TYR CB    HB2    sing N N 477 
TYR CB    HB3    sing N N 478 
TYR CG    CD1    doub Y N 479 
TYR CG    CD2    sing Y N 480 
TYR CD1   CE1    sing Y N 481 
TYR CD1   HD1    sing N N 482 
TYR CD2   CE2    doub Y N 483 
TYR CD2   HD2    sing N N 484 
TYR CE1   CZ     doub Y N 485 
TYR CE1   HE1    sing N N 486 
TYR CE2   CZ     sing Y N 487 
TYR CE2   HE2    sing N N 488 
TYR CZ    OH     sing N N 489 
TYR OH    HH     sing N N 490 
TYR OXT   HXT    sing N N 491 
VAL N     CA     sing N N 492 
VAL N     H      sing N N 493 
VAL N     H2     sing N N 494 
VAL CA    C      sing N N 495 
VAL CA    CB     sing N N 496 
VAL CA    HA     sing N N 497 
VAL C     O      doub N N 498 
VAL C     OXT    sing N N 499 
VAL CB    CG1    sing N N 500 
VAL CB    CG2    sing N N 501 
VAL CB    HB     sing N N 502 
VAL CG1   HG11   sing N N 503 
VAL CG1   HG12   sing N N 504 
VAL CG1   HG13   sing N N 505 
VAL CG2   HG21   sing N N 506 
VAL CG2   HG22   sing N N 507 
VAL CG2   HG23   sing N N 508 
VAL OXT   HXT    sing N N 509 
# 
loop_
_ndb_struct_conf_na.entry_id 
_ndb_struct_conf_na.feature 
3F27 'double helix'        
3F27 'b-form double helix' 
# 
loop_
_ndb_struct_na_base_pair.model_number 
_ndb_struct_na_base_pair.i_label_asym_id 
_ndb_struct_na_base_pair.i_label_comp_id 
_ndb_struct_na_base_pair.i_label_seq_id 
_ndb_struct_na_base_pair.i_symmetry 
_ndb_struct_na_base_pair.j_label_asym_id 
_ndb_struct_na_base_pair.j_label_comp_id 
_ndb_struct_na_base_pair.j_label_seq_id 
_ndb_struct_na_base_pair.j_symmetry 
_ndb_struct_na_base_pair.shear 
_ndb_struct_na_base_pair.stretch 
_ndb_struct_na_base_pair.stagger 
_ndb_struct_na_base_pair.buckle 
_ndb_struct_na_base_pair.propeller 
_ndb_struct_na_base_pair.opening 
_ndb_struct_na_base_pair.pair_number 
_ndb_struct_na_base_pair.pair_name 
_ndb_struct_na_base_pair.i_auth_asym_id 
_ndb_struct_na_base_pair.i_auth_seq_id 
_ndb_struct_na_base_pair.i_PDB_ins_code 
_ndb_struct_na_base_pair.j_auth_asym_id 
_ndb_struct_na_base_pair.j_auth_seq_id 
_ndb_struct_na_base_pair.j_PDB_ins_code 
_ndb_struct_na_base_pair.hbond_type_28 
_ndb_struct_na_base_pair.hbond_type_12 
1 A DG 1  1_555 B DC 16 1_555 -0.240 0.140  -0.058 -15.435 -12.373 -14.710 1  A_DG1:DC16_B A 1  ? B 16 ? ?  ? 
1 A DT 2  1_555 B DA 15 1_555 -1.862 0.049  0.137  -15.642 -0.606  -14.791 2  A_DT2:DA15_B A 2  ? B 15 ? 20 1 
1 A DC 3  1_555 B DG 14 1_555 -1.211 0.195  -0.007 -5.702  -10.487 -16.569 3  A_DC3:DG14_B A 3  ? B 14 ? ?  ? 
1 A DT 4  1_555 B DA 13 1_555 -0.654 -0.115 0.189  -5.789  -12.262 -11.522 4  A_DT4:DA13_B A 4  ? B 13 ? 20 1 
1 A DC 5  1_555 B DG 12 1_555 -1.031 0.410  0.118  -13.860 -8.760  7.022   5  A_DC5:DG12_B A 5  ? B 12 ? ?  1 
1 A DT 6  1_555 B DA 11 1_555 0.393  -0.185 0.373  -15.252 8.157   -6.404  6  A_DT6:DA11_B A 6  ? B 11 ? 20 1 
1 A DA 7  1_555 B DT 10 1_555 -0.397 -0.071 0.080  4.960   0.387   2.431   7  A_DA7:DT10_B A 7  ? B 10 ? 20 1 
1 A DT 8  1_555 B DA 9  1_555 -0.097 -0.025 0.349  17.335  27.246  1.423   8  A_DT8:DA9_B  A 8  ? B 9  ? 20 1 
1 A DT 9  1_555 B DA 8  1_555 -0.341 -0.462 0.047  -9.985  -10.536 -3.208  9  A_DT9:DA8_B  A 9  ? B 8  ? 20 1 
1 A DG 10 1_555 B DC 7  1_555 0.003  -0.024 -0.547 -16.866 -10.698 -0.892  10 A_DG10:DC7_B A 10 ? B 7  ? 19 1 
1 A DT 11 1_555 B DA 6  1_555 0.020  -0.354 -0.109 -2.668  -8.114  3.682   11 A_DT11:DA6_B A 11 ? B 6  ? 20 1 
1 A DC 12 1_555 B DG 5  1_555 -0.340 0.055  0.319  -0.062  -13.814 5.153   12 A_DC12:DG5_B A 12 ? B 5  ? 19 1 
1 A DC 13 1_555 B DG 4  1_555 0.034  0.253  0.267  -3.179  -5.599  -0.403  13 A_DC13:DG4_B A 13 ? B 4  ? 19 1 
1 A DT 14 1_555 B DA 3  1_555 0.269  0.081  -0.038 -1.383  -9.204  -9.154  14 A_DT14:DA3_B A 14 ? B 3  ? 20 1 
1 A DG 15 1_555 B DC 2  1_555 -0.388 -0.219 0.007  -9.298  -10.224 -5.485  15 A_DG15:DC2_B A 15 ? B 2  ? 19 1 
1 A DG 16 1_555 B DC 1  1_555 0.194  0.195  -0.044 0.340   -0.919  -0.276  16 A_DG16:DC1_B A 16 ? B 1  ? 19 1 
# 
loop_
_ndb_struct_na_base_pair_step.model_number 
_ndb_struct_na_base_pair_step.i_label_asym_id_1 
_ndb_struct_na_base_pair_step.i_label_comp_id_1 
_ndb_struct_na_base_pair_step.i_label_seq_id_1 
_ndb_struct_na_base_pair_step.i_symmetry_1 
_ndb_struct_na_base_pair_step.j_label_asym_id_1 
_ndb_struct_na_base_pair_step.j_label_comp_id_1 
_ndb_struct_na_base_pair_step.j_label_seq_id_1 
_ndb_struct_na_base_pair_step.j_symmetry_1 
_ndb_struct_na_base_pair_step.i_label_asym_id_2 
_ndb_struct_na_base_pair_step.i_label_comp_id_2 
_ndb_struct_na_base_pair_step.i_label_seq_id_2 
_ndb_struct_na_base_pair_step.i_symmetry_2 
_ndb_struct_na_base_pair_step.j_label_asym_id_2 
_ndb_struct_na_base_pair_step.j_label_comp_id_2 
_ndb_struct_na_base_pair_step.j_label_seq_id_2 
_ndb_struct_na_base_pair_step.j_symmetry_2 
_ndb_struct_na_base_pair_step.shift 
_ndb_struct_na_base_pair_step.slide 
_ndb_struct_na_base_pair_step.rise 
_ndb_struct_na_base_pair_step.tilt 
_ndb_struct_na_base_pair_step.roll 
_ndb_struct_na_base_pair_step.twist 
_ndb_struct_na_base_pair_step.x_displacement 
_ndb_struct_na_base_pair_step.y_displacement 
_ndb_struct_na_base_pair_step.helical_rise 
_ndb_struct_na_base_pair_step.inclination 
_ndb_struct_na_base_pair_step.tip 
_ndb_struct_na_base_pair_step.helical_twist 
_ndb_struct_na_base_pair_step.step_number 
_ndb_struct_na_base_pair_step.step_name 
_ndb_struct_na_base_pair_step.i_auth_asym_id_1 
_ndb_struct_na_base_pair_step.i_auth_seq_id_1 
_ndb_struct_na_base_pair_step.i_PDB_ins_code_1 
_ndb_struct_na_base_pair_step.j_auth_asym_id_1 
_ndb_struct_na_base_pair_step.j_auth_seq_id_1 
_ndb_struct_na_base_pair_step.j_PDB_ins_code_1 
_ndb_struct_na_base_pair_step.i_auth_asym_id_2 
_ndb_struct_na_base_pair_step.i_auth_seq_id_2 
_ndb_struct_na_base_pair_step.i_PDB_ins_code_2 
_ndb_struct_na_base_pair_step.j_auth_asym_id_2 
_ndb_struct_na_base_pair_step.j_auth_seq_id_2 
_ndb_struct_na_base_pair_step.j_PDB_ins_code_2 
1 A DG 1  1_555 B DC 16 1_555 A DT 2  1_555 B DA 15 1_555 -0.581 -0.490 3.321 -3.392 8.323  24.536 -3.364 0.357  3.045 18.797 
7.660  26.107 1  AA_DG1DT2:DA15DC16_BB A 1  ? B 16 ? A 2  ? B 15 ? 
1 A DT 2  1_555 B DA 15 1_555 A DC 3  1_555 B DG 14 1_555 0.073  -0.597 2.999 -0.881 0.866  38.183 -1.011 -0.213 2.983 1.324  
1.346  38.202 2  AA_DT2DC3:DG14DA15_BB A 2  ? B 15 ? A 3  ? B 14 ? 
1 A DC 3  1_555 B DG 14 1_555 A DT 4  1_555 B DA 13 1_555 0.278  -0.429 3.445 -0.610 2.356  41.105 -0.877 -0.465 3.412 3.353  
0.868  41.174 3  AA_DC3DT4:DA13DG14_BB A 3  ? B 14 ? A 4  ? B 13 ? 
1 A DT 4  1_555 B DA 13 1_555 A DC 5  1_555 B DG 12 1_555 1.034  -0.188 3.419 4.739  -0.700 34.093 -0.200 -0.960 3.529 -1.187 
-8.033 34.418 4  AA_DT4DC5:DG12DA13_BB A 4  ? B 13 ? A 5  ? B 12 ? 
1 A DC 5  1_555 B DG 12 1_555 A DT 6  1_555 B DA 11 1_555 0.133  0.636  3.559 -3.102 1.025  41.507 0.777  -0.545 3.554 1.443  
4.369  41.630 5  AA_DC5DT6:DA11DG12_BB A 5  ? B 12 ? A 6  ? B 11 ? 
1 A DT 6  1_555 B DA 11 1_555 A DA 7  1_555 B DT 10 1_555 0.659  1.695  3.368 0.181  16.610 14.062 -3.880 -1.658 3.482 50.017 
-0.544 21.732 6  AA_DT6DA7:DT10DA11_BB A 6  ? B 11 ? A 7  ? B 10 ? 
1 A DA 7  1_555 B DT 10 1_555 A DT 8  1_555 B DA 9  1_555 -0.343 -0.126 3.322 -1.373 10.832 20.908 -3.985 0.375  2.915 27.556 
3.492  23.559 7  AA_DA7DT8:DA9DT10_BB  A 7  ? B 10 ? A 8  ? B 9  ? 
1 A DT 8  1_555 B DA 9  1_555 A DT 9  1_555 B DA 8  1_555 -0.351 0.760  5.365 3.140  47.584 26.948 -4.601 0.742  3.369 62.067 
-4.095 54.385 8  AA_DT8DT9:DA8DA9_BB   A 8  ? B 9  ? A 9  ? B 8  ? 
1 A DT 9  1_555 B DA 8  1_555 A DG 10 1_555 B DC 7  1_555 0.429  0.573  3.578 4.903  3.532  38.898 0.386  0.008  3.639 5.265  
-7.309 39.347 9  AA_DT9DG10:DC7DA8_BB  A 9  ? B 8  ? A 10 ? B 7  ? 
1 A DG 10 1_555 B DC 7  1_555 A DT 11 1_555 B DA 6  1_555 -0.085 0.244  2.910 -3.229 9.353  26.683 -1.448 -0.498 2.823 19.437 
6.709  28.427 10 AA_DG10DT11:DA6DC7_BB A 10 ? B 7  ? A 11 ? B 6  ? 
1 A DT 11 1_555 B DA 6  1_555 A DC 12 1_555 B DG 5  1_555 0.562  -0.076 3.139 -2.943 2.579  38.409 -0.419 -1.196 3.078 3.907  
4.460  38.600 11 AA_DT11DC12:DG5DA6_BB A 11 ? B 6  ? A 12 ? B 5  ? 
1 A DC 12 1_555 B DG 5  1_555 A DC 13 1_555 B DG 4  1_555 -0.297 -0.295 3.424 1.622  2.825  36.088 -0.887 0.714  3.376 4.549  
-2.611 36.230 12 AA_DC12DC13:DG4DG5_BB A 12 ? B 5  ? A 13 ? B 4  ? 
1 A DC 13 1_555 B DG 4  1_555 A DT 14 1_555 B DA 3  1_555 -0.571 -0.098 3.270 2.208  4.178  32.260 -0.897 1.399  3.187 7.469  
-3.947 32.595 13 AA_DC13DT14:DA3DG4_BB A 13 ? B 4  ? A 14 ? B 3  ? 
1 A DT 14 1_555 B DA 3  1_555 A DG 15 1_555 B DC 2  1_555 -0.346 1.474  3.418 -3.991 -1.471 42.785 2.163  0.060  3.385 -2.010 
5.455  42.986 14 AA_DT14DG15:DC2DA3_BB A 14 ? B 3  ? A 15 ? B 2  ? 
1 A DG 15 1_555 B DC 2  1_555 A DG 16 1_555 B DC 1  1_555 -0.175 0.119  3.075 0.325  4.522  35.795 -0.411 0.325  3.065 7.321  
-0.526 36.072 15 AA_DG15DG16:DC1DC2_BB A 15 ? B 2  ? A 16 ? B 1  ? 
# 
_pdbx_initial_refinement_model.id               1 
_pdbx_initial_refinement_model.entity_id_list   ? 
_pdbx_initial_refinement_model.type             'experimental model' 
_pdbx_initial_refinement_model.source_name      PDB 
_pdbx_initial_refinement_model.accession_code   1GT0 
_pdbx_initial_refinement_model.details          'PDB ENTRY 1GT0' 
# 
